data_3FLG
# 
_entry.id   3FLG 
# 
_audit_conform.dict_name       mmcif_pdbx.dic 
_audit_conform.dict_version    5.378 
_audit_conform.dict_location   http://mmcif.pdb.org/dictionaries/ascii/mmcif_pdbx.dic 
# 
loop_
_database_2.database_id 
_database_2.database_code 
_database_2.pdbx_database_accession 
_database_2.pdbx_DOI 
PDB   3FLG         pdb_00003flg 10.2210/pdb3flg/pdb 
RCSB  RCSB050735   ?            ?                   
WWPDB D_1000050735 ?            ?                   
# 
_pdbx_database_status.entry_id                        3FLG 
_pdbx_database_status.deposit_site                    RCSB 
_pdbx_database_status.process_site                    RCSB 
_pdbx_database_status.recvd_initial_deposition_date   2008-12-18 
_pdbx_database_status.status_code                     REL 
_pdbx_database_status.status_code_sf                  REL 
_pdbx_database_status.status_code_mr                  ? 
_pdbx_database_status.SG_entry                        Y 
_pdbx_database_status.pdb_format_compatible           Y 
_pdbx_database_status.status_code_cs                  ? 
_pdbx_database_status.methods_development_category    ? 
_pdbx_database_status.status_code_nmr_data            ? 
# 
loop_
_audit_author.name 
_audit_author.pdbx_ordinal 
'Amaya, M.F.'                          1  
'Zeng, H.'                             2  
'MacKenzie, F.'                        3  
'Weigelt, J.'                          4  
'Sundstrom, M.'                        5  
'Arrowsmith, C.H.'                     6  
'Edwards, A.M.'                        7  
'Botchkarev, A.'                       8  
'Min, J.'                              9  
'Wu, H.'                               10 
'Structural Genomics Consortium (SGC)' 11 
# 
_citation.id                        primary 
_citation.title                     'Crystal Structure of the PWWP domain of Human DNA (cytosine-5-)-methyltransferase 3 beta' 
_citation.journal_abbrev            'To be Published' 
_citation.journal_volume            ? 
_citation.page_first                ? 
_citation.page_last                 ? 
_citation.year                      ? 
_citation.journal_id_ASTM           ? 
_citation.country                   ? 
_citation.journal_id_ISSN           ? 
_citation.journal_id_CSD            0353 
_citation.book_publisher            ? 
_citation.pdbx_database_id_PubMed   ? 
_citation.pdbx_database_id_DOI      ? 
# 
loop_
_citation_author.citation_id 
_citation_author.name 
_citation_author.ordinal 
_citation_author.identifier_ORCID 
primary 'Zeng, H.'         1 ? 
primary 'Amaya, M.F.'      2 ? 
primary 'MacKenzie, F.'    3 ? 
primary 'Weigelt, J.'      4 ? 
primary 'Sundstrom, M.'    5 ? 
primary 'Arrowsmith, C.H.' 6 ? 
primary 'Edwards, A.M.'    7 ? 
primary 'Min, J.'          8 ? 
primary 'Wu, H.'           9 ? 
# 
_cell.length_a           54.170 
_cell.length_b           75.062 
_cell.length_c           34.488 
_cell.angle_alpha        90.000 
_cell.angle_beta         90.000 
_cell.angle_gamma        90.000 
_cell.entry_id           3FLG 
_cell.pdbx_unique_axis   ? 
_cell.Z_PDB              4 
_cell.length_a_esd       ? 
_cell.length_b_esd       ? 
_cell.length_c_esd       ? 
_cell.angle_alpha_esd    ? 
_cell.angle_beta_esd     ? 
_cell.angle_gamma_esd    ? 
# 
_symmetry.space_group_name_H-M             'P 21 21 2' 
_symmetry.entry_id                         3FLG 
_symmetry.Int_Tables_number                18 
_symmetry.pdbx_full_space_group_name_H-M   ? 
_symmetry.cell_setting                     ? 
_symmetry.space_group_name_Hall            ? 
# 
loop_
_entity.id 
_entity.type 
_entity.src_method 
_entity.pdbx_description 
_entity.formula_weight 
_entity.pdbx_number_of_molecules 
_entity.pdbx_ec 
_entity.pdbx_mutation 
_entity.pdbx_fragment 
_entity.details 
1 polymer man 'DNA (cytosine-5)-methyltransferase 3B' 16755.896 1   2.1.1.37 ? ? ? 
2 water   nat water                                   18.015    125 ?        ? ? ? 
# 
_entity_name_com.entity_id   1 
_entity_name_com.name        'Dnmt3b, DNA methyltransferase HsaIIIB, DNA MTase HsaIIIB, M.HsaIIIB' 
# 
_entity_poly.entity_id                      1 
_entity_poly.type                           'polypeptide(L)' 
_entity_poly.nstd_linkage                   no 
_entity_poly.nstd_monomer                   no 
_entity_poly.pdbx_seq_one_letter_code       
;GEADSGDGDSSEYQDGKEFGIGDLVWGKIKGFSWWPAMVVSWKATSKRQAMSGMRWVQWFGDGKFSEVSADKLVALGLFS
QHFNLATFNKLVSYRKAMYHALEKARVRAGKTFPSSPGDSLEDQLKPMLEWAHGGFKPTGIEGLKPNNTQP
;
_entity_poly.pdbx_seq_one_letter_code_can   
;GEADSGDGDSSEYQDGKEFGIGDLVWGKIKGFSWWPAMVVSWKATSKRQAMSGMRWVQWFGDGKFSEVSADKLVALGLFS
QHFNLATFNKLVSYRKAMYHALEKARVRAGKTFPSSPGDSLEDQLKPMLEWAHGGFKPTGIEGLKPNNTQP
;
_entity_poly.pdbx_strand_id                 A 
_entity_poly.pdbx_target_identifier         ? 
# 
loop_
_entity_poly_seq.entity_id 
_entity_poly_seq.num 
_entity_poly_seq.mon_id 
_entity_poly_seq.hetero 
1 1   GLY n 
1 2   GLU n 
1 3   ALA n 
1 4   ASP n 
1 5   SER n 
1 6   GLY n 
1 7   ASP n 
1 8   GLY n 
1 9   ASP n 
1 10  SER n 
1 11  SER n 
1 12  GLU n 
1 13  TYR n 
1 14  GLN n 
1 15  ASP n 
1 16  GLY n 
1 17  LYS n 
1 18  GLU n 
1 19  PHE n 
1 20  GLY n 
1 21  ILE n 
1 22  GLY n 
1 23  ASP n 
1 24  LEU n 
1 25  VAL n 
1 26  TRP n 
1 27  GLY n 
1 28  LYS n 
1 29  ILE n 
1 30  LYS n 
1 31  GLY n 
1 32  PHE n 
1 33  SER n 
1 34  TRP n 
1 35  TRP n 
1 36  PRO n 
1 37  ALA n 
1 38  MET n 
1 39  VAL n 
1 40  VAL n 
1 41  SER n 
1 42  TRP n 
1 43  LYS n 
1 44  ALA n 
1 45  THR n 
1 46  SER n 
1 47  LYS n 
1 48  ARG n 
1 49  GLN n 
1 50  ALA n 
1 51  MET n 
1 52  SER n 
1 53  GLY n 
1 54  MET n 
1 55  ARG n 
1 56  TRP n 
1 57  VAL n 
1 58  GLN n 
1 59  TRP n 
1 60  PHE n 
1 61  GLY n 
1 62  ASP n 
1 63  GLY n 
1 64  LYS n 
1 65  PHE n 
1 66  SER n 
1 67  GLU n 
1 68  VAL n 
1 69  SER n 
1 70  ALA n 
1 71  ASP n 
1 72  LYS n 
1 73  LEU n 
1 74  VAL n 
1 75  ALA n 
1 76  LEU n 
1 77  GLY n 
1 78  LEU n 
1 79  PHE n 
1 80  SER n 
1 81  GLN n 
1 82  HIS n 
1 83  PHE n 
1 84  ASN n 
1 85  LEU n 
1 86  ALA n 
1 87  THR n 
1 88  PHE n 
1 89  ASN n 
1 90  LYS n 
1 91  LEU n 
1 92  VAL n 
1 93  SER n 
1 94  TYR n 
1 95  ARG n 
1 96  LYS n 
1 97  ALA n 
1 98  MET n 
1 99  TYR n 
1 100 HIS n 
1 101 ALA n 
1 102 LEU n 
1 103 GLU n 
1 104 LYS n 
1 105 ALA n 
1 106 ARG n 
1 107 VAL n 
1 108 ARG n 
1 109 ALA n 
1 110 GLY n 
1 111 LYS n 
1 112 THR n 
1 113 PHE n 
1 114 PRO n 
1 115 SER n 
1 116 SER n 
1 117 PRO n 
1 118 GLY n 
1 119 ASP n 
1 120 SER n 
1 121 LEU n 
1 122 GLU n 
1 123 ASP n 
1 124 GLN n 
1 125 LEU n 
1 126 LYS n 
1 127 PRO n 
1 128 MET n 
1 129 LEU n 
1 130 GLU n 
1 131 TRP n 
1 132 ALA n 
1 133 HIS n 
1 134 GLY n 
1 135 GLY n 
1 136 PHE n 
1 137 LYS n 
1 138 PRO n 
1 139 THR n 
1 140 GLY n 
1 141 ILE n 
1 142 GLU n 
1 143 GLY n 
1 144 LEU n 
1 145 LYS n 
1 146 PRO n 
1 147 ASN n 
1 148 ASN n 
1 149 THR n 
1 150 GLN n 
1 151 PRO n 
# 
_entity_src_gen.entity_id                          1 
_entity_src_gen.pdbx_src_id                        1 
_entity_src_gen.pdbx_alt_source_flag               sample 
_entity_src_gen.pdbx_seq_type                      ? 
_entity_src_gen.pdbx_beg_seq_num                   ? 
_entity_src_gen.pdbx_end_seq_num                   ? 
_entity_src_gen.gene_src_common_name               human 
_entity_src_gen.gene_src_genus                     ? 
_entity_src_gen.pdbx_gene_src_gene                 DNMT3B 
_entity_src_gen.gene_src_species                   ? 
_entity_src_gen.gene_src_strain                    ? 
_entity_src_gen.gene_src_tissue                    ? 
_entity_src_gen.gene_src_tissue_fraction           ? 
_entity_src_gen.gene_src_details                   ? 
_entity_src_gen.pdbx_gene_src_fragment             ? 
_entity_src_gen.pdbx_gene_src_scientific_name      'Homo sapiens' 
_entity_src_gen.pdbx_gene_src_ncbi_taxonomy_id     9606 
_entity_src_gen.pdbx_gene_src_variant              ? 
_entity_src_gen.pdbx_gene_src_cell_line            ? 
_entity_src_gen.pdbx_gene_src_atcc                 ? 
_entity_src_gen.pdbx_gene_src_organ                ? 
_entity_src_gen.pdbx_gene_src_organelle            ? 
_entity_src_gen.pdbx_gene_src_cell                 ? 
_entity_src_gen.pdbx_gene_src_cellular_location    ? 
_entity_src_gen.host_org_common_name               ? 
_entity_src_gen.pdbx_host_org_scientific_name      'Escherichia coli' 
_entity_src_gen.pdbx_host_org_ncbi_taxonomy_id     562 
_entity_src_gen.host_org_genus                     ? 
_entity_src_gen.pdbx_host_org_gene                 ? 
_entity_src_gen.pdbx_host_org_organ                ? 
_entity_src_gen.host_org_species                   ? 
_entity_src_gen.pdbx_host_org_tissue               ? 
_entity_src_gen.pdbx_host_org_tissue_fraction      ? 
_entity_src_gen.pdbx_host_org_strain               ? 
_entity_src_gen.pdbx_host_org_variant              ? 
_entity_src_gen.pdbx_host_org_cell_line            ? 
_entity_src_gen.pdbx_host_org_atcc                 ? 
_entity_src_gen.pdbx_host_org_culture_collection   ? 
_entity_src_gen.pdbx_host_org_cell                 ? 
_entity_src_gen.pdbx_host_org_organelle            ? 
_entity_src_gen.pdbx_host_org_cellular_location    ? 
_entity_src_gen.pdbx_host_org_vector_type          ? 
_entity_src_gen.pdbx_host_org_vector               ? 
_entity_src_gen.host_org_details                   ? 
_entity_src_gen.expression_system_id               ? 
_entity_src_gen.plasmid_name                       ? 
_entity_src_gen.plasmid_details                    ? 
_entity_src_gen.pdbx_description                   ? 
# 
_struct_ref.id                         1 
_struct_ref.db_name                    UNP 
_struct_ref.db_code                    DNM3B_HUMAN 
_struct_ref.pdbx_db_accession          Q9UBC3 
_struct_ref.entity_id                  1 
_struct_ref.pdbx_seq_one_letter_code   
;EADSGDGDSSEYQDGKEFGIGDLVWGKIKGFSWWPAMVVSWKATSKRQAMSGMRWVQWFGDGKFSEVSADKLVALGLFSQ
HFNLATFNKLVSYRKAMYHALEKARVRAGKTFPSSPGDSLEDQLKPMLEWAHGGFKPTGIEGLKPNNTQP
;
_struct_ref.pdbx_align_begin           206 
_struct_ref.pdbx_db_isoform            ? 
# 
_struct_ref_seq.align_id                      1 
_struct_ref_seq.ref_id                        1 
_struct_ref_seq.pdbx_PDB_id_code              3FLG 
_struct_ref_seq.pdbx_strand_id                A 
_struct_ref_seq.seq_align_beg                 2 
_struct_ref_seq.pdbx_seq_align_beg_ins_code   ? 
_struct_ref_seq.seq_align_end                 151 
_struct_ref_seq.pdbx_seq_align_end_ins_code   ? 
_struct_ref_seq.pdbx_db_accession             Q9UBC3 
_struct_ref_seq.db_align_beg                  206 
_struct_ref_seq.pdbx_db_align_beg_ins_code    ? 
_struct_ref_seq.db_align_end                  355 
_struct_ref_seq.pdbx_db_align_end_ins_code    ? 
_struct_ref_seq.pdbx_auth_seq_align_beg       2 
_struct_ref_seq.pdbx_auth_seq_align_end       151 
# 
_struct_ref_seq_dif.align_id                     1 
_struct_ref_seq_dif.pdbx_pdb_id_code             3FLG 
_struct_ref_seq_dif.mon_id                       GLY 
_struct_ref_seq_dif.pdbx_pdb_strand_id           A 
_struct_ref_seq_dif.seq_num                      1 
_struct_ref_seq_dif.pdbx_pdb_ins_code            ? 
_struct_ref_seq_dif.pdbx_seq_db_name             UNP 
_struct_ref_seq_dif.pdbx_seq_db_accession_code   Q9UBC3 
_struct_ref_seq_dif.db_mon_id                    ? 
_struct_ref_seq_dif.pdbx_seq_db_seq_num          ? 
_struct_ref_seq_dif.details                      'expression tag' 
_struct_ref_seq_dif.pdbx_auth_seq_num            1 
_struct_ref_seq_dif.pdbx_ordinal                 1 
# 
loop_
_chem_comp.id 
_chem_comp.type 
_chem_comp.mon_nstd_flag 
_chem_comp.name 
_chem_comp.pdbx_synonyms 
_chem_comp.formula 
_chem_comp.formula_weight 
ALA 'L-peptide linking' y ALANINE         ? 'C3 H7 N O2'     89.093  
ARG 'L-peptide linking' y ARGININE        ? 'C6 H15 N4 O2 1' 175.209 
ASN 'L-peptide linking' y ASPARAGINE      ? 'C4 H8 N2 O3'    132.118 
ASP 'L-peptide linking' y 'ASPARTIC ACID' ? 'C4 H7 N O4'     133.103 
GLN 'L-peptide linking' y GLUTAMINE       ? 'C5 H10 N2 O3'   146.144 
GLU 'L-peptide linking' y 'GLUTAMIC ACID' ? 'C5 H9 N O4'     147.129 
GLY 'peptide linking'   y GLYCINE         ? 'C2 H5 N O2'     75.067  
HIS 'L-peptide linking' y HISTIDINE       ? 'C6 H10 N3 O2 1' 156.162 
HOH non-polymer         . WATER           ? 'H2 O'           18.015  
ILE 'L-peptide linking' y ISOLEUCINE      ? 'C6 H13 N O2'    131.173 
LEU 'L-peptide linking' y LEUCINE         ? 'C6 H13 N O2'    131.173 
LYS 'L-peptide linking' y LYSINE          ? 'C6 H15 N2 O2 1' 147.195 
MET 'L-peptide linking' y METHIONINE      ? 'C5 H11 N O2 S'  149.211 
PHE 'L-peptide linking' y PHENYLALANINE   ? 'C9 H11 N O2'    165.189 
PRO 'L-peptide linking' y PROLINE         ? 'C5 H9 N O2'     115.130 
SER 'L-peptide linking' y SERINE          ? 'C3 H7 N O3'     105.093 
THR 'L-peptide linking' y THREONINE       ? 'C4 H9 N O3'     119.119 
TRP 'L-peptide linking' y TRYPTOPHAN      ? 'C11 H12 N2 O2'  204.225 
TYR 'L-peptide linking' y TYROSINE        ? 'C9 H11 N O3'    181.189 
VAL 'L-peptide linking' y VALINE          ? 'C5 H11 N O2'    117.146 
# 
_exptl.crystals_number   1 
_exptl.entry_id          3FLG 
_exptl.method            'X-RAY DIFFRACTION' 
# 
_exptl_crystal.id                    1 
_exptl_crystal.density_Matthews      2.09 
_exptl_crystal.density_meas          ? 
_exptl_crystal.density_percent_sol   41.21 
_exptl_crystal.description           ? 
_exptl_crystal.F_000                 ? 
_exptl_crystal.preparation           ? 
# 
_exptl_crystal_grow.crystal_id      1 
_exptl_crystal_grow.method          'VAPOR DIFFUSION, HANGING DROP' 
_exptl_crystal_grow.pH              7.5 
_exptl_crystal_grow.temp            ? 
_exptl_crystal_grow.temp_details    ? 
_exptl_crystal_grow.pdbx_details    
;Purified DNMT3B was crystallized using sitting drop vapor diffusion method at 20 C by mixing 1 ul of the protein solution with 1 ul of the reservoir solution containing 30% PEG 2,000 MME, 0.2 M KBr, pH 7.5, VAPOR DIFFUSION, HANGING DROP
;
_exptl_crystal_grow.pdbx_pH_range   ? 
# 
_diffrn.id                     1 
_diffrn.ambient_temp           100 
_diffrn.ambient_temp_details   ? 
_diffrn.crystal_id             1 
# 
_diffrn_radiation.diffrn_id                        1 
_diffrn_radiation.wavelength_id                    1 
_diffrn_radiation.pdbx_diffrn_protocol             'SINGLE WAVELENGTH' 
_diffrn_radiation.monochromator                    ? 
_diffrn_radiation.pdbx_monochromatic_or_laue_m_l   M 
_diffrn_radiation.pdbx_scattering_type             x-ray 
# 
_diffrn_radiation_wavelength.id           1 
_diffrn_radiation_wavelength.wavelength   1.54178 
_diffrn_radiation_wavelength.wt           1.0 
# 
_diffrn_source.diffrn_id                   1 
_diffrn_source.source                      'ROTATING ANODE' 
_diffrn_source.type                        'RIGAKU FR-E DW' 
_diffrn_source.pdbx_wavelength             ? 
_diffrn_source.pdbx_wavelength_list        1.54178 
_diffrn_source.pdbx_synchrotron_site       ? 
_diffrn_source.pdbx_synchrotron_beamline   ? 
# 
_reflns.entry_id                     3FLG 
_reflns.d_resolution_high            1.800 
_reflns.d_resolution_low             50.000 
_reflns.number_obs                   13589 
_reflns.pdbx_Rmerge_I_obs            0.059 
_reflns.pdbx_netI_over_sigmaI        22.974 
_reflns.pdbx_chi_squared             1.072 
_reflns.pdbx_redundancy              6.800 
_reflns.percent_possible_obs         99.700 
_reflns.observed_criterion_sigma_F   ? 
_reflns.observed_criterion_sigma_I   ? 
_reflns.number_all                   ? 
_reflns.pdbx_Rsym_value              ? 
_reflns.B_iso_Wilson_estimate        ? 
_reflns.R_free_details               ? 
_reflns.limit_h_max                  ? 
_reflns.limit_h_min                  ? 
_reflns.limit_k_max                  ? 
_reflns.limit_k_min                  ? 
_reflns.limit_l_max                  ? 
_reflns.limit_l_min                  ? 
_reflns.observed_criterion_F_max     ? 
_reflns.observed_criterion_F_min     ? 
_reflns.pdbx_scaling_rejects         ? 
_reflns.pdbx_diffrn_id               1 
_reflns.pdbx_ordinal                 1 
# 
loop_
_reflns_shell.d_res_high 
_reflns_shell.d_res_low 
_reflns_shell.number_measured_obs 
_reflns_shell.number_measured_all 
_reflns_shell.number_unique_obs 
_reflns_shell.Rmerge_I_obs 
_reflns_shell.meanI_over_sigI_obs 
_reflns_shell.pdbx_Rsym_value 
_reflns_shell.pdbx_chi_squared 
_reflns_shell.pdbx_redundancy 
_reflns_shell.percent_possible_obs 
_reflns_shell.number_unique_all 
_reflns_shell.percent_possible_all 
_reflns_shell.pdbx_diffrn_id 
_reflns_shell.pdbx_ordinal 
1.80 1.86  ? ? ? 0.123 ? ? 1.653 6.70 ? 1329 100.00 ? 1  
1.86 1.94  ? ? ? 0.101 ? ? 1.545 6.70 ? 1340 100.00 ? 2  
1.94 2.03  ? ? ? 0.090 ? ? 1.443 6.80 ? 1336 100.00 ? 3  
2.03 2.13  ? ? ? 0.078 ? ? 1.294 6.90 ? 1326 99.90  ? 4  
2.13 2.27  ? ? ? 0.072 ? ? 1.136 6.90 ? 1348 99.90  ? 5  
2.27 2.44  ? ? ? 0.064 ? ? 0.975 7.00 ? 1349 99.80  ? 6  
2.44 2.69  ? ? ? 0.060 ? ? 0.821 7.00 ? 1351 99.90  ? 7  
2.69 3.08  ? ? ? 0.053 ? ? 0.656 7.00 ? 1370 99.50  ? 8  
3.08 3.88  ? ? ? 0.057 ? ? 0.614 6.80 ? 1371 98.80  ? 9  
3.88 50.00 ? ? ? 0.056 ? ? 0.668 6.50 ? 1469 98.90  ? 10 
# 
_refine.entry_id                                 3FLG 
_refine.ls_d_res_high                            1.800 
_refine.ls_d_res_low                             43.940 
_refine.pdbx_ls_sigma_F                          0.00 
_refine.ls_percent_reflns_obs                    99.650 
_refine.ls_number_reflns_obs                     13555 
_refine.pdbx_ls_cross_valid_method               THROUGHOUT 
_refine.pdbx_R_Free_selection_details            RANDOM 
_refine.details                                  'HYDROGENS HAVE BEEN ADDED IN THE RIDING POSITIONS' 
_refine.ls_R_factor_obs                          0.206 
_refine.ls_R_factor_R_work                       0.204 
_refine.ls_R_factor_R_free                       0.244 
_refine.ls_percent_reflns_R_free                 4.900 
_refine.ls_number_reflns_R_free                  669 
_refine.B_iso_mean                               23.454 
_refine.aniso_B[1][1]                            0.780 
_refine.aniso_B[2][2]                            0.370 
_refine.aniso_B[3][3]                            -1.160 
_refine.aniso_B[1][2]                            0.000 
_refine.aniso_B[1][3]                            0.000 
_refine.aniso_B[2][3]                            0.000 
_refine.correlation_coeff_Fo_to_Fc               0.945 
_refine.correlation_coeff_Fo_to_Fc_free          0.928 
_refine.pdbx_overall_ESU_R                       0.143 
_refine.pdbx_overall_ESU_R_Free                  0.135 
_refine.overall_SU_ML                            0.080 
_refine.overall_SU_B                             2.459 
_refine.solvent_model_details                    MASK 
_refine.pdbx_solvent_vdw_probe_radii             1.400 
_refine.pdbx_solvent_ion_probe_radii             0.800 
_refine.pdbx_solvent_shrinkage_radii             0.800 
_refine.pdbx_method_to_determine_struct          'MOLECULAR REPLACEMENT' 
_refine.pdbx_stereochemistry_target_values       'MAXIMUM LIKELIHOOD' 
_refine.B_iso_max                                53.39 
_refine.B_iso_min                                7.74 
_refine.occupancy_max                            1.00 
_refine.occupancy_min                            0.50 
_refine.pdbx_ls_sigma_I                          ? 
_refine.ls_number_reflns_all                     ? 
_refine.ls_R_factor_all                          ? 
_refine.ls_redundancy_reflns_obs                 ? 
_refine.pdbx_data_cutoff_high_absF               ? 
_refine.pdbx_data_cutoff_low_absF                ? 
_refine.ls_number_parameters                     ? 
_refine.ls_number_restraints                     ? 
_refine.ls_R_factor_R_free_error                 ? 
_refine.ls_R_factor_R_free_error_details         ? 
_refine.pdbx_starting_model                      'PDB entry 1KHC' 
_refine.pdbx_stereochem_target_val_spec_case     ? 
_refine.solvent_model_param_bsol                 ? 
_refine.solvent_model_param_ksol                 ? 
_refine.pdbx_isotropic_thermal_model             ? 
_refine.overall_SU_R_Cruickshank_DPI             ? 
_refine.overall_SU_R_free                        ? 
_refine.pdbx_data_cutoff_high_rms_absF           ? 
_refine.ls_wR_factor_R_free                      ? 
_refine.ls_wR_factor_R_work                      ? 
_refine.overall_FOM_free_R_set                   ? 
_refine.overall_FOM_work_R_set                   ? 
_refine.pdbx_overall_phase_error                 ? 
_refine.pdbx_refine_id                           'X-RAY DIFFRACTION' 
_refine.pdbx_diffrn_id                           1 
_refine.pdbx_TLS_residual_ADP_flag               ? 
_refine.pdbx_overall_SU_R_free_Cruickshank_DPI   ? 
_refine.pdbx_overall_SU_R_Blow_DPI               ? 
_refine.pdbx_overall_SU_R_free_Blow_DPI          ? 
# 
_refine_hist.pdbx_refine_id                   'X-RAY DIFFRACTION' 
_refine_hist.cycle_id                         LAST 
_refine_hist.pdbx_number_atoms_protein        1058 
_refine_hist.pdbx_number_atoms_nucleic_acid   0 
_refine_hist.pdbx_number_atoms_ligand         0 
_refine_hist.number_atoms_solvent             125 
_refine_hist.number_atoms_total               1183 
_refine_hist.d_res_high                       1.800 
_refine_hist.d_res_low                        43.940 
# 
loop_
_refine_ls_restr.type 
_refine_ls_restr.number 
_refine_ls_restr.dev_ideal 
_refine_ls_restr.dev_ideal_target 
_refine_ls_restr.weight 
_refine_ls_restr.pdbx_refine_id 
_refine_ls_restr.pdbx_restraint_function 
r_bond_refined_d         1093 0.016  0.022  ? 'X-RAY DIFFRACTION' ? 
r_angle_refined_deg      1477 1.482  1.927  ? 'X-RAY DIFFRACTION' ? 
r_dihedral_angle_1_deg   136  5.776  5.000  ? 'X-RAY DIFFRACTION' ? 
r_dihedral_angle_2_deg   43   29.197 23.023 ? 'X-RAY DIFFRACTION' ? 
r_dihedral_angle_3_deg   178  14.998 15.000 ? 'X-RAY DIFFRACTION' ? 
r_dihedral_angle_4_deg   4    8.160  15.000 ? 'X-RAY DIFFRACTION' ? 
r_chiral_restr           147  0.109  0.200  ? 'X-RAY DIFFRACTION' ? 
r_gen_planes_refined     831  0.007  0.020  ? 'X-RAY DIFFRACTION' ? 
r_nbd_refined            472  0.203  0.200  ? 'X-RAY DIFFRACTION' ? 
r_nbtor_refined          745  0.309  0.200  ? 'X-RAY DIFFRACTION' ? 
r_xyhbond_nbd_refined    83   0.162  0.200  ? 'X-RAY DIFFRACTION' ? 
r_symmetry_vdw_refined   30   0.211  0.200  ? 'X-RAY DIFFRACTION' ? 
r_symmetry_hbond_refined 17   0.201  0.200  ? 'X-RAY DIFFRACTION' ? 
r_mcbond_it              688  1.151  1.500  ? 'X-RAY DIFFRACTION' ? 
r_mcangle_it             1060 1.732  2.000  ? 'X-RAY DIFFRACTION' ? 
r_scbond_it              495  2.682  3.000  ? 'X-RAY DIFFRACTION' ? 
r_scangle_it             417  3.715  4.500  ? 'X-RAY DIFFRACTION' ? 
# 
_refine_ls_shell.d_res_high                       1.800 
_refine_ls_shell.d_res_low                        1.847 
_refine_ls_shell.pdbx_total_number_of_bins_used   20 
_refine_ls_shell.percent_reflns_obs               100.000 
_refine_ls_shell.number_reflns_R_work             908 
_refine_ls_shell.R_factor_all                     ? 
_refine_ls_shell.R_factor_R_work                  0.232 
_refine_ls_shell.R_factor_R_free                  0.288 
_refine_ls_shell.percent_reflns_R_free            ? 
_refine_ls_shell.number_reflns_R_free             59 
_refine_ls_shell.R_factor_R_free_error            ? 
_refine_ls_shell.number_reflns_all                967 
_refine_ls_shell.number_reflns_obs                ? 
_refine_ls_shell.redundancy_reflns_obs            ? 
_refine_ls_shell.pdbx_refine_id                   'X-RAY DIFFRACTION' 
# 
_struct.entry_id                  3FLG 
_struct.title                     'The PWWP domain of Human DNA (cytosine-5-)-methyltransferase 3 beta' 
_struct.pdbx_model_details        ? 
_struct.pdbx_CASP_flag            ? 
_struct.pdbx_model_type_details   ? 
# 
_struct_keywords.entry_id        3FLG 
_struct_keywords.pdbx_keywords   TRANSFERASE 
_struct_keywords.text            
;DNMT3B, PWWP domain, methyltransferase 3 beta, Structural Genomics, Structural Genomics Consortium, SGC, Alternative splicing, Disease mutation, DNA-binding, Metal-binding, Methyltransferase, Nucleus, Polymorphism, S-adenosyl-L-methionine, Transferase, Ubl conjugation, Zinc, Zinc-finger
;
# 
loop_
_struct_asym.id 
_struct_asym.pdbx_blank_PDB_chainid_flag 
_struct_asym.pdbx_modified 
_struct_asym.entity_id 
_struct_asym.details 
A N N 1 ? 
B N N 2 ? 
# 
_struct_biol.id        1 
_struct_biol.details   ? 
# 
loop_
_struct_conf.conf_type_id 
_struct_conf.id 
_struct_conf.pdbx_PDB_helix_id 
_struct_conf.beg_label_comp_id 
_struct_conf.beg_label_asym_id 
_struct_conf.beg_label_seq_id 
_struct_conf.pdbx_beg_PDB_ins_code 
_struct_conf.end_label_comp_id 
_struct_conf.end_label_asym_id 
_struct_conf.end_label_seq_id 
_struct_conf.pdbx_end_PDB_ins_code 
_struct_conf.beg_auth_comp_id 
_struct_conf.beg_auth_asym_id 
_struct_conf.beg_auth_seq_id 
_struct_conf.end_auth_comp_id 
_struct_conf.end_auth_asym_id 
_struct_conf.end_auth_seq_id 
_struct_conf.pdbx_PDB_helix_class 
_struct_conf.details 
_struct_conf.pdbx_PDB_helix_length 
HELX_P HELX_P1 1 SER A 41  ? SER A 46  ? SER A 41  SER A 46  1 ? 6  
HELX_P HELX_P2 2 LEU A 78  ? PHE A 83  ? LEU A 78  PHE A 83  1 ? 6  
HELX_P HELX_P3 3 ASN A 84  ? LEU A 91  ? ASN A 84  LEU A 91  1 ? 8  
HELX_P HELX_P4 4 LEU A 91  ? GLY A 110 ? LEU A 91  GLY A 110 1 ? 20 
HELX_P HELX_P5 5 SER A 120 ? GLY A 134 ? SER A 120 GLY A 134 1 ? 15 
HELX_P HELX_P6 6 GLY A 140 ? LYS A 145 ? GLY A 140 LYS A 145 5 ? 6  
# 
_struct_conf_type.id          HELX_P 
_struct_conf_type.criteria    ? 
_struct_conf_type.reference   ? 
# 
_struct_mon_prot_cis.pdbx_id                1 
_struct_mon_prot_cis.label_comp_id          LYS 
_struct_mon_prot_cis.label_seq_id           137 
_struct_mon_prot_cis.label_asym_id          A 
_struct_mon_prot_cis.label_alt_id           . 
_struct_mon_prot_cis.pdbx_PDB_ins_code      ? 
_struct_mon_prot_cis.auth_comp_id           LYS 
_struct_mon_prot_cis.auth_seq_id            137 
_struct_mon_prot_cis.auth_asym_id           A 
_struct_mon_prot_cis.pdbx_label_comp_id_2   PRO 
_struct_mon_prot_cis.pdbx_label_seq_id_2    138 
_struct_mon_prot_cis.pdbx_label_asym_id_2   A 
_struct_mon_prot_cis.pdbx_PDB_ins_code_2    ? 
_struct_mon_prot_cis.pdbx_auth_comp_id_2    PRO 
_struct_mon_prot_cis.pdbx_auth_seq_id_2     138 
_struct_mon_prot_cis.pdbx_auth_asym_id_2    A 
_struct_mon_prot_cis.pdbx_PDB_model_num     1 
_struct_mon_prot_cis.pdbx_omega_angle       -0.33 
# 
_struct_sheet.id               A 
_struct_sheet.type             ? 
_struct_sheet.number_strands   5 
_struct_sheet.details          ? 
# 
loop_
_struct_sheet_order.sheet_id 
_struct_sheet_order.range_id_1 
_struct_sheet_order.range_id_2 
_struct_sheet_order.offset 
_struct_sheet_order.sense 
A 1 2 ? anti-parallel 
A 2 3 ? anti-parallel 
A 3 4 ? anti-parallel 
A 4 5 ? anti-parallel 
# 
loop_
_struct_sheet_range.sheet_id 
_struct_sheet_range.id 
_struct_sheet_range.beg_label_comp_id 
_struct_sheet_range.beg_label_asym_id 
_struct_sheet_range.beg_label_seq_id 
_struct_sheet_range.pdbx_beg_PDB_ins_code 
_struct_sheet_range.end_label_comp_id 
_struct_sheet_range.end_label_asym_id 
_struct_sheet_range.end_label_seq_id 
_struct_sheet_range.pdbx_end_PDB_ins_code 
_struct_sheet_range.beg_auth_comp_id 
_struct_sheet_range.beg_auth_asym_id 
_struct_sheet_range.beg_auth_seq_id 
_struct_sheet_range.end_auth_comp_id 
_struct_sheet_range.end_auth_asym_id 
_struct_sheet_range.end_auth_seq_id 
A 1 PHE A 65 ? SER A 69 ? PHE A 65 SER A 69 
A 2 MET A 54 ? TRP A 59 ? MET A 54 TRP A 59 
A 3 TRP A 35 ? VAL A 40 ? TRP A 35 VAL A 40 
A 4 LEU A 24 ? GLY A 27 ? LEU A 24 GLY A 27 
A 5 VAL A 74 ? ALA A 75 ? VAL A 74 ALA A 75 
# 
loop_
_pdbx_struct_sheet_hbond.sheet_id 
_pdbx_struct_sheet_hbond.range_id_1 
_pdbx_struct_sheet_hbond.range_id_2 
_pdbx_struct_sheet_hbond.range_1_label_atom_id 
_pdbx_struct_sheet_hbond.range_1_label_comp_id 
_pdbx_struct_sheet_hbond.range_1_label_asym_id 
_pdbx_struct_sheet_hbond.range_1_label_seq_id 
_pdbx_struct_sheet_hbond.range_1_PDB_ins_code 
_pdbx_struct_sheet_hbond.range_1_auth_atom_id 
_pdbx_struct_sheet_hbond.range_1_auth_comp_id 
_pdbx_struct_sheet_hbond.range_1_auth_asym_id 
_pdbx_struct_sheet_hbond.range_1_auth_seq_id 
_pdbx_struct_sheet_hbond.range_2_label_atom_id 
_pdbx_struct_sheet_hbond.range_2_label_comp_id 
_pdbx_struct_sheet_hbond.range_2_label_asym_id 
_pdbx_struct_sheet_hbond.range_2_label_seq_id 
_pdbx_struct_sheet_hbond.range_2_PDB_ins_code 
_pdbx_struct_sheet_hbond.range_2_auth_atom_id 
_pdbx_struct_sheet_hbond.range_2_auth_comp_id 
_pdbx_struct_sheet_hbond.range_2_auth_asym_id 
_pdbx_struct_sheet_hbond.range_2_auth_seq_id 
A 1 2 O VAL A 68 ? O VAL A 68 N ARG A 55 ? N ARG A 55 
A 2 3 O GLN A 58 ? O GLN A 58 N MET A 38 ? N MET A 38 
A 3 4 O TRP A 35 ? O TRP A 35 N GLY A 27 ? N GLY A 27 
A 4 5 N TRP A 26 ? N TRP A 26 O VAL A 74 ? O VAL A 74 
# 
_atom_sites.entry_id                    3FLG 
_atom_sites.fract_transf_matrix[1][1]   0.01499106 
_atom_sites.fract_transf_matrix[1][2]   -0.00994430 
_atom_sites.fract_transf_matrix[1][3]   -0.00414132 
_atom_sites.fract_transf_matrix[2][1]   -0.00163288 
_atom_sites.fract_transf_matrix[2][2]   0.00290958 
_atom_sites.fract_transf_matrix[2][3]   -0.01289743 
_atom_sites.fract_transf_matrix[3][1]   0.01654289 
_atom_sites.fract_transf_matrix[3][2]   0.02359405 
_atom_sites.fract_transf_matrix[3][3]   0.00322826 
_atom_sites.fract_transf_vector[1]      0.204207 
_atom_sites.fract_transf_vector[2]      0.144994 
_atom_sites.fract_transf_vector[3]      0.350008 
# 
loop_
_atom_type.symbol 
C 
N 
O 
S 
# 
loop_
_atom_site.group_PDB 
_atom_site.id 
_atom_site.type_symbol 
_atom_site.label_atom_id 
_atom_site.label_alt_id 
_atom_site.label_comp_id 
_atom_site.label_asym_id 
_atom_site.label_entity_id 
_atom_site.label_seq_id 
_atom_site.pdbx_PDB_ins_code 
_atom_site.Cartn_x 
_atom_site.Cartn_y 
_atom_site.Cartn_z 
_atom_site.occupancy 
_atom_site.B_iso_or_equiv 
_atom_site.pdbx_formal_charge 
_atom_site.auth_seq_id 
_atom_site.auth_comp_id 
_atom_site.auth_asym_id 
_atom_site.auth_atom_id 
_atom_site.pdbx_PDB_model_num 
ATOM   1    N N   . GLU A 1 12  ? -11.355 -1.445  -17.370 1.00 33.74 ? 12  GLU A N   1 
ATOM   2    C CA  . GLU A 1 12  ? -10.039 -0.818  -17.676 1.00 32.72 ? 12  GLU A CA  1 
ATOM   3    C C   . GLU A 1 12  ? -8.938  -1.766  -17.153 1.00 33.38 ? 12  GLU A C   1 
ATOM   4    O O   . GLU A 1 12  ? -9.221  -2.669  -16.358 1.00 33.90 ? 12  GLU A O   1 
ATOM   5    C CB  . GLU A 1 12  ? -9.963  0.615   -17.093 1.00 34.01 ? 12  GLU A CB  1 
ATOM   6    C CG  . GLU A 1 12  ? -9.453  0.756   -15.647 1.00 31.79 ? 12  GLU A CG  1 
ATOM   7    C CD  . GLU A 1 12  ? -9.802  2.104   -15.001 1.00 30.45 ? 12  GLU A CD  1 
ATOM   8    O OE1 . GLU A 1 12  ? -8.955  3.041   -15.006 1.00 23.96 ? 12  GLU A OE1 1 
ATOM   9    O OE2 . GLU A 1 12  ? -10.938 2.213   -14.485 1.00 25.38 ? 12  GLU A OE2 1 
ATOM   10   N N   . TYR A 1 13  ? -7.708  -1.556  -17.612 1.00 33.54 ? 13  TYR A N   1 
ATOM   11   C CA  . TYR A 1 13  ? -6.535  -2.352  -17.207 1.00 32.78 ? 13  TYR A CA  1 
ATOM   12   C C   . TYR A 1 13  ? -6.581  -3.793  -17.729 1.00 35.09 ? 13  TYR A C   1 
ATOM   13   O O   . TYR A 1 13  ? -6.294  -4.770  -16.985 1.00 34.56 ? 13  TYR A O   1 
ATOM   14   C CB  . TYR A 1 13  ? -6.336  -2.356  -15.696 1.00 30.21 ? 13  TYR A CB  1 
ATOM   15   C CG  . TYR A 1 13  ? -6.263  -0.977  -15.067 1.00 25.25 ? 13  TYR A CG  1 
ATOM   16   C CD1 . TYR A 1 13  ? -5.656  0.094   -15.732 1.00 23.04 ? 13  TYR A CD1 1 
ATOM   17   C CD2 . TYR A 1 13  ? -6.745  -0.769  -13.779 1.00 21.41 ? 13  TYR A CD2 1 
ATOM   18   C CE1 . TYR A 1 13  ? -5.575  1.371   -15.140 1.00 21.00 ? 13  TYR A CE1 1 
ATOM   19   C CE2 . TYR A 1 13  ? -6.666  0.494   -13.181 1.00 18.41 ? 13  TYR A CE2 1 
ATOM   20   C CZ  . TYR A 1 13  ? -6.091  1.543   -13.863 1.00 21.29 ? 13  TYR A CZ  1 
ATOM   21   O OH  . TYR A 1 13  ? -6.006  2.763   -13.264 1.00 21.07 ? 13  TYR A OH  1 
ATOM   22   N N   . GLN A 1 14  ? -6.933  -3.895  -19.013 1.00 36.97 ? 14  GLN A N   1 
ATOM   23   C CA  . GLN A 1 14  ? -6.892  -5.156  -19.748 1.00 38.71 ? 14  GLN A CA  1 
ATOM   24   C C   . GLN A 1 14  ? -5.826  -5.020  -20.841 1.00 39.39 ? 14  GLN A C   1 
ATOM   25   O O   . GLN A 1 14  ? -6.100  -5.180  -22.034 1.00 40.31 ? 14  GLN A O   1 
ATOM   26   C CB  . GLN A 1 14  ? -8.281  -5.475  -20.321 1.00 39.20 ? 14  GLN A CB  1 
ATOM   27   N N   . ASP A 1 15  ? -4.606  -4.689  -20.414 1.00 39.03 ? 15  ASP A N   1 
ATOM   28   C CA  . ASP A 1 15  ? -3.474  -4.531  -21.322 1.00 38.57 ? 15  ASP A CA  1 
ATOM   29   C C   . ASP A 1 15  ? -2.545  -5.733  -21.198 1.00 38.12 ? 15  ASP A C   1 
ATOM   30   O O   . ASP A 1 15  ? -1.469  -5.746  -21.800 1.00 38.89 ? 15  ASP A O   1 
ATOM   31   C CB  . ASP A 1 15  ? -2.713  -3.218  -21.045 1.00 38.74 ? 15  ASP A CB  1 
ATOM   32   N N   . GLY A 1 16  ? -2.965  -6.725  -20.409 1.00 37.73 ? 16  GLY A N   1 
ATOM   33   C CA  . GLY A 1 16  ? -2.214  -7.962  -20.209 1.00 36.61 ? 16  GLY A CA  1 
ATOM   34   C C   . GLY A 1 16  ? -1.329  -8.005  -18.969 1.00 37.04 ? 16  GLY A C   1 
ATOM   35   O O   . GLY A 1 16  ? -0.798  -9.067  -18.610 1.00 37.16 ? 16  GLY A O   1 
ATOM   36   N N   . LYS A 1 17  ? -1.182  -6.863  -18.298 1.00 35.88 ? 17  LYS A N   1 
ATOM   37   C CA  . LYS A 1 17  ? -0.240  -6.759  -17.177 1.00 34.86 ? 17  LYS A CA  1 
ATOM   38   C C   . LYS A 1 17  ? -0.902  -6.988  -15.811 1.00 33.89 ? 17  LYS A C   1 
ATOM   39   O O   . LYS A 1 17  ? -2.127  -7.085  -15.698 1.00 33.78 ? 17  LYS A O   1 
ATOM   40   C CB  . LYS A 1 17  ? 0.515   -5.423  -17.231 1.00 34.72 ? 17  LYS A CB  1 
ATOM   41   N N   . GLU A 1 18  ? -0.062  -7.074  -14.780 1.00 31.74 ? 18  GLU A N   1 
ATOM   42   C CA  . GLU A 1 18  ? -0.484  -7.320  -13.405 1.00 31.21 ? 18  GLU A CA  1 
ATOM   43   C C   . GLU A 1 18  ? -1.274  -6.149  -12.790 1.00 28.32 ? 18  GLU A C   1 
ATOM   44   O O   . GLU A 1 18  ? -1.142  -5.016  -13.237 1.00 27.69 ? 18  GLU A O   1 
ATOM   45   C CB  . GLU A 1 18  ? 0.765   -7.584  -12.550 1.00 30.80 ? 18  GLU A CB  1 
ATOM   46   C CG  . GLU A 1 18  ? 0.566   -8.483  -11.351 1.00 33.67 ? 18  GLU A CG  1 
ATOM   47   C CD  . GLU A 1 18  ? 1.815   -8.550  -10.436 1.00 34.95 ? 18  GLU A CD  1 
ATOM   48   O OE1 . GLU A 1 18  ? 2.939   -8.220  -10.894 1.00 34.78 ? 18  GLU A OE1 1 
ATOM   49   O OE2 . GLU A 1 18  ? 1.652   -8.927  -9.246  1.00 39.65 ? 18  GLU A OE2 1 
ATOM   50   N N   . PHE A 1 19  ? -2.053  -6.455  -11.746 1.00 26.70 ? 19  PHE A N   1 
ATOM   51   C CA  . PHE A 1 19  ? -2.788  -5.483  -10.902 1.00 24.82 ? 19  PHE A CA  1 
ATOM   52   C C   . PHE A 1 19  ? -4.091  -4.921  -11.465 1.00 24.43 ? 19  PHE A C   1 
ATOM   53   O O   . PHE A 1 19  ? -4.178  -4.527  -12.642 1.00 24.15 ? 19  PHE A O   1 
ATOM   54   C CB  . PHE A 1 19  ? -1.885  -4.331  -10.438 1.00 24.41 ? 19  PHE A CB  1 
ATOM   55   C CG  . PHE A 1 19  ? -0.608  -4.781  -9.802  1.00 21.62 ? 19  PHE A CG  1 
ATOM   56   C CD1 . PHE A 1 19  ? -0.603  -5.388  -8.557  1.00 22.17 ? 19  PHE A CD1 1 
ATOM   57   C CD2 . PHE A 1 19  ? 0.607   -4.589  -10.467 1.00 24.03 ? 19  PHE A CD2 1 
ATOM   58   C CE1 . PHE A 1 19  ? 0.595   -5.791  -7.974  1.00 21.94 ? 19  PHE A CE1 1 
ATOM   59   C CE2 . PHE A 1 19  ? 1.826   -5.004  -9.890  1.00 19.42 ? 19  PHE A CE2 1 
ATOM   60   C CZ  . PHE A 1 19  ? 1.807   -5.594  -8.646  1.00 24.06 ? 19  PHE A CZ  1 
ATOM   61   N N   . GLY A 1 20  ? -5.110  -4.912  -10.612 1.00 23.04 ? 20  GLY A N   1 
ATOM   62   C CA  . GLY A 1 20  ? -6.369  -4.286  -10.976 1.00 22.07 ? 20  GLY A CA  1 
ATOM   63   C C   . GLY A 1 20  ? -6.873  -3.399  -9.866  1.00 22.44 ? 20  GLY A C   1 
ATOM   64   O O   . GLY A 1 20  ? -6.224  -3.263  -8.806  1.00 20.25 ? 20  GLY A O   1 
ATOM   65   N N   . ILE A 1 21  ? -8.053  -2.803  -10.093 1.00 21.34 ? 21  ILE A N   1 
ATOM   66   C CA  . ILE A 1 21  ? -8.615  -1.849  -9.150  1.00 20.62 ? 21  ILE A CA  1 
ATOM   67   C C   . ILE A 1 21  ? -8.734  -2.408  -7.745  1.00 20.34 ? 21  ILE A C   1 
ATOM   68   O O   . ILE A 1 21  ? -9.286  -3.516  -7.555  1.00 18.97 ? 21  ILE A O   1 
ATOM   69   C CB  . ILE A 1 21  ? -9.959  -1.295  -9.657  1.00 20.21 ? 21  ILE A CB  1 
ATOM   70   C CG1 . ILE A 1 21  ? -9.715  -0.543  -10.977 1.00 19.39 ? 21  ILE A CG1 1 
ATOM   71   C CG2 . ILE A 1 21  ? -10.586 -0.399  -8.598  1.00 19.53 ? 21  ILE A CG2 1 
ATOM   72   C CD1 . ILE A 1 21  ? -11.016 -0.158  -11.760 1.00 22.84 ? 21  ILE A CD1 1 
ATOM   73   N N   . GLY A 1 22  ? -8.179  -1.658  -6.779  1.00 17.14 ? 22  GLY A N   1 
ATOM   74   C CA  . GLY A 1 22  ? -8.245  -1.974  -5.360  1.00 17.80 ? 22  GLY A CA  1 
ATOM   75   C C   . GLY A 1 22  ? -7.014  -2.685  -4.775  1.00 17.59 ? 22  GLY A C   1 
ATOM   76   O O   . GLY A 1 22  ? -6.861  -2.751  -3.574  1.00 18.60 ? 22  GLY A O   1 
ATOM   77   N N   . ASP A 1 23  ? -6.129  -3.159  -5.647  1.00 18.24 ? 23  ASP A N   1 
ATOM   78   C CA  . ASP A 1 23  ? -4.934  -3.899  -5.227  1.00 17.95 ? 23  ASP A CA  1 
ATOM   79   C C   . ASP A 1 23  ? -3.992  -2.948  -4.456  1.00 17.51 ? 23  ASP A C   1 
ATOM   80   O O   . ASP A 1 23  ? -3.790  -1.811  -4.853  1.00 17.34 ? 23  ASP A O   1 
ATOM   81   C CB  . ASP A 1 23  ? -4.211  -4.481  -6.441  1.00 18.99 ? 23  ASP A CB  1 
ATOM   82   C CG  . ASP A 1 23  ? -4.893  -5.720  -7.022  1.00 21.97 ? 23  ASP A CG  1 
ATOM   83   O OD1 . ASP A 1 23  ? -5.908  -6.206  -6.483  1.00 24.94 ? 23  ASP A OD1 1 
ATOM   84   O OD2 . ASP A 1 23  ? -4.403  -6.202  -8.053  1.00 25.17 ? 23  ASP A OD2 1 
ATOM   85   N N   . LEU A 1 24  ? -3.427  -3.449  -3.353  1.00 16.71 ? 24  LEU A N   1 
ATOM   86   C CA  . LEU A 1 24  ? -2.496  -2.697  -2.526  1.00 16.15 ? 24  LEU A CA  1 
ATOM   87   C C   . LEU A 1 24  ? -1.104  -2.990  -3.097  1.00 15.74 ? 24  LEU A C   1 
ATOM   88   O O   . LEU A 1 24  ? -0.752  -4.167  -3.285  1.00 16.24 ? 24  LEU A O   1 
ATOM   89   C CB  . LEU A 1 24  ? -2.573  -3.208  -1.094  1.00 16.61 ? 24  LEU A CB  1 
ATOM   90   C CG  . LEU A 1 24  ? -3.955  -3.119  -0.402  1.00 16.88 ? 24  LEU A CG  1 
ATOM   91   C CD1 . LEU A 1 24  ? -3.950  -3.499  1.080   1.00 21.13 ? 24  LEU A CD1 1 
ATOM   92   C CD2 . LEU A 1 24  ? -4.519  -1.717  -0.571  1.00 23.03 ? 24  LEU A CD2 1 
ATOM   93   N N   . VAL A 1 25  ? -0.328  -1.937  -3.327  1.00 16.55 ? 25  VAL A N   1 
ATOM   94   C CA  . VAL A 1 25  ? 0.924   -2.058  -4.050  1.00 15.90 ? 25  VAL A CA  1 
ATOM   95   C C   . VAL A 1 25  ? 2.003   -1.190  -3.403  1.00 16.22 ? 25  VAL A C   1 
ATOM   96   O O   . VAL A 1 25  ? 1.701   -0.314  -2.593  1.00 16.04 ? 25  VAL A O   1 
ATOM   97   C CB  . VAL A 1 25  ? 0.782   -1.666  -5.528  1.00 15.27 ? 25  VAL A CB  1 
ATOM   98   C CG1 . VAL A 1 25  ? -0.181  -2.625  -6.244  1.00 16.45 ? 25  VAL A CG1 1 
ATOM   99   C CG2 . VAL A 1 25  ? 0.355   -0.177  -5.707  1.00 16.68 ? 25  VAL A CG2 1 
ATOM   100  N N   . TRP A 1 26  ? 3.258   -1.479  -3.742  1.00 14.45 ? 26  TRP A N   1 
ATOM   101  C CA  . TRP A 1 26  ? 4.353   -0.537  -3.482  1.00 15.38 ? 26  TRP A CA  1 
ATOM   102  C C   . TRP A 1 26  ? 4.678   0.087   -4.814  1.00 15.26 ? 26  TRP A C   1 
ATOM   103  O O   . TRP A 1 26  ? 4.718   -0.625  -5.825  1.00 17.23 ? 26  TRP A O   1 
ATOM   104  C CB  . TRP A 1 26  ? 5.602   -1.264  -3.035  1.00 14.78 ? 26  TRP A CB  1 
ATOM   105  C CG  . TRP A 1 26  ? 5.586   -1.950  -1.672  1.00 15.08 ? 26  TRP A CG  1 
ATOM   106  C CD1 . TRP A 1 26  ? 5.418   -3.282  -1.438  1.00 15.97 ? 26  TRP A CD1 1 
ATOM   107  C CD2 . TRP A 1 26  ? 5.839   -1.343  -0.399  1.00 14.33 ? 26  TRP A CD2 1 
ATOM   108  N NE1 . TRP A 1 26  ? 5.520   -3.549  -0.077  1.00 17.95 ? 26  TRP A NE1 1 
ATOM   109  C CE2 . TRP A 1 26  ? 5.777   -2.370  0.581   1.00 17.90 ? 26  TRP A CE2 1 
ATOM   110  C CE3 . TRP A 1 26  ? 6.097   -0.021  0.017   1.00 14.67 ? 26  TRP A CE3 1 
ATOM   111  C CZ2 . TRP A 1 26  ? 5.979   -2.120  1.959   1.00 17.60 ? 26  TRP A CZ2 1 
ATOM   112  C CZ3 . TRP A 1 26  ? 6.319   0.220   1.369   1.00 14.81 ? 26  TRP A CZ3 1 
ATOM   113  C CH2 . TRP A 1 26  ? 6.227   -0.822  2.335   1.00 15.06 ? 26  TRP A CH2 1 
ATOM   114  N N   . GLY A 1 27  ? 4.906   1.397   -4.818  1.00 16.23 ? 27  GLY A N   1 
ATOM   115  C CA  . GLY A 1 27  ? 5.394   2.101   -6.054  1.00 18.37 ? 27  GLY A CA  1 
ATOM   116  C C   . GLY A 1 27  ? 6.624   2.968   -5.766  1.00 20.08 ? 27  GLY A C   1 
ATOM   117  O O   . GLY A 1 27  ? 6.766   3.496   -4.677  1.00 19.28 ? 27  GLY A O   1 
ATOM   118  N N   . LYS A 1 28  ? 7.523   3.098   -6.744  1.00 22.05 ? 28  LYS A N   1 
ATOM   119  C CA  . LYS A 1 28  ? 8.699   3.963   -6.613  1.00 25.16 ? 28  LYS A CA  1 
ATOM   120  C C   . LYS A 1 28  ? 8.709   4.921   -7.795  1.00 27.35 ? 28  LYS A C   1 
ATOM   121  O O   . LYS A 1 28  ? 8.917   4.482   -8.921  1.00 28.43 ? 28  LYS A O   1 
ATOM   122  C CB  . LYS A 1 28  ? 9.971   3.100   -6.608  1.00 25.71 ? 28  LYS A CB  1 
ATOM   123  C CG  . LYS A 1 28  ? 11.293  3.870   -6.521  1.00 26.55 ? 28  LYS A CG  1 
ATOM   124  C CD  . LYS A 1 28  ? 12.415  2.901   -6.176  1.00 26.91 ? 28  LYS A CD  1 
ATOM   125  C CE  . LYS A 1 28  ? 12.759  1.948   -7.323  1.00 28.25 ? 28  LYS A CE  1 
ATOM   126  N NZ  . LYS A 1 28  ? 14.096  1.313   -6.962  1.00 23.19 ? 28  LYS A NZ  1 
ATOM   127  N N   . ILE A 1 29  ? 8.463   6.201   -7.556  1.00 29.89 ? 29  ILE A N   1 
ATOM   128  C CA  . ILE A 1 29  ? 8.449   7.169   -8.686  1.00 33.65 ? 29  ILE A CA  1 
ATOM   129  C C   . ILE A 1 29  ? 9.663   8.105   -8.813  1.00 34.60 ? 29  ILE A C   1 
ATOM   130  O O   . ILE A 1 29  ? 9.832   8.760   -9.850  1.00 36.83 ? 29  ILE A O   1 
ATOM   131  C CB  . ILE A 1 29  ? 7.111   7.964   -8.773  1.00 33.49 ? 29  ILE A CB  1 
ATOM   132  C CG1 . ILE A 1 29  ? 6.782   8.626   -7.430  1.00 35.10 ? 29  ILE A CG1 1 
ATOM   133  C CG2 . ILE A 1 29  ? 5.977   7.052   -9.276  1.00 34.05 ? 29  ILE A CG2 1 
ATOM   134  C CD1 . ILE A 1 29  ? 5.545   9.547   -7.471  1.00 34.75 ? 29  ILE A CD1 1 
ATOM   135  N N   . LYS A 1 30  ? 10.495  8.177   -7.772  1.00 35.63 ? 30  LYS A N   1 
ATOM   136  C CA  . LYS A 1 30  ? 11.693  9.049   -7.764  1.00 35.59 ? 30  LYS A CA  1 
ATOM   137  C C   . LYS A 1 30  ? 12.625  8.588   -6.658  1.00 34.19 ? 30  LYS A C   1 
ATOM   138  O O   . LYS A 1 30  ? 12.165  8.244   -5.567  1.00 34.23 ? 30  LYS A O   1 
ATOM   139  C CB  . LYS A 1 30  ? 11.325  10.520  -7.534  1.00 36.55 ? 30  LYS A CB  1 
ATOM   140  C CG  . LYS A 1 30  ? 10.419  10.764  -6.308  1.00 38.18 ? 30  LYS A CG  1 
ATOM   141  C CD  . LYS A 1 30  ? 10.359  12.225  -5.897  1.00 38.20 ? 30  LYS A CD  1 
ATOM   142  C CE  . LYS A 1 30  ? 9.596   12.389  -4.570  1.00 40.34 ? 30  LYS A CE  1 
ATOM   143  N NZ  . LYS A 1 30  ? 10.349  11.862  -3.371  1.00 42.42 ? 30  LYS A NZ  1 
ATOM   144  N N   . GLY A 1 31  ? 13.925  8.586   -6.934  1.00 31.95 ? 31  GLY A N   1 
ATOM   145  C CA  . GLY A 1 31  ? 14.910  8.189   -5.925  1.00 30.62 ? 31  GLY A CA  1 
ATOM   146  C C   . GLY A 1 31  ? 14.802  6.694   -5.638  1.00 29.30 ? 31  GLY A C   1 
ATOM   147  O O   . GLY A 1 31  ? 14.438  5.910   -6.522  1.00 29.66 ? 31  GLY A O   1 
ATOM   148  N N   . PHE A 1 32  ? 15.117  6.316   -4.403  1.00 27.16 ? 32  PHE A N   1 
ATOM   149  C CA  . PHE A 1 32  ? 15.185  4.920   -4.016  1.00 25.65 ? 32  PHE A CA  1 
ATOM   150  C C   . PHE A 1 32  ? 13.977  4.403   -3.246  1.00 24.80 ? 32  PHE A C   1 
ATOM   151  O O   . PHE A 1 32  ? 13.834  3.186   -3.084  1.00 24.50 ? 32  PHE A O   1 
ATOM   152  C CB  . PHE A 1 32  ? 16.421  4.659   -3.144  1.00 24.93 ? 32  PHE A CB  1 
ATOM   153  C CG  . PHE A 1 32  ? 17.746  5.019   -3.796  1.00 26.64 ? 32  PHE A CG  1 
ATOM   154  C CD1 . PHE A 1 32  ? 18.182  4.368   -4.952  1.00 27.64 ? 32  PHE A CD1 1 
ATOM   155  C CD2 . PHE A 1 32  ? 18.582  5.959   -3.205  1.00 26.25 ? 32  PHE A CD2 1 
ATOM   156  C CE1 . PHE A 1 32  ? 19.429  4.672   -5.536  1.00 26.78 ? 32  PHE A CE1 1 
ATOM   157  C CE2 . PHE A 1 32  ? 19.845  6.267   -3.786  1.00 28.05 ? 32  PHE A CE2 1 
ATOM   158  C CZ  . PHE A 1 32  ? 20.256  5.625   -4.943  1.00 27.29 ? 32  PHE A CZ  1 
ATOM   159  N N   . SER A 1 33  ? 13.131  5.306   -2.750  1.00 24.42 ? 33  SER A N   1 
ATOM   160  C CA  . SER A 1 33  ? 12.072  4.937   -1.807  1.00 23.75 ? 33  SER A CA  1 
ATOM   161  C C   . SER A 1 33  ? 10.805  4.363   -2.436  1.00 21.93 ? 33  SER A C   1 
ATOM   162  O O   . SER A 1 33  ? 10.212  4.970   -3.335  1.00 22.87 ? 33  SER A O   1 
ATOM   163  C CB  . SER A 1 33  ? 11.699  6.134   -0.920  1.00 25.14 ? 33  SER A CB  1 
ATOM   164  O OG  . SER A 1 33  ? 12.860  6.642   -0.249  1.00 28.65 ? 33  SER A OG  1 
ATOM   165  N N   . TRP A 1 34  ? 10.403  3.197   -1.935  1.00 19.91 ? 34  TRP A N   1 
ATOM   166  C CA  . TRP A 1 34  ? 9.108   2.589   -2.256  1.00 18.01 ? 34  TRP A CA  1 
ATOM   167  C C   . TRP A 1 34  ? 8.040   3.042   -1.273  1.00 16.52 ? 34  TRP A C   1 
ATOM   168  O O   . TRP A 1 34  ? 8.241   2.931   -0.068  1.00 15.63 ? 34  TRP A O   1 
ATOM   169  C CB  . TRP A 1 34  ? 9.196   1.067   -2.162  1.00 18.69 ? 34  TRP A CB  1 
ATOM   170  C CG  . TRP A 1 34  ? 10.045  0.450   -3.231  1.00 19.93 ? 34  TRP A CG  1 
ATOM   171  C CD1 . TRP A 1 34  ? 11.407  0.214   -3.185  1.00 22.28 ? 34  TRP A CD1 1 
ATOM   172  C CD2 . TRP A 1 34  ? 9.588   -0.046  -4.498  1.00 19.85 ? 34  TRP A CD2 1 
ATOM   173  N NE1 . TRP A 1 34  ? 11.821  -0.384  -4.366  1.00 21.56 ? 34  TRP A NE1 1 
ATOM   174  C CE2 . TRP A 1 34  ? 10.725  -0.571  -5.179  1.00 23.83 ? 34  TRP A CE2 1 
ATOM   175  C CE3 . TRP A 1 34  ? 8.328   -0.102  -5.126  1.00 21.22 ? 34  TRP A CE3 1 
ATOM   176  C CZ2 . TRP A 1 34  ? 10.640  -1.140  -6.470  1.00 21.14 ? 34  TRP A CZ2 1 
ATOM   177  C CZ3 . TRP A 1 34  ? 8.236   -0.674  -6.395  1.00 21.46 ? 34  TRP A CZ3 1 
ATOM   178  C CH2 . TRP A 1 34  ? 9.385   -1.181  -7.065  1.00 19.90 ? 34  TRP A CH2 1 
ATOM   179  N N   . TRP A 1 35  ? 6.878   3.476   -1.795  1.00 15.92 ? 35  TRP A N   1 
ATOM   180  C CA  . TRP A 1 35  ? 5.789   3.958   -0.947  1.00 16.79 ? 35  TRP A CA  1 
ATOM   181  C C   . TRP A 1 35  ? 4.528   3.137   -1.212  1.00 16.53 ? 35  TRP A C   1 
ATOM   182  O O   . TRP A 1 35  ? 4.302   2.682   -2.354  1.00 16.42 ? 35  TRP A O   1 
ATOM   183  C CB  . TRP A 1 35  ? 5.522   5.453   -1.207  1.00 17.20 ? 35  TRP A CB  1 
ATOM   184  C CG  . TRP A 1 35  ? 6.628   6.386   -0.671  1.00 19.84 ? 35  TRP A CG  1 
ATOM   185  C CD1 . TRP A 1 35  ? 7.874   6.570   -1.193  1.00 22.52 ? 35  TRP A CD1 1 
ATOM   186  C CD2 . TRP A 1 35  ? 6.551   7.219   0.478   1.00 19.21 ? 35  TRP A CD2 1 
ATOM   187  N NE1 . TRP A 1 35  ? 8.584   7.493   -0.430  1.00 20.04 ? 35  TRP A NE1 1 
ATOM   188  C CE2 . TRP A 1 35  ? 7.779   7.907   0.592   1.00 18.33 ? 35  TRP A CE2 1 
ATOM   189  C CE3 . TRP A 1 35  ? 5.547   7.476   1.421   1.00 18.92 ? 35  TRP A CE3 1 
ATOM   190  C CZ2 . TRP A 1 35  ? 8.030   8.817   1.628   1.00 21.30 ? 35  TRP A CZ2 1 
ATOM   191  C CZ3 . TRP A 1 35  ? 5.790   8.383   2.426   1.00 19.26 ? 35  TRP A CZ3 1 
ATOM   192  C CH2 . TRP A 1 35  ? 7.016   9.050   2.533   1.00 18.31 ? 35  TRP A CH2 1 
ATOM   193  N N   . PRO A 1 36  ? 3.689   2.929   -0.166  1.00 16.20 ? 36  PRO A N   1 
ATOM   194  C CA  . PRO A 1 36  ? 2.464   2.136   -0.394  1.00 14.73 ? 36  PRO A CA  1 
ATOM   195  C C   . PRO A 1 36  ? 1.318   2.919   -1.093  1.00 14.04 ? 36  PRO A C   1 
ATOM   196  O O   . PRO A 1 36  ? 1.126   4.134   -0.855  1.00 14.02 ? 36  PRO A O   1 
ATOM   197  C CB  . PRO A 1 36  ? 2.031   1.798   1.036   1.00 14.89 ? 36  PRO A CB  1 
ATOM   198  C CG  . PRO A 1 36  ? 2.417   3.056   1.830   1.00 14.68 ? 36  PRO A CG  1 
ATOM   199  C CD  . PRO A 1 36  ? 3.797   3.395   1.241   1.00 16.05 ? 36  PRO A CD  1 
ATOM   200  N N   . ALA A 1 37  ? 0.535   2.205   -1.890  1.00 14.81 ? 37  ALA A N   1 
ATOM   201  C CA  . ALA A 1 37  ? -0.547  2.835   -2.676  1.00 15.30 ? 37  ALA A CA  1 
ATOM   202  C C   . ALA A 1 37  ? -1.647  1.802   -2.941  1.00 15.76 ? 37  ALA A C   1 
ATOM   203  O O   . ALA A 1 37  ? -1.500  0.627   -2.642  1.00 15.35 ? 37  ALA A O   1 
ATOM   204  C CB  . ALA A 1 37  ? -0.019  3.437   -4.011  1.00 14.35 ? 37  ALA A CB  1 
ATOM   205  N N   . MET A 1 38  ? -2.757  2.267   -3.521  1.00 15.62 ? 38  MET A N   1 
ATOM   206  C CA  . MET A 1 38  ? -3.810  1.360   -3.935  1.00 16.41 ? 38  MET A CA  1 
ATOM   207  C C   . MET A 1 38  ? -4.117  1.711   -5.370  1.00 16.19 ? 38  MET A C   1 
ATOM   208  O O   . MET A 1 38  ? -4.229  2.885   -5.684  1.00 14.28 ? 38  MET A O   1 
ATOM   209  C CB  . MET A 1 38  ? -5.085  1.576   -3.075  1.00 15.72 ? 38  MET A CB  1 
ATOM   210  C CG  . MET A 1 38  ? -6.208  0.634   -3.490  1.00 16.71 ? 38  MET A CG  1 
ATOM   211  S SD  . MET A 1 38  ? -7.621  0.679   -2.411  1.00 22.41 ? 38  MET A SD  1 
ATOM   212  C CE  . MET A 1 38  ? -8.242  2.345   -2.594  1.00 23.44 ? 38  MET A CE  1 
ATOM   213  N N   . VAL A 1 39  ? -4.235  0.705   -6.243  1.00 16.59 ? 39  VAL A N   1 
ATOM   214  C CA  . VAL A 1 39  ? -4.623  0.948   -7.651  1.00 16.71 ? 39  VAL A CA  1 
ATOM   215  C C   . VAL A 1 39  ? -6.076  1.420   -7.670  1.00 16.41 ? 39  VAL A C   1 
ATOM   216  O O   . VAL A 1 39  ? -6.904  0.883   -6.957  1.00 16.71 ? 39  VAL A O   1 
ATOM   217  C CB  . VAL A 1 39  ? -4.464  -0.320  -8.495  1.00 18.08 ? 39  VAL A CB  1 
ATOM   218  C CG1 . VAL A 1 39  ? -4.923  -0.053  -9.949  1.00 16.96 ? 39  VAL A CG1 1 
ATOM   219  C CG2 . VAL A 1 39  ? -2.988  -0.823  -8.442  1.00 16.73 ? 39  VAL A CG2 1 
ATOM   220  N N   . VAL A 1 40  ? -6.366  2.421   -8.505  1.00 17.63 ? 40  VAL A N   1 
ATOM   221  C CA  . VAL A 1 40  ? -7.696  3.029   -8.575  1.00 17.38 ? 40  VAL A CA  1 
ATOM   222  C C   . VAL A 1 40  ? -8.081  3.200   -10.035 1.00 18.34 ? 40  VAL A C   1 
ATOM   223  O O   . VAL A 1 40  ? -7.205  3.137   -10.940 1.00 17.29 ? 40  VAL A O   1 
ATOM   224  C CB  . VAL A 1 40  ? -7.728  4.465   -7.932  1.00 16.17 ? 40  VAL A CB  1 
ATOM   225  C CG1 . VAL A 1 40  ? -7.506  4.402   -6.374  1.00 18.88 ? 40  VAL A CG1 1 
ATOM   226  C CG2 . VAL A 1 40  ? -6.683  5.398   -8.582  1.00 16.87 ? 40  VAL A CG2 1 
ATOM   227  N N   . SER A 1 41  ? -9.385  3.409   -10.256 1.00 18.46 ? 41  SER A N   1 
ATOM   228  C CA  . SER A 1 41  ? -9.889  3.753   -11.596 1.00 19.10 ? 41  SER A CA  1 
ATOM   229  C C   . SER A 1 41  ? -9.364  5.106   -12.001 1.00 18.65 ? 41  SER A C   1 
ATOM   230  O O   . SER A 1 41  ? -9.241  5.990   -11.158 1.00 18.36 ? 41  SER A O   1 
ATOM   231  C CB  . SER A 1 41  ? -11.408 3.847   -11.575 1.00 19.95 ? 41  SER A CB  1 
ATOM   232  O OG  . SER A 1 41  ? -11.817 4.328   -12.863 1.00 20.66 ? 41  SER A OG  1 
ATOM   233  N N   . TRP A 1 42  ? -9.106  5.310   -13.299 1.00 19.86 ? 42  TRP A N   1 
ATOM   234  C CA  . TRP A 1 42  ? -8.766  6.643   -13.747 1.00 20.94 ? 42  TRP A CA  1 
ATOM   235  C C   . TRP A 1 42  ? -9.836  7.666   -13.297 1.00 20.27 ? 42  TRP A C   1 
ATOM   236  O O   . TRP A 1 42  ? -9.526  8.852   -13.076 1.00 19.50 ? 42  TRP A O   1 
ATOM   237  C CB  . TRP A 1 42  ? -8.586  6.674   -15.265 1.00 22.78 ? 42  TRP A CB  1 
ATOM   238  C CG  . TRP A 1 42  ? -9.874  6.677   -16.026 1.00 24.56 ? 42  TRP A CG  1 
ATOM   239  C CD1 . TRP A 1 42  ? -10.559 5.606   -16.473 1.00 25.69 ? 42  TRP A CD1 1 
ATOM   240  C CD2 . TRP A 1 42  ? -10.591 7.844   -16.483 1.00 29.01 ? 42  TRP A CD2 1 
ATOM   241  N NE1 . TRP A 1 42  ? -11.699 6.021   -17.175 1.00 28.21 ? 42  TRP A NE1 1 
ATOM   242  C CE2 . TRP A 1 42  ? -11.728 7.390   -17.197 1.00 28.45 ? 42  TRP A CE2 1 
ATOM   243  C CE3 . TRP A 1 42  ? -10.376 9.225   -16.356 1.00 28.76 ? 42  TRP A CE3 1 
ATOM   244  C CZ2 . TRP A 1 42  ? -12.660 8.273   -17.780 1.00 28.14 ? 42  TRP A CZ2 1 
ATOM   245  C CZ3 . TRP A 1 42  ? -11.318 10.119  -16.934 1.00 29.40 ? 42  TRP A CZ3 1 
ATOM   246  C CH2 . TRP A 1 42  ? -12.438 9.626   -17.637 1.00 27.70 ? 42  TRP A CH2 1 
ATOM   247  N N   . LYS A 1 43  ? -11.070 7.215   -13.126 1.00 20.44 ? 43  LYS A N   1 
ATOM   248  C CA  . LYS A 1 43  ? -12.124 8.171   -12.757 1.00 22.04 ? 43  LYS A CA  1 
ATOM   249  C C   . LYS A 1 43  ? -11.874 8.811   -11.396 1.00 22.15 ? 43  LYS A C   1 
ATOM   250  O O   . LYS A 1 43  ? -12.356 9.918   -11.137 1.00 21.73 ? 43  LYS A O   1 
ATOM   251  C CB  . LYS A 1 43  ? -13.498 7.524   -12.809 1.00 22.05 ? 43  LYS A CB  1 
ATOM   252  C CG  . LYS A 1 43  ? -13.870 7.076   -14.243 1.00 23.26 ? 43  LYS A CG  1 
ATOM   253  C CD  . LYS A 1 43  ? -15.324 6.585   -14.372 1.00 25.14 ? 43  LYS A CD  1 
ATOM   254  C CE  . LYS A 1 43  ? -15.548 6.032   -15.806 1.00 26.88 ? 43  LYS A CE  1 
ATOM   255  N NZ  . LYS A 1 43  ? -16.901 5.407   -16.010 1.00 31.96 ? 43  LYS A NZ  1 
ATOM   256  N N   . ALA A 1 44  ? -11.154 8.092   -10.516 1.00 21.59 ? 44  ALA A N   1 
ATOM   257  C CA  . ALA A 1 44  ? -10.859 8.606   -9.188  1.00 21.21 ? 44  ALA A CA  1 
ATOM   258  C C   . ALA A 1 44  ? -9.974  9.829   -9.278  1.00 20.79 ? 44  ALA A C   1 
ATOM   259  O O   . ALA A 1 44  ? -10.011 10.720  -8.401  1.00 19.48 ? 44  ALA A O   1 
ATOM   260  C CB  . ALA A 1 44  ? -10.185 7.499   -8.303  1.00 21.63 ? 44  ALA A CB  1 
ATOM   261  N N   . THR A 1 45  ? -9.193  9.891   -10.371 1.00 19.65 ? 45  THR A N   1 
ATOM   262  C CA  . THR A 1 45  ? -8.115  10.837  -10.502 1.00 20.33 ? 45  THR A CA  1 
ATOM   263  C C   . THR A 1 45  ? -8.578  12.172  -11.108 1.00 22.28 ? 45  THR A C   1 
ATOM   264  O O   . THR A 1 45  ? -7.930  13.178  -10.914 1.00 23.13 ? 45  THR A O   1 
ATOM   265  C CB  . THR A 1 45  ? -6.963  10.260  -11.360 1.00 19.38 ? 45  THR A CB  1 
ATOM   266  O OG1 . THR A 1 45  ? -7.359  10.282  -12.742 1.00 19.96 ? 45  THR A OG1 1 
ATOM   267  C CG2 . THR A 1 45  ? -6.620  8.810   -10.924 1.00 19.55 ? 45  THR A CG2 1 
ATOM   268  N N   A SER A 1 46  ? -9.696  12.186  -11.830 0.50 23.46 ? 46  SER A N   1 
ATOM   269  N N   B SER A 1 46  ? -9.671  12.097  -11.874 0.50 23.64 ? 46  SER A N   1 
ATOM   270  C CA  A SER A 1 46  ? -10.114 13.397  -12.566 0.50 24.19 ? 46  SER A CA  1 
ATOM   271  C CA  B SER A 1 46  ? -10.250 13.212  -12.646 0.50 24.68 ? 46  SER A CA  1 
ATOM   272  C C   A SER A 1 46  ? -8.957  13.862  -13.477 0.50 25.92 ? 46  SER A C   1 
ATOM   273  C C   B SER A 1 46  ? -9.356  13.672  -13.816 0.50 25.90 ? 46  SER A C   1 
ATOM   274  O O   A SER A 1 46  ? -8.642  15.062  -13.592 0.50 26.50 ? 46  SER A O   1 
ATOM   275  O O   B SER A 1 46  ? -9.629  14.710  -14.434 0.50 25.13 ? 46  SER A O   1 
ATOM   276  C CB  A SER A 1 46  ? -10.613 14.511  -11.606 0.50 24.56 ? 46  SER A CB  1 
ATOM   277  C CB  B SER A 1 46  ? -10.636 14.385  -11.726 0.50 25.47 ? 46  SER A CB  1 
ATOM   278  O OG  A SER A 1 46  ? -11.338 15.516  -12.309 0.50 22.29 ? 46  SER A OG  1 
ATOM   279  O OG  B SER A 1 46  ? -9.520  15.218  -11.511 0.50 26.58 ? 46  SER A OG  1 
ATOM   280  N N   . LYS A 1 47  ? -8.312  12.882  -14.110 1.00 26.13 ? 47  LYS A N   1 
ATOM   281  C CA  . LYS A 1 47  ? -7.322  13.164  -15.143 1.00 28.02 ? 47  LYS A CA  1 
ATOM   282  C C   . LYS A 1 47  ? -7.824  12.617  -16.480 1.00 28.63 ? 47  LYS A C   1 
ATOM   283  O O   . LYS A 1 47  ? -8.638  13.257  -17.146 1.00 28.39 ? 47  LYS A O   1 
ATOM   284  C CB  . LYS A 1 47  ? -5.948  12.563  -14.808 1.00 29.16 ? 47  LYS A CB  1 
ATOM   285  C CG  . LYS A 1 47  ? -5.249  13.069  -13.563 1.00 32.34 ? 47  LYS A CG  1 
ATOM   286  C CD  . LYS A 1 47  ? -5.042  14.540  -13.637 1.00 37.98 ? 47  LYS A CD  1 
ATOM   287  C CE  . LYS A 1 47  ? -3.844  14.970  -12.811 1.00 40.42 ? 47  LYS A CE  1 
ATOM   288  N NZ  . LYS A 1 47  ? -2.909  15.672  -13.714 1.00 40.72 ? 47  LYS A NZ  1 
ATOM   289  N N   . ARG A 1 48  ? -7.313  11.443  -16.863 1.00 27.47 ? 48  ARG A N   1 
ATOM   290  C CA  . ARG A 1 48  ? -7.596  10.801  -18.160 1.00 27.77 ? 48  ARG A CA  1 
ATOM   291  C C   . ARG A 1 48  ? -7.293  9.320   -17.971 1.00 27.10 ? 48  ARG A C   1 
ATOM   292  O O   . ARG A 1 48  ? -6.551  8.960   -17.048 1.00 26.47 ? 48  ARG A O   1 
ATOM   293  C CB  . ARG A 1 48  ? -6.658  11.379  -19.241 1.00 28.45 ? 48  ARG A CB  1 
ATOM   294  C CG  . ARG A 1 48  ? -5.173  11.367  -18.826 1.00 28.80 ? 48  ARG A CG  1 
ATOM   295  C CD  . ARG A 1 48  ? -4.197  11.326  -20.026 1.00 29.47 ? 48  ARG A CD  1 
ATOM   296  N N   . GLN A 1 49  ? -7.842  8.453   -18.823 1.00 26.62 ? 49  GLN A N   1 
ATOM   297  C CA  . GLN A 1 49  ? -7.513  7.011   -18.743 1.00 26.45 ? 49  GLN A CA  1 
ATOM   298  C C   . GLN A 1 49  ? -6.007  6.759   -18.748 1.00 24.41 ? 49  GLN A C   1 
ATOM   299  O O   . GLN A 1 49  ? -5.270  7.494   -19.393 1.00 23.90 ? 49  GLN A O   1 
ATOM   300  C CB  . GLN A 1 49  ? -8.187  6.225   -19.870 1.00 27.56 ? 49  GLN A CB  1 
ATOM   301  C CG  . GLN A 1 49  ? -8.520  7.053   -21.075 1.00 34.59 ? 49  GLN A CG  1 
ATOM   302  C CD  . GLN A 1 49  ? -9.764  7.921   -20.892 1.00 38.23 ? 49  GLN A CD  1 
ATOM   303  O OE1 . GLN A 1 49  ? -9.607  9.170   -20.861 1.00 38.49 ? 49  GLN A OE1 1 
ATOM   304  N NE2 . GLN A 1 49  ? -10.879 7.344   -20.775 1.00 41.88 ? 49  GLN A NE2 1 
ATOM   305  N N   . ALA A 1 50  ? -5.550  5.738   -18.018 1.00 23.00 ? 50  ALA A N   1 
ATOM   306  C CA  . ALA A 1 50  ? -4.116  5.419   -17.941 1.00 22.87 ? 50  ALA A CA  1 
ATOM   307  C C   . ALA A 1 50  ? -3.576  5.058   -19.315 1.00 22.44 ? 50  ALA A C   1 
ATOM   308  O O   . ALA A 1 50  ? -4.277  4.405   -20.098 1.00 22.53 ? 50  ALA A O   1 
ATOM   309  C CB  . ALA A 1 50  ? -3.866  4.253   -16.982 1.00 21.19 ? 50  ALA A CB  1 
ATOM   310  N N   . MET A 1 51  ? -2.347  5.480   -19.604 1.00 23.46 ? 51  MET A N   1 
ATOM   311  C CA  . MET A 1 51  ? -1.650  4.984   -20.801 1.00 26.17 ? 51  MET A CA  1 
ATOM   312  C C   . MET A 1 51  ? -1.581  3.464   -20.771 1.00 23.45 ? 51  MET A C   1 
ATOM   313  O O   . MET A 1 51  ? -1.452  2.852   -19.694 1.00 23.42 ? 51  MET A O   1 
ATOM   314  C CB  . MET A 1 51  ? -0.201  5.481   -20.822 1.00 25.24 ? 51  MET A CB  1 
ATOM   315  C CG  . MET A 1 51  ? 0.061   6.896   -21.214 1.00 30.26 ? 51  MET A CG  1 
ATOM   316  S SD  . MET A 1 51  ? 1.817   7.175   -20.751 1.00 32.46 ? 51  MET A SD  1 
ATOM   317  C CE  . MET A 1 51  ? 2.658   5.917   -21.736 1.00 33.95 ? 51  MET A CE  1 
ATOM   318  N N   . SER A 1 52  ? -1.625  2.844   -21.955 1.00 22.50 ? 52  SER A N   1 
ATOM   319  C CA  . SER A 1 52  ? -1.354  1.409   -22.104 1.00 20.98 ? 52  SER A CA  1 
ATOM   320  C C   . SER A 1 52  ? -0.167  0.989   -21.224 1.00 22.27 ? 52  SER A C   1 
ATOM   321  O O   . SER A 1 52  ? 0.877   1.621   -21.275 1.00 22.83 ? 52  SER A O   1 
ATOM   322  C CB  . SER A 1 52  ? -1.023  1.088   -23.573 1.00 20.77 ? 52  SER A CB  1 
ATOM   323  O OG  . SER A 1 52  ? -0.925  -0.311  -23.776 1.00 21.23 ? 52  SER A OG  1 
ATOM   324  N N   . GLY A 1 53  ? -0.344  -0.083  -20.454 1.00 23.23 ? 53  GLY A N   1 
ATOM   325  C CA  . GLY A 1 53  ? 0.751   -0.644  -19.658 1.00 24.31 ? 53  GLY A CA  1 
ATOM   326  C C   . GLY A 1 53  ? 0.852   -0.075  -18.244 1.00 25.27 ? 53  GLY A C   1 
ATOM   327  O O   . GLY A 1 53  ? 1.712   -0.516  -17.434 1.00 24.66 ? 53  GLY A O   1 
ATOM   328  N N   . MET A 1 54  ? -0.001  0.906   -17.954 1.00 24.06 ? 54  MET A N   1 
ATOM   329  C CA  . MET A 1 54  ? 0.108   1.702   -16.709 1.00 23.95 ? 54  MET A CA  1 
ATOM   330  C C   . MET A 1 54  ? -1.134  1.557   -15.842 1.00 22.42 ? 54  MET A C   1 
ATOM   331  O O   . MET A 1 54  ? -2.223  1.145   -16.303 1.00 21.95 ? 54  MET A O   1 
ATOM   332  C CB  . MET A 1 54  ? 0.303   3.187   -17.021 1.00 24.84 ? 54  MET A CB  1 
ATOM   333  C CG  . MET A 1 54  ? 1.415   3.470   -18.058 1.00 30.79 ? 54  MET A CG  1 
ATOM   334  S SD  . MET A 1 54  ? 2.903   4.067   -17.273 1.00 37.43 ? 54  MET A SD  1 
ATOM   335  C CE  . MET A 1 54  ? 4.091   3.675   -18.541 1.00 32.89 ? 54  MET A CE  1 
ATOM   336  N N   . ARG A 1 55  ? -0.951  1.911   -14.571 1.00 20.95 ? 55  ARG A N   1 
ATOM   337  C CA  . ARG A 1 55  ? -2.040  1.931   -13.594 1.00 18.72 ? 55  ARG A CA  1 
ATOM   338  C C   . ARG A 1 55  ? -2.052  3.272   -12.897 1.00 18.74 ? 55  ARG A C   1 
ATOM   339  O O   . ARG A 1 55  ? -0.993  3.850   -12.607 1.00 18.76 ? 55  ARG A O   1 
ATOM   340  C CB  . ARG A 1 55  ? -1.845  0.836   -12.529 1.00 18.86 ? 55  ARG A CB  1 
ATOM   341  C CG  . ARG A 1 55  ? -1.653  -0.581  -13.098 1.00 20.87 ? 55  ARG A CG  1 
ATOM   342  C CD  . ARG A 1 55  ? -3.015  -1.126  -13.527 1.00 21.49 ? 55  ARG A CD  1 
ATOM   343  N NE  . ARG A 1 55  ? -2.926  -2.485  -14.064 1.00 25.27 ? 55  ARG A NE  1 
ATOM   344  C CZ  . ARG A 1 55  ? -2.748  -2.768  -15.350 1.00 22.33 ? 55  ARG A CZ  1 
ATOM   345  N NH1 . ARG A 1 55  ? -2.667  -1.812  -16.275 1.00 24.79 ? 55  ARG A NH1 1 
ATOM   346  N NH2 . ARG A 1 55  ? -2.701  -4.030  -15.714 1.00 25.23 ? 55  ARG A NH2 1 
ATOM   347  N N   . TRP A 1 56  ? -3.248  3.780   -12.601 1.00 18.29 ? 56  TRP A N   1 
ATOM   348  C CA  . TRP A 1 56  ? -3.317  4.893   -11.679 1.00 17.35 ? 56  TRP A CA  1 
ATOM   349  C C   . TRP A 1 56  ? -3.280  4.348   -10.256 1.00 18.02 ? 56  TRP A C   1 
ATOM   350  O O   . TRP A 1 56  ? -4.005  3.405   -9.941  1.00 17.82 ? 56  TRP A O   1 
ATOM   351  C CB  . TRP A 1 56  ? -4.624  5.653   -11.877 1.00 18.47 ? 56  TRP A CB  1 
ATOM   352  C CG  . TRP A 1 56  ? -4.592  6.524   -13.079 1.00 18.21 ? 56  TRP A CG  1 
ATOM   353  C CD1 . TRP A 1 56  ? -5.273  6.334   -14.237 1.00 20.10 ? 56  TRP A CD1 1 
ATOM   354  C CD2 . TRP A 1 56  ? -3.857  7.749   -13.235 1.00 18.30 ? 56  TRP A CD2 1 
ATOM   355  N NE1 . TRP A 1 56  ? -4.989  7.346   -15.136 1.00 18.54 ? 56  TRP A NE1 1 
ATOM   356  C CE2 . TRP A 1 56  ? -4.130  8.235   -14.541 1.00 17.83 ? 56  TRP A CE2 1 
ATOM   357  C CE3 . TRP A 1 56  ? -3.009  8.493   -12.394 1.00 17.92 ? 56  TRP A CE3 1 
ATOM   358  C CZ2 . TRP A 1 56  ? -3.580  9.434   -15.036 1.00 20.91 ? 56  TRP A CZ2 1 
ATOM   359  C CZ3 . TRP A 1 56  ? -2.454  9.682   -12.879 1.00 19.14 ? 56  TRP A CZ3 1 
ATOM   360  C CH2 . TRP A 1 56  ? -2.755  10.144  -14.195 1.00 20.79 ? 56  TRP A CH2 1 
ATOM   361  N N   . VAL A 1 57  ? -2.461  4.961   -9.400  1.00 17.83 ? 57  VAL A N   1 
ATOM   362  C CA  . VAL A 1 57  ? -2.443  4.561   -8.017  1.00 17.65 ? 57  VAL A CA  1 
ATOM   363  C C   . VAL A 1 57  ? -2.702  5.798   -7.164  1.00 16.84 ? 57  VAL A C   1 
ATOM   364  O O   . VAL A 1 57  ? -2.433  6.942   -7.576  1.00 16.68 ? 57  VAL A O   1 
ATOM   365  C CB  . VAL A 1 57  ? -1.122  3.842   -7.604  1.00 17.01 ? 57  VAL A CB  1 
ATOM   366  C CG1 . VAL A 1 57  ? -0.829  2.647   -8.585  1.00 18.87 ? 57  VAL A CG1 1 
ATOM   367  C CG2 . VAL A 1 57  ? 0.042   4.813   -7.557  1.00 17.95 ? 57  VAL A CG2 1 
ATOM   368  N N   . GLN A 1 58  ? -3.250  5.547   -5.987  1.00 16.70 ? 58  GLN A N   1 
ATOM   369  C CA  . GLN A 1 58  ? -3.462  6.609   -4.997  1.00 16.66 ? 58  GLN A CA  1 
ATOM   370  C C   . GLN A 1 58  ? -2.602  6.289   -3.780  1.00 17.06 ? 58  GLN A C   1 
ATOM   371  O O   . GLN A 1 58  ? -2.714  5.198   -3.197  1.00 17.15 ? 58  GLN A O   1 
ATOM   372  C CB  . GLN A 1 58  ? -4.916  6.694   -4.569  1.00 16.18 ? 58  GLN A CB  1 
ATOM   373  C CG  . GLN A 1 58  ? -5.196  7.930   -3.740  1.00 16.47 ? 58  GLN A CG  1 
ATOM   374  C CD  . GLN A 1 58  ? -6.683  8.137   -3.477  1.00 16.31 ? 58  GLN A CD  1 
ATOM   375  O OE1 . GLN A 1 58  ? -7.487  7.204   -3.619  1.00 20.10 ? 58  GLN A OE1 1 
ATOM   376  N NE2 . GLN A 1 58  ? -7.043  9.341   -3.083  1.00 19.04 ? 58  GLN A NE2 1 
ATOM   377  N N   . TRP A 1 59  ? -1.721  7.228   -3.444  1.00 17.64 ? 59  TRP A N   1 
ATOM   378  C CA  . TRP A 1 59  ? -0.733  7.013   -2.383  1.00 16.68 ? 59  TRP A CA  1 
ATOM   379  C C   . TRP A 1 59  ? -1.408  7.076   -1.028  1.00 17.52 ? 59  TRP A C   1 
ATOM   380  O O   . TRP A 1 59  ? -2.154  8.001   -0.742  1.00 16.30 ? 59  TRP A O   1 
ATOM   381  C CB  . TRP A 1 59  ? 0.385   8.083   -2.454  1.00 17.64 ? 59  TRP A CB  1 
ATOM   382  C CG  . TRP A 1 59  ? 1.099   8.051   -3.828  1.00 16.19 ? 59  TRP A CG  1 
ATOM   383  C CD1 . TRP A 1 59  ? 0.940   8.942   -4.827  1.00 16.98 ? 59  TRP A CD1 1 
ATOM   384  C CD2 . TRP A 1 59  ? 2.023   7.062   -4.300  1.00 16.96 ? 59  TRP A CD2 1 
ATOM   385  N NE1 . TRP A 1 59  ? 1.697   8.578   -5.914  1.00 18.05 ? 59  TRP A NE1 1 
ATOM   386  C CE2 . TRP A 1 59  ? 2.398   7.442   -5.608  1.00 19.45 ? 59  TRP A CE2 1 
ATOM   387  C CE3 . TRP A 1 59  ? 2.605   5.916   -3.723  1.00 15.69 ? 59  TRP A CE3 1 
ATOM   388  C CZ2 . TRP A 1 59  ? 3.344   6.705   -6.382  1.00 17.50 ? 59  TRP A CZ2 1 
ATOM   389  C CZ3 . TRP A 1 59  ? 3.537   5.145   -4.493  1.00 17.30 ? 59  TRP A CZ3 1 
ATOM   390  C CH2 . TRP A 1 59  ? 3.893   5.560   -5.815  1.00 16.11 ? 59  TRP A CH2 1 
ATOM   391  N N   . PHE A 1 60  ? -1.112  6.112   -0.161  1.00 16.27 ? 60  PHE A N   1 
ATOM   392  C CA  . PHE A 1 60  ? -1.574  6.217   1.236   1.00 18.51 ? 60  PHE A CA  1 
ATOM   393  C C   . PHE A 1 60  ? -0.874  7.381   1.929   1.00 19.33 ? 60  PHE A C   1 
ATOM   394  O O   . PHE A 1 60  ? 0.244   7.727   1.606   1.00 20.67 ? 60  PHE A O   1 
ATOM   395  C CB  . PHE A 1 60  ? -1.305  4.884   1.959   1.00 17.10 ? 60  PHE A CB  1 
ATOM   396  C CG  . PHE A 1 60  ? -2.253  3.792   1.553   1.00 17.78 ? 60  PHE A CG  1 
ATOM   397  C CD1 . PHE A 1 60  ? -3.541  3.769   2.080   1.00 15.67 ? 60  PHE A CD1 1 
ATOM   398  C CD2 . PHE A 1 60  ? -1.890  2.800   0.638   1.00 17.22 ? 60  PHE A CD2 1 
ATOM   399  C CE1 . PHE A 1 60  ? -4.479  2.792   1.702   1.00 18.26 ? 60  PHE A CE1 1 
ATOM   400  C CE2 . PHE A 1 60  ? -2.814  1.788   0.258   1.00 15.84 ? 60  PHE A CE2 1 
ATOM   401  C CZ  . PHE A 1 60  ? -4.118  1.796   0.787   1.00 18.69 ? 60  PHE A CZ  1 
ATOM   402  N N   . GLY A 1 61  ? -1.522  8.016   2.891   1.00 20.96 ? 61  GLY A N   1 
ATOM   403  C CA  . GLY A 1 61  ? -0.880  9.178   3.479   1.00 23.47 ? 61  GLY A CA  1 
ATOM   404  C C   . GLY A 1 61  ? -1.353  10.416  2.754   1.00 24.06 ? 61  GLY A C   1 
ATOM   405  O O   . GLY A 1 61  ? -2.329  11.023  3.204   1.00 26.39 ? 61  GLY A O   1 
ATOM   406  N N   . ASP A 1 62  ? -0.748  10.776  1.607   1.00 23.52 ? 62  ASP A N   1 
ATOM   407  C CA  . ASP A 1 62  ? -1.165  12.053  0.996   1.00 23.26 ? 62  ASP A CA  1 
ATOM   408  C C   . ASP A 1 62  ? -2.391  11.977  0.096   1.00 21.52 ? 62  ASP A C   1 
ATOM   409  O O   . ASP A 1 62  ? -3.041  13.001  -0.132  1.00 21.04 ? 62  ASP A O   1 
ATOM   410  C CB  . ASP A 1 62  ? -0.016  12.865  0.358   1.00 24.48 ? 62  ASP A CB  1 
ATOM   411  C CG  . ASP A 1 62  ? 0.475   12.321  -1.012  1.00 26.26 ? 62  ASP A CG  1 
ATOM   412  O OD1 . ASP A 1 62  ? -0.012  11.328  -1.573  1.00 27.57 ? 62  ASP A OD1 1 
ATOM   413  O OD2 . ASP A 1 62  ? 1.439   12.901  -1.542  1.00 34.83 ? 62  ASP A OD2 1 
ATOM   414  N N   . GLY A 1 63  ? -2.708  10.781  -0.399  1.00 20.08 ? 63  GLY A N   1 
ATOM   415  C CA  . GLY A 1 63  ? -3.910  10.563  -1.234  1.00 18.60 ? 63  GLY A CA  1 
ATOM   416  C C   . GLY A 1 63  ? -3.786  11.161  -2.633  1.00 19.14 ? 63  GLY A C   1 
ATOM   417  O O   . GLY A 1 63  ? -4.780  11.290  -3.332  1.00 18.18 ? 63  GLY A O   1 
ATOM   418  N N   . LYS A 1 64  ? -2.574  11.527  -3.035  1.00 18.88 ? 64  LYS A N   1 
ATOM   419  C CA  . LYS A 1 64  ? -2.340  12.039  -4.383  1.00 19.87 ? 64  LYS A CA  1 
ATOM   420  C C   . LYS A 1 64  ? -2.319  10.860  -5.351  1.00 19.20 ? 64  LYS A C   1 
ATOM   421  O O   . LYS A 1 64  ? -2.209  9.686   -4.916  1.00 16.40 ? 64  LYS A O   1 
ATOM   422  C CB  . LYS A 1 64  ? -1.019  12.822  -4.446  1.00 19.71 ? 64  LYS A CB  1 
ATOM   423  C CG  . LYS A 1 64  ? -1.069  14.174  -3.763  1.00 24.05 ? 64  LYS A CG  1 
ATOM   424  C CD  . LYS A 1 64  ? 0.312   14.851  -3.727  1.00 25.59 ? 64  LYS A CD  1 
ATOM   425  C CE  . LYS A 1 64  ? 0.253   16.151  -2.886  1.00 34.63 ? 64  LYS A CE  1 
ATOM   426  N NZ  . LYS A 1 64  ? 1.216   17.204  -3.405  1.00 36.89 ? 64  LYS A NZ  1 
ATOM   427  N N   . PHE A 1 65  ? -2.369  11.172  -6.652  1.00 19.07 ? 65  PHE A N   1 
ATOM   428  C CA  . PHE A 1 65  ? -2.401  10.128  -7.689  1.00 19.64 ? 65  PHE A CA  1 
ATOM   429  C C   . PHE A 1 65  ? -1.178  10.148  -8.595  1.00 20.66 ? 65  PHE A C   1 
ATOM   430  O O   . PHE A 1 65  ? -0.660  11.234  -8.950  1.00 20.30 ? 65  PHE A O   1 
ATOM   431  C CB  . PHE A 1 65  ? -3.638  10.306  -8.588  1.00 20.34 ? 65  PHE A CB  1 
ATOM   432  C CG  . PHE A 1 65  ? -4.940  10.294  -7.838  1.00 20.57 ? 65  PHE A CG  1 
ATOM   433  C CD1 . PHE A 1 65  ? -5.543  9.085   -7.490  1.00 18.68 ? 65  PHE A CD1 1 
ATOM   434  C CD2 . PHE A 1 65  ? -5.555  11.483  -7.482  1.00 19.35 ? 65  PHE A CD2 1 
ATOM   435  C CE1 . PHE A 1 65  ? -6.769  9.055   -6.814  1.00 19.78 ? 65  PHE A CE1 1 
ATOM   436  C CE2 . PHE A 1 65  ? -6.782  11.469  -6.781  1.00 19.43 ? 65  PHE A CE2 1 
ATOM   437  C CZ  . PHE A 1 65  ? -7.377  10.253  -6.438  1.00 21.17 ? 65  PHE A CZ  1 
ATOM   438  N N   . SER A 1 66  ? -0.774  8.959   -9.043  1.00 20.50 ? 66  SER A N   1 
ATOM   439  C CA  . SER A 1 66  ? 0.339   8.819   -9.992  1.00 20.73 ? 66  SER A CA  1 
ATOM   440  C C   . SER A 1 66  ? 0.016   7.699   -10.955 1.00 20.41 ? 66  SER A C   1 
ATOM   441  O O   . SER A 1 66  ? -0.605  6.711   -10.586 1.00 19.60 ? 66  SER A O   1 
ATOM   442  C CB  . SER A 1 66  ? 1.627   8.452   -9.234  1.00 19.52 ? 66  SER A CB  1 
ATOM   443  O OG  . SER A 1 66  ? 2.094   9.549   -8.459  1.00 21.63 ? 66  SER A OG  1 
ATOM   444  N N   . GLU A 1 67  ? 0.453   7.869   -12.195 1.00 21.53 ? 67  GLU A N   1 
ATOM   445  C CA  . GLU A 1 67  ? 0.369   6.829   -13.220 1.00 21.70 ? 67  GLU A CA  1 
ATOM   446  C C   . GLU A 1 67  ? 1.704   6.091   -13.198 1.00 21.68 ? 67  GLU A C   1 
ATOM   447  O O   . GLU A 1 67  ? 2.768   6.721   -13.322 1.00 22.76 ? 67  GLU A O   1 
ATOM   448  C CB  . GLU A 1 67  ? 0.138   7.525   -14.551 1.00 22.60 ? 67  GLU A CB  1 
ATOM   449  C CG  . GLU A 1 67  ? -0.013  6.643   -15.780 1.00 23.55 ? 67  GLU A CG  1 
ATOM   450  C CD  . GLU A 1 67  ? -0.355  7.509   -16.985 1.00 28.29 ? 67  GLU A CD  1 
ATOM   451  O OE1 . GLU A 1 67  ? 0.238   8.606   -17.118 1.00 24.47 ? 67  GLU A OE1 1 
ATOM   452  O OE2 . GLU A 1 67  ? -1.227  7.113   -17.781 1.00 30.00 ? 67  GLU A OE2 1 
ATOM   453  N N   . VAL A 1 68  ? 1.650   4.780   -12.996 1.00 19.57 ? 68  VAL A N   1 
ATOM   454  C CA  . VAL A 1 68  ? 2.848   3.973   -12.786 1.00 20.93 ? 68  VAL A CA  1 
ATOM   455  C C   . VAL A 1 68  ? 2.771   2.712   -13.640 1.00 20.87 ? 68  VAL A C   1 
ATOM   456  O O   . VAL A 1 68  ? 1.742   2.065   -13.731 1.00 22.04 ? 68  VAL A O   1 
ATOM   457  C CB  . VAL A 1 68  ? 3.051   3.605   -11.289 1.00 18.88 ? 68  VAL A CB  1 
ATOM   458  C CG1 . VAL A 1 68  ? 4.422   2.875   -11.035 1.00 21.80 ? 68  VAL A CG1 1 
ATOM   459  C CG2 . VAL A 1 68  ? 2.912   4.856   -10.397 1.00 21.29 ? 68  VAL A CG2 1 
ATOM   460  N N   . SER A 1 69  ? 3.906   2.324   -14.224 1.00 23.61 ? 69  SER A N   1 
ATOM   461  C CA  . SER A 1 69  ? 3.941   1.109   -14.990 1.00 23.79 ? 69  SER A CA  1 
ATOM   462  C C   . SER A 1 69  ? 3.510   -0.125  -14.188 1.00 23.62 ? 69  SER A C   1 
ATOM   463  O O   . SER A 1 69  ? 4.011   -0.394  -13.084 1.00 22.54 ? 69  SER A O   1 
ATOM   464  C CB  . SER A 1 69  ? 5.327   0.955   -15.634 1.00 25.44 ? 69  SER A CB  1 
ATOM   465  O OG  . SER A 1 69  ? 5.467   -0.332  -16.166 1.00 28.00 ? 69  SER A OG  1 
ATOM   466  N N   . ALA A 1 70  ? 2.529   -0.868  -14.699 1.00 24.15 ? 70  ALA A N   1 
ATOM   467  C CA  . ALA A 1 70  ? 2.117   -2.105  -14.032 1.00 24.20 ? 70  ALA A CA  1 
ATOM   468  C C   . ALA A 1 70  ? 3.310   -3.046  -13.766 1.00 25.13 ? 70  ALA A C   1 
ATOM   469  O O   . ALA A 1 70  ? 3.335   -3.784  -12.760 1.00 24.32 ? 70  ALA A O   1 
ATOM   470  C CB  . ALA A 1 70  ? 1.058   -2.815  -14.847 1.00 25.07 ? 70  ALA A CB  1 
ATOM   471  N N   . ASP A 1 71  ? 4.285   -3.024  -14.670 1.00 24.96 ? 71  ASP A N   1 
ATOM   472  C CA  . ASP A 1 71  ? 5.447   -3.937  -14.556 1.00 25.97 ? 71  ASP A CA  1 
ATOM   473  C C   . ASP A 1 71  ? 6.414   -3.472  -13.488 1.00 25.33 ? 71  ASP A C   1 
ATOM   474  O O   . ASP A 1 71  ? 7.269   -4.253  -13.056 1.00 25.77 ? 71  ASP A O   1 
ATOM   475  C CB  . ASP A 1 71  ? 6.202   -4.042  -15.898 1.00 26.33 ? 71  ASP A CB  1 
ATOM   476  C CG  . ASP A 1 71  ? 5.421   -4.820  -16.953 1.00 29.88 ? 71  ASP A CG  1 
ATOM   477  O OD1 . ASP A 1 71  ? 4.609   -5.693  -16.586 1.00 31.51 ? 71  ASP A OD1 1 
ATOM   478  O OD2 . ASP A 1 71  ? 5.623   -4.550  -18.151 1.00 34.99 ? 71  ASP A OD2 1 
ATOM   479  N N   . LYS A 1 72  ? 6.299   -2.198  -13.087 1.00 24.41 ? 72  LYS A N   1 
ATOM   480  C CA  . LYS A 1 72  ? 7.150   -1.627  -12.048 1.00 23.38 ? 72  LYS A CA  1 
ATOM   481  C C   . LYS A 1 72  ? 6.536   -1.625  -10.632 1.00 23.07 ? 72  LYS A C   1 
ATOM   482  O O   . LYS A 1 72  ? 7.246   -1.411  -9.642  1.00 22.74 ? 72  LYS A O   1 
ATOM   483  C CB  . LYS A 1 72  ? 7.589   -0.227  -12.415 1.00 23.75 ? 72  LYS A CB  1 
ATOM   484  C CG  . LYS A 1 72  ? 8.451   -0.168  -13.674 1.00 24.49 ? 72  LYS A CG  1 
ATOM   485  C CD  . LYS A 1 72  ? 9.021   1.205   -13.842 1.00 28.45 ? 72  LYS A CD  1 
ATOM   486  C CE  . LYS A 1 72  ? 10.139  1.208   -14.886 1.00 30.26 ? 72  LYS A CE  1 
ATOM   487  N NZ  . LYS A 1 72  ? 10.399  2.635   -15.258 1.00 32.14 ? 72  LYS A NZ  1 
ATOM   488  N N   . LEU A 1 73  ? 5.238   -1.872  -10.532 1.00 21.25 ? 73  LEU A N   1 
ATOM   489  C CA  . LEU A 1 73  ? 4.605   -1.947  -9.210  1.00 20.04 ? 73  LEU A CA  1 
ATOM   490  C C   . LEU A 1 73  ? 4.871   -3.313  -8.631  1.00 19.99 ? 73  LEU A C   1 
ATOM   491  O O   . LEU A 1 73  ? 5.130   -4.286  -9.384  1.00 18.43 ? 73  LEU A O   1 
ATOM   492  C CB  . LEU A 1 73  ? 3.083   -1.692  -9.336  1.00 20.20 ? 73  LEU A CB  1 
ATOM   493  C CG  . LEU A 1 73  ? 2.629   -0.273  -9.699  1.00 19.59 ? 73  LEU A CG  1 
ATOM   494  C CD1 . LEU A 1 73  ? 1.158   -0.292  -10.175 1.00 20.61 ? 73  LEU A CD1 1 
ATOM   495  C CD2 . LEU A 1 73  ? 2.792   0.639   -8.506  1.00 20.75 ? 73  LEU A CD2 1 
ATOM   496  N N   . VAL A 1 74  ? 4.786   -3.423  -7.302  1.00 18.52 ? 74  VAL A N   1 
ATOM   497  C CA  . VAL A 1 74  ? 4.914   -4.706  -6.655  1.00 20.17 ? 74  VAL A CA  1 
ATOM   498  C C   . VAL A 1 74  ? 3.768   -4.855  -5.663  1.00 19.53 ? 74  VAL A C   1 
ATOM   499  O O   . VAL A 1 74  ? 3.366   -3.871  -5.079  1.00 20.29 ? 74  VAL A O   1 
ATOM   500  C CB  . VAL A 1 74  ? 6.262   -4.783  -5.914  1.00 20.95 ? 74  VAL A CB  1 
ATOM   501  C CG1 . VAL A 1 74  ? 6.367   -6.065  -5.123  1.00 22.79 ? 74  VAL A CG1 1 
ATOM   502  C CG2 . VAL A 1 74  ? 7.425   -4.685  -6.913  1.00 22.70 ? 74  VAL A CG2 1 
ATOM   503  N N   . ALA A 1 75  ? 3.265   -6.079  -5.459  1.00 18.90 ? 75  ALA A N   1 
ATOM   504  C CA  . ALA A 1 75  ? 2.217   -6.317  -4.434  1.00 19.48 ? 75  ALA A CA  1 
ATOM   505  C C   . ALA A 1 75  ? 2.676   -5.912  -3.040  1.00 18.43 ? 75  ALA A C   1 
ATOM   506  O O   . ALA A 1 75  ? 3.815   -6.238  -2.646  1.00 18.24 ? 75  ALA A O   1 
ATOM   507  C CB  . ALA A 1 75  ? 1.822   -7.805  -4.396  1.00 18.97 ? 75  ALA A CB  1 
ATOM   508  N N   . LEU A 1 76  ? 1.772   -5.298  -2.256  1.00 18.62 ? 76  LEU A N   1 
ATOM   509  C CA  . LEU A 1 76  ? 2.104   -4.919  -0.872  1.00 19.33 ? 76  LEU A CA  1 
ATOM   510  C C   . LEU A 1 76  ? 2.533   -6.145  -0.104  1.00 20.34 ? 76  LEU A C   1 
ATOM   511  O O   . LEU A 1 76  ? 3.376   -6.069  0.797   1.00 21.54 ? 76  LEU A O   1 
ATOM   512  C CB  . LEU A 1 76  ? 0.928   -4.259  -0.142  1.00 18.65 ? 76  LEU A CB  1 
ATOM   513  C CG  . LEU A 1 76  ? 1.307   -3.575  1.181   1.00 18.43 ? 76  LEU A CG  1 
ATOM   514  C CD1 . LEU A 1 76  ? 2.132   -2.267  0.928   1.00 20.74 ? 76  LEU A CD1 1 
ATOM   515  C CD2 . LEU A 1 76  ? 0.045   -3.273  2.013   1.00 20.04 ? 76  LEU A CD2 1 
ATOM   516  N N   . GLY A 1 77  ? 1.954   -7.285  -0.483  1.00 22.37 ? 77  GLY A N   1 
ATOM   517  C CA  . GLY A 1 77  ? 2.267   -8.578  0.160   1.00 22.83 ? 77  GLY A CA  1 
ATOM   518  C C   . GLY A 1 77  ? 3.735   -8.941  0.137   1.00 23.52 ? 77  GLY A C   1 
ATOM   519  O O   . GLY A 1 77  ? 4.196   -9.686  1.015   1.00 24.74 ? 77  GLY A O   1 
ATOM   520  N N   . LEU A 1 78  ? 4.490   -8.437  -0.850  1.00 23.40 ? 78  LEU A N   1 
ATOM   521  C CA  . LEU A 1 78  ? 5.953   -8.534  -0.798  1.00 23.30 ? 78  LEU A CA  1 
ATOM   522  C C   . LEU A 1 78  ? 6.467   -7.483  0.167   1.00 21.70 ? 78  LEU A C   1 
ATOM   523  O O   . LEU A 1 78  ? 7.101   -6.509  -0.207  1.00 20.80 ? 78  LEU A O   1 
ATOM   524  C CB  . LEU A 1 78  ? 6.600   -8.392  -2.189  1.00 23.81 ? 78  LEU A CB  1 
ATOM   525  C CG  . LEU A 1 78  ? 6.056   -9.412  -3.203  1.00 27.76 ? 78  LEU A CG  1 
ATOM   526  C CD1 . LEU A 1 78  ? 6.798   -9.269  -4.507  1.00 28.85 ? 78  LEU A CD1 1 
ATOM   527  C CD2 . LEU A 1 78  ? 6.141   -10.856 -2.673  1.00 30.58 ? 78  LEU A CD2 1 
ATOM   528  N N   . PHE A 1 79  ? 6.236   -7.731  1.447   1.00 21.44 ? 79  PHE A N   1 
ATOM   529  C CA  . PHE A 1 79  ? 6.316   -6.641  2.376   1.00 20.13 ? 79  PHE A CA  1 
ATOM   530  C C   . PHE A 1 79  ? 7.723   -6.344  2.863   1.00 20.21 ? 79  PHE A C   1 
ATOM   531  O O   . PHE A 1 79  ? 8.169   -5.225  2.748   1.00 19.49 ? 79  PHE A O   1 
ATOM   532  C CB  . PHE A 1 79  ? 5.417   -6.885  3.573   1.00 20.39 ? 79  PHE A CB  1 
ATOM   533  C CG  . PHE A 1 79  ? 5.371   -5.727  4.501   1.00 19.67 ? 79  PHE A CG  1 
ATOM   534  C CD1 . PHE A 1 79  ? 4.494   -4.677  4.274   1.00 20.85 ? 79  PHE A CD1 1 
ATOM   535  C CD2 . PHE A 1 79  ? 6.232   -5.673  5.593   1.00 18.84 ? 79  PHE A CD2 1 
ATOM   536  C CE1 . PHE A 1 79  ? 4.492   -3.554  5.139   1.00 20.04 ? 79  PHE A CE1 1 
ATOM   537  C CE2 . PHE A 1 79  ? 6.226   -4.559  6.477   1.00 18.56 ? 79  PHE A CE2 1 
ATOM   538  C CZ  . PHE A 1 79  ? 5.339   -3.499  6.238   1.00 18.78 ? 79  PHE A CZ  1 
ATOM   539  N N   . SER A 1 80  ? 8.408   -7.336  3.431   1.00 20.74 ? 80  SER A N   1 
ATOM   540  C CA  . SER A 1 80  ? 9.724   -7.068  4.018   1.00 22.59 ? 80  SER A CA  1 
ATOM   541  C C   . SER A 1 80  ? 10.737  -6.597  2.970   1.00 23.29 ? 80  SER A C   1 
ATOM   542  O O   . SER A 1 80  ? 11.667  -5.826  3.287   1.00 23.86 ? 80  SER A O   1 
ATOM   543  C CB  . SER A 1 80  ? 10.230  -8.313  4.720   1.00 22.53 ? 80  SER A CB  1 
ATOM   544  O OG  . SER A 1 80  ? 9.305   -8.719  5.726   1.00 23.49 ? 80  SER A OG  1 
ATOM   545  N N   . GLN A 1 81  ? 10.544  -7.063  1.733   1.00 23.82 ? 81  GLN A N   1 
ATOM   546  C CA  . GLN A 1 81  ? 11.393  -6.684  0.614   1.00 24.86 ? 81  GLN A CA  1 
ATOM   547  C C   . GLN A 1 81  ? 11.386  -5.172  0.346   1.00 23.90 ? 81  GLN A C   1 
ATOM   548  O O   . GLN A 1 81  ? 12.433  -4.580  0.015   1.00 24.36 ? 81  GLN A O   1 
ATOM   549  C CB  . GLN A 1 81  ? 10.974  -7.429  -0.668  1.00 26.06 ? 81  GLN A CB  1 
ATOM   550  C CG  . GLN A 1 81  ? 11.034  -8.989  -0.594  1.00 31.72 ? 81  GLN A CG  1 
ATOM   551  C CD  . GLN A 1 81  ? 9.694   -9.674  -0.248  1.00 35.42 ? 81  GLN A CD  1 
ATOM   552  O OE1 . GLN A 1 81  ? 8.964   -9.254  0.653   1.00 29.97 ? 81  GLN A OE1 1 
ATOM   553  N NE2 . GLN A 1 81  ? 9.404   -10.783 -0.946  1.00 37.70 ? 81  GLN A NE2 1 
ATOM   554  N N   . HIS A 1 82  ? 10.218  -4.548  0.462   1.00 20.92 ? 82  HIS A N   1 
ATOM   555  C CA  . HIS A 1 82  ? 10.091  -3.163  0.059   1.00 18.21 ? 82  HIS A CA  1 
ATOM   556  C C   . HIS A 1 82  ? 9.899   -2.176  1.187   1.00 17.27 ? 82  HIS A C   1 
ATOM   557  O O   . HIS A 1 82  ? 10.167  -0.991  1.009   1.00 16.37 ? 82  HIS A O   1 
ATOM   558  C CB  . HIS A 1 82  ? 9.008   -3.031  -1.011  1.00 18.53 ? 82  HIS A CB  1 
ATOM   559  C CG  . HIS A 1 82  ? 9.419   -3.694  -2.280  1.00 21.54 ? 82  HIS A CG  1 
ATOM   560  N ND1 . HIS A 1 82  ? 9.151   -5.014  -2.533  1.00 25.20 ? 82  HIS A ND1 1 
ATOM   561  C CD2 . HIS A 1 82  ? 10.184  -3.255  -3.307  1.00 21.78 ? 82  HIS A CD2 1 
ATOM   562  C CE1 . HIS A 1 82  ? 9.660   -5.343  -3.715  1.00 20.35 ? 82  HIS A CE1 1 
ATOM   563  N NE2 . HIS A 1 82  ? 10.316  -4.305  -4.189  1.00 25.08 ? 82  HIS A NE2 1 
ATOM   564  N N   . PHE A 1 83  ? 9.495   -2.665  2.351   1.00 15.41 ? 83  PHE A N   1 
ATOM   565  C CA  . PHE A 1 83  ? 9.529   -1.818  3.559   1.00 15.90 ? 83  PHE A CA  1 
ATOM   566  C C   . PHE A 1 83  ? 10.949  -1.341  3.874   1.00 16.10 ? 83  PHE A C   1 
ATOM   567  O O   . PHE A 1 83  ? 11.933  -2.060  3.642   1.00 17.89 ? 83  PHE A O   1 
ATOM   568  C CB  . PHE A 1 83  ? 8.956   -2.561  4.770   1.00 16.51 ? 83  PHE A CB  1 
ATOM   569  C CG  . PHE A 1 83  ? 8.984   -1.773  6.064   1.00 15.42 ? 83  PHE A CG  1 
ATOM   570  C CD1 . PHE A 1 83  ? 7.988   -0.824  6.344   1.00 17.57 ? 83  PHE A CD1 1 
ATOM   571  C CD2 . PHE A 1 83  ? 9.981   -2.038  7.041   1.00 15.39 ? 83  PHE A CD2 1 
ATOM   572  C CE1 . PHE A 1 83  ? 7.980   -0.103  7.551   1.00 15.57 ? 83  PHE A CE1 1 
ATOM   573  C CE2 . PHE A 1 83  ? 9.984   -1.327  8.263   1.00 16.15 ? 83  PHE A CE2 1 
ATOM   574  C CZ  . PHE A 1 83  ? 8.982   -0.339  8.510   1.00 16.03 ? 83  PHE A CZ  1 
ATOM   575  N N   . ASN A 1 84  ? 11.062  -0.094  4.326   1.00 16.34 ? 84  ASN A N   1 
ATOM   576  C CA  . ASN A 1 84  ? 12.374  0.473   4.658   1.00 17.62 ? 84  ASN A CA  1 
ATOM   577  C C   . ASN A 1 84  ? 12.367  1.106   6.043   1.00 17.56 ? 84  ASN A C   1 
ATOM   578  O O   . ASN A 1 84  ? 11.819  2.186   6.237   1.00 15.26 ? 84  ASN A O   1 
ATOM   579  C CB  . ASN A 1 84  ? 12.750  1.526   3.621   1.00 18.62 ? 84  ASN A CB  1 
ATOM   580  C CG  . ASN A 1 84  ? 14.189  1.906   3.714   1.00 21.27 ? 84  ASN A CG  1 
ATOM   581  O OD1 . ASN A 1 84  ? 14.640  2.410   4.731   1.00 20.50 ? 84  ASN A OD1 1 
ATOM   582  N ND2 . ASN A 1 84  ? 14.953  1.579   2.677   1.00 24.91 ? 84  ASN A ND2 1 
ATOM   583  N N   . LEU A 1 85  ? 12.948  0.411   7.011   1.00 16.63 ? 85  LEU A N   1 
ATOM   584  C CA  . LEU A 1 85  ? 12.911  0.897   8.388   1.00 17.97 ? 85  LEU A CA  1 
ATOM   585  C C   . LEU A 1 85  ? 13.666  2.253   8.531   1.00 16.80 ? 85  LEU A C   1 
ATOM   586  O O   . LEU A 1 85  ? 13.306  3.064   9.343   1.00 16.79 ? 85  LEU A O   1 
ATOM   587  C CB  . LEU A 1 85  ? 13.547  -0.148  9.291   1.00 18.78 ? 85  LEU A CB  1 
ATOM   588  C CG  . LEU A 1 85  ? 13.643  0.179   10.784  1.00 20.17 ? 85  LEU A CG  1 
ATOM   589  C CD1 . LEU A 1 85  ? 12.272  0.399   11.386  1.00 21.20 ? 85  LEU A CD1 1 
ATOM   590  C CD2 . LEU A 1 85  ? 14.408  -0.936  11.494  1.00 20.95 ? 85  LEU A CD2 1 
ATOM   591  N N   . ALA A 1 86  ? 14.711  2.462   7.740   1.00 16.56 ? 86  ALA A N   1 
ATOM   592  C CA  . ALA A 1 86  ? 15.453  3.728   7.849   1.00 16.32 ? 86  ALA A CA  1 
ATOM   593  C C   . ALA A 1 86  ? 14.557  4.902   7.481   1.00 16.86 ? 86  ALA A C   1 
ATOM   594  O O   . ALA A 1 86  ? 14.544  5.924   8.191   1.00 14.84 ? 86  ALA A O   1 
ATOM   595  C CB  . ALA A 1 86  ? 16.719  3.725   7.004   1.00 16.50 ? 86  ALA A CB  1 
ATOM   596  N N   . THR A 1 87  ? 13.813  4.737   6.383   1.00 16.02 ? 87  THR A N   1 
ATOM   597  C CA  . THR A 1 87  ? 12.883  5.778   5.906   1.00 16.95 ? 87  THR A CA  1 
ATOM   598  C C   . THR A 1 87  ? 11.744  5.927   6.902   1.00 15.57 ? 87  THR A C   1 
ATOM   599  O O   . THR A 1 87  ? 11.338  7.038   7.234   1.00 15.38 ? 87  THR A O   1 
ATOM   600  C CB  . THR A 1 87  ? 12.331  5.436   4.514   1.00 17.52 ? 87  THR A CB  1 
ATOM   601  O OG1 . THR A 1 87  ? 13.439  5.249   3.609   1.00 20.45 ? 87  THR A OG1 1 
ATOM   602  C CG2 . THR A 1 87  ? 11.510  6.581   3.975   1.00 17.81 ? 87  THR A CG2 1 
ATOM   603  N N   . PHE A 1 88  ? 11.280  4.787   7.423   1.00 15.06 ? 88  PHE A N   1 
ATOM   604  C CA  . PHE A 1 88  ? 10.258  4.771   8.475   1.00 14.52 ? 88  PHE A CA  1 
ATOM   605  C C   . PHE A 1 88  ? 10.693  5.637   9.683   1.00 14.32 ? 88  PHE A C   1 
ATOM   606  O O   . PHE A 1 88  ? 9.910   6.447   10.185  1.00 14.40 ? 88  PHE A O   1 
ATOM   607  C CB  . PHE A 1 88  ? 9.975   3.319   8.905   1.00 14.47 ? 88  PHE A CB  1 
ATOM   608  C CG  . PHE A 1 88  ? 8.857   3.181   9.913   1.00 15.41 ? 88  PHE A CG  1 
ATOM   609  C CD1 . PHE A 1 88  ? 7.561   2.877   9.498   1.00 17.15 ? 88  PHE A CD1 1 
ATOM   610  C CD2 . PHE A 1 88  ? 9.090   3.394   11.276  1.00 16.65 ? 88  PHE A CD2 1 
ATOM   611  C CE1 . PHE A 1 88  ? 6.537   2.757   10.447  1.00 17.22 ? 88  PHE A CE1 1 
ATOM   612  C CE2 . PHE A 1 88  ? 8.049   3.269   12.213  1.00 16.97 ? 88  PHE A CE2 1 
ATOM   613  C CZ  . PHE A 1 88  ? 6.789   2.941   11.789  1.00 17.09 ? 88  PHE A CZ  1 
ATOM   614  N N   . ASN A 1 89  ? 11.915  5.454   10.155  1.00 14.45 ? 89  ASN A N   1 
ATOM   615  C CA  . ASN A 1 89  ? 12.370  6.233   11.306  1.00 15.77 ? 89  ASN A CA  1 
ATOM   616  C C   . ASN A 1 89  ? 12.670  7.711   10.993  1.00 16.27 ? 89  ASN A C   1 
ATOM   617  O O   . ASN A 1 89  ? 12.599  8.583   11.868  1.00 16.01 ? 89  ASN A O   1 
ATOM   618  C CB  . ASN A 1 89  ? 13.558  5.527   11.970  1.00 15.65 ? 89  ASN A CB  1 
ATOM   619  C CG  . ASN A 1 89  ? 13.100  4.306   12.760  1.00 18.75 ? 89  ASN A CG  1 
ATOM   620  O OD1 . ASN A 1 89  ? 11.911  4.220   13.143  1.00 18.98 ? 89  ASN A OD1 1 
ATOM   621  N ND2 . ASN A 1 89  ? 14.036  3.394   13.064  1.00 21.13 ? 89  ASN A ND2 1 
ATOM   622  N N   . LYS A 1 90  ? 13.009  7.971   9.728   1.00 16.43 ? 90  LYS A N   1 
ATOM   623  C CA  . LYS A 1 90  ? 13.255  9.337   9.272   1.00 16.87 ? 90  LYS A CA  1 
ATOM   624  C C   . LYS A 1 90  ? 11.974  10.147  9.128   1.00 17.16 ? 90  LYS A C   1 
ATOM   625  O O   . LYS A 1 90  ? 11.908  11.290  9.591   1.00 19.30 ? 90  LYS A O   1 
ATOM   626  C CB  . LYS A 1 90  ? 13.960  9.302   7.918   1.00 17.65 ? 90  LYS A CB  1 
ATOM   627  C CG  . LYS A 1 90  ? 15.432  8.901   7.998   1.00 17.30 ? 90  LYS A CG  1 
ATOM   628  C CD  . LYS A 1 90  ? 15.975  8.733   6.559   1.00 22.18 ? 90  LYS A CD  1 
ATOM   629  C CE  . LYS A 1 90  ? 17.499  8.824   6.525   1.00 29.63 ? 90  LYS A CE  1 
ATOM   630  N NZ  . LYS A 1 90  ? 18.113  7.853   5.555   1.00 33.36 ? 90  LYS A NZ  1 
ATOM   631  N N   . LEU A 1 91  ? 10.953  9.572   8.500   1.00 17.26 ? 91  LEU A N   1 
ATOM   632  C CA  . LEU A 1 91  ? 9.812   10.372  8.041   1.00 17.70 ? 91  LEU A CA  1 
ATOM   633  C C   . LEU A 1 91  ? 8.454   10.050  8.681   1.00 18.11 ? 91  LEU A C   1 
ATOM   634  O O   . LEU A 1 91  ? 7.915   8.961   8.503   1.00 16.42 ? 91  LEU A O   1 
ATOM   635  C CB  . LEU A 1 91  ? 9.673   10.254  6.530   1.00 17.00 ? 91  LEU A CB  1 
ATOM   636  C CG  . LEU A 1 91  ? 10.879  10.693  5.686   1.00 18.84 ? 91  LEU A CG  1 
ATOM   637  C CD1 . LEU A 1 91  ? 10.544  10.531  4.226   1.00 21.85 ? 91  LEU A CD1 1 
ATOM   638  C CD2 . LEU A 1 91  ? 11.300  12.139  6.047   1.00 22.69 ? 91  LEU A CD2 1 
ATOM   639  N N   . VAL A 1 92  ? 7.872   10.999  9.403   1.00 18.73 ? 92  VAL A N   1 
ATOM   640  C CA  . VAL A 1 92  ? 6.531   10.751  9.969   1.00 18.96 ? 92  VAL A CA  1 
ATOM   641  C C   . VAL A 1 92  ? 5.525   10.529  8.821   1.00 18.36 ? 92  VAL A C   1 
ATOM   642  O O   . VAL A 1 92  ? 4.558   9.736   8.962   1.00 18.26 ? 92  VAL A O   1 
ATOM   643  C CB  . VAL A 1 92  ? 6.085   11.914  10.929  1.00 20.21 ? 92  VAL A CB  1 
ATOM   644  C CG1 . VAL A 1 92  ? 5.904   13.162  10.159  1.00 22.71 ? 92  VAL A CG1 1 
ATOM   645  C CG2 . VAL A 1 92  ? 4.803   11.532  11.688  1.00 21.46 ? 92  VAL A CG2 1 
ATOM   646  N N   . SER A 1 93  ? 5.788   11.151  7.668   1.00 17.69 ? 93  SER A N   1 
ATOM   647  C CA  . SER A 1 93  ? 4.919   10.981  6.491   1.00 18.83 ? 93  SER A CA  1 
ATOM   648  C C   . SER A 1 93  ? 4.884   9.497   6.052   1.00 17.89 ? 93  SER A C   1 
ATOM   649  O O   . SER A 1 93  ? 3.815   8.971   5.699   1.00 17.23 ? 93  SER A O   1 
ATOM   650  C CB  . SER A 1 93  ? 5.319   11.911  5.330   1.00 19.17 ? 93  SER A CB  1 
ATOM   651  O OG  . SER A 1 93  ? 6.579   11.634  4.770   1.00 19.85 ? 93  SER A OG  1 
ATOM   652  N N   . TYR A 1 94  ? 6.045   8.835   6.132   1.00 16.76 ? 94  TYR A N   1 
ATOM   653  C CA  . TYR A 1 94  ? 6.128   7.406   5.792   1.00 16.37 ? 94  TYR A CA  1 
ATOM   654  C C   . TYR A 1 94  ? 5.441   6.528   6.844   1.00 16.30 ? 94  TYR A C   1 
ATOM   655  O O   . TYR A 1 94  ? 4.693   5.572   6.508   1.00 16.30 ? 94  TYR A O   1 
ATOM   656  C CB  . TYR A 1 94  ? 7.582   7.004   5.618   1.00 15.82 ? 94  TYR A CB  1 
ATOM   657  C CG  . TYR A 1 94  ? 7.830   5.609   5.111   1.00 15.61 ? 94  TYR A CG  1 
ATOM   658  C CD1 . TYR A 1 94  ? 8.035   5.361   3.740   1.00 17.05 ? 94  TYR A CD1 1 
ATOM   659  C CD2 . TYR A 1 94  ? 7.951   4.533   6.001   1.00 17.03 ? 94  TYR A CD2 1 
ATOM   660  C CE1 . TYR A 1 94  ? 8.315   4.072   3.270   1.00 13.94 ? 94  TYR A CE1 1 
ATOM   661  C CE2 . TYR A 1 94  ? 8.244   3.232   5.527   1.00 16.12 ? 94  TYR A CE2 1 
ATOM   662  C CZ  . TYR A 1 94  ? 8.429   3.017   4.182   1.00 17.71 ? 94  TYR A CZ  1 
ATOM   663  O OH  . TYR A 1 94  ? 8.730   1.736   3.726   1.00 16.43 ? 94  TYR A OH  1 
ATOM   664  N N   . ARG A 1 95  ? 5.639   6.890   8.099   1.00 16.50 ? 95  ARG A N   1 
ATOM   665  C CA  . ARG A 1 95  ? 4.950   6.186   9.200   1.00 16.11 ? 95  ARG A CA  1 
ATOM   666  C C   . ARG A 1 95  ? 3.442   6.281   9.025   1.00 17.51 ? 95  ARG A C   1 
ATOM   667  O O   . ARG A 1 95  ? 2.762   5.268   9.169   1.00 17.31 ? 95  ARG A O   1 
ATOM   668  C CB  . ARG A 1 95  ? 5.418   6.676   10.562  1.00 15.93 ? 95  ARG A CB  1 
ATOM   669  C CG  . ARG A 1 95  ? 6.926   6.450   10.778  1.00 16.41 ? 95  ARG A CG  1 
ATOM   670  C CD  . ARG A 1 95  ? 7.327   6.551   12.244  1.00 19.30 ? 95  ARG A CD  1 
ATOM   671  N NE  . ARG A 1 95  ? 7.230   7.906   12.809  1.00 19.00 ? 95  ARG A NE  1 
ATOM   672  C CZ  . ARG A 1 95  ? 8.163   8.865   12.701  1.00 21.76 ? 95  ARG A CZ  1 
ATOM   673  N NH1 . ARG A 1 95  ? 9.291   8.677   12.003  1.00 21.18 ? 95  ARG A NH1 1 
ATOM   674  N NH2 . ARG A 1 95  ? 7.966   10.042  13.303  1.00 20.61 ? 95  ARG A NH2 1 
ATOM   675  N N   . LYS A 1 96  ? 2.930   7.478   8.701   1.00 17.19 ? 96  LYS A N   1 
ATOM   676  C CA  . LYS A 1 96  ? 1.490   7.664   8.454   1.00 18.08 ? 96  LYS A CA  1 
ATOM   677  C C   . LYS A 1 96  ? 1.022   6.863   7.244   1.00 17.30 ? 96  LYS A C   1 
ATOM   678  O O   . LYS A 1 96  ? 0.015   6.151   7.328   1.00 16.39 ? 96  LYS A O   1 
ATOM   679  C CB  . LYS A 1 96  ? 1.159   9.148   8.317   1.00 20.53 ? 96  LYS A CB  1 
ATOM   680  C CG  . LYS A 1 96  ? 1.088   9.787   9.706   1.00 24.21 ? 96  LYS A CG  1 
ATOM   681  C CD  . LYS A 1 96  ? 0.798   11.283  9.609   1.00 30.85 ? 96  LYS A CD  1 
ATOM   682  C CE  . LYS A 1 96  ? 0.171   11.775  10.911  1.00 33.77 ? 96  LYS A CE  1 
ATOM   683  N NZ  . LYS A 1 96  ? -0.119  13.240  10.907  1.00 37.92 ? 96  LYS A NZ  1 
ATOM   684  N N   . ALA A 1 97  ? 1.786   6.920   6.142   1.00 16.66 ? 97  ALA A N   1 
ATOM   685  C CA  . ALA A 1 97  ? 1.495   6.107   4.963   1.00 15.51 ? 97  ALA A CA  1 
ATOM   686  C C   . ALA A 1 97  ? 1.363   4.626   5.322   1.00 15.27 ? 97  ALA A C   1 
ATOM   687  O O   . ALA A 1 97  ? 0.395   3.960   4.950   1.00 16.39 ? 97  ALA A O   1 
ATOM   688  C CB  . ALA A 1 97  ? 2.595   6.296   3.866   1.00 15.39 ? 97  ALA A CB  1 
ATOM   689  N N   . MET A 1 98  ? 2.319   4.104   6.077   1.00 14.85 ? 98  MET A N   1 
ATOM   690  C CA  . MET A 1 98  ? 2.305   2.682   6.425   1.00 14.87 ? 98  MET A CA  1 
ATOM   691  C C   . MET A 1 98  ? 1.119   2.331   7.299   1.00 15.76 ? 98  MET A C   1 
ATOM   692  O O   . MET A 1 98  ? 0.513   1.308   7.106   1.00 14.41 ? 98  MET A O   1 
ATOM   693  C CB  . MET A 1 98  ? 3.599   2.259   7.113   1.00 14.46 ? 98  MET A CB  1 
ATOM   694  C CG  . MET A 1 98  ? 4.810   2.428   6.252   1.00 17.53 ? 98  MET A CG  1 
ATOM   695  S SD  . MET A 1 98  ? 4.741   1.519   4.685   1.00 20.20 ? 98  MET A SD  1 
ATOM   696  C CE  . MET A 1 98  ? 4.103   -0.067  5.273   1.00 18.67 ? 98  MET A CE  1 
ATOM   697  N N   . TYR A 1 99  ? 0.772   3.212   8.218   1.00 15.10 ? 99  TYR A N   1 
ATOM   698  C CA  . TYR A 1 99  ? -0.388  2.973   9.051   1.00 16.34 ? 99  TYR A CA  1 
ATOM   699  C C   . TYR A 1 99  ? -1.654  2.802   8.200   1.00 16.47 ? 99  TYR A C   1 
ATOM   700  O O   . TYR A 1 99  ? -2.421  1.843   8.375   1.00 17.13 ? 99  TYR A O   1 
ATOM   701  C CB  . TYR A 1 99  ? -0.607  4.122   10.056  1.00 17.29 ? 99  TYR A CB  1 
ATOM   702  C CG  . TYR A 1 99  ? -1.931  3.911   10.761  1.00 19.56 ? 99  TYR A CG  1 
ATOM   703  C CD1 . TYR A 1 99  ? -2.039  2.962   11.787  1.00 23.18 ? 99  TYR A CD1 1 
ATOM   704  C CD2 . TYR A 1 99  ? -3.080  4.581   10.337  1.00 24.35 ? 99  TYR A CD2 1 
ATOM   705  C CE1 . TYR A 1 99  ? -3.265  2.726   12.412  1.00 24.12 ? 99  TYR A CE1 1 
ATOM   706  C CE2 . TYR A 1 99  ? -4.305  4.342   10.951  1.00 21.75 ? 99  TYR A CE2 1 
ATOM   707  C CZ  . TYR A 1 99  ? -4.379  3.432   11.971  1.00 22.09 ? 99  TYR A CZ  1 
ATOM   708  O OH  . TYR A 1 99  ? -5.599  3.204   12.567  1.00 24.52 ? 99  TYR A OH  1 
ATOM   709  N N   . HIS A 1 100 ? -1.893  3.758   7.318   1.00 16.69 ? 100 HIS A N   1 
ATOM   710  C CA  . HIS A 1 100 ? -3.106  3.720   6.496   1.00 17.09 ? 100 HIS A CA  1 
ATOM   711  C C   . HIS A 1 100 ? -3.112  2.509   5.571   1.00 16.50 ? 100 HIS A C   1 
ATOM   712  O O   . HIS A 1 100 ? -4.133  1.858   5.424   1.00 15.57 ? 100 HIS A O   1 
ATOM   713  C CB  . HIS A 1 100 ? -3.309  5.033   5.762   1.00 17.34 ? 100 HIS A CB  1 
ATOM   714  C CG  . HIS A 1 100 ? -3.652  6.149   6.695   1.00 21.67 ? 100 HIS A CG  1 
ATOM   715  N ND1 . HIS A 1 100 ? -4.810  6.148   7.442   1.00 24.75 ? 100 HIS A ND1 1 
ATOM   716  C CD2 . HIS A 1 100 ? -2.962  7.252   7.068   1.00 24.69 ? 100 HIS A CD2 1 
ATOM   717  C CE1 . HIS A 1 100 ? -4.836  7.225   8.212   1.00 26.96 ? 100 HIS A CE1 1 
ATOM   718  N NE2 . HIS A 1 100 ? -3.737  7.923   7.989   1.00 22.68 ? 100 HIS A NE2 1 
ATOM   719  N N   . ALA A 1 101 ? -1.970  2.220   4.956   1.00 15.70 ? 101 ALA A N   1 
ATOM   720  C CA  . ALA A 1 101 ? -1.845  1.044   4.111   1.00 15.63 ? 101 ALA A CA  1 
ATOM   721  C C   . ALA A 1 101 ? -2.138  -0.243  4.892   1.00 15.49 ? 101 ALA A C   1 
ATOM   722  O O   . ALA A 1 101 ? -2.895  -1.096  4.401   1.00 15.88 ? 101 ALA A O   1 
ATOM   723  C CB  . ALA A 1 101 ? -0.429  0.967   3.532   1.00 16.20 ? 101 ALA A CB  1 
ATOM   724  N N   . LEU A 1 102 ? -1.518  -0.398  6.064   1.00 14.39 ? 102 LEU A N   1 
ATOM   725  C CA  . LEU A 1 102 ? -1.669  -1.644  6.812   1.00 16.05 ? 102 LEU A CA  1 
ATOM   726  C C   . LEU A 1 102 ? -3.037  -1.715  7.476   1.00 15.58 ? 102 LEU A C   1 
ATOM   727  O O   . LEU A 1 102 ? -3.569  -2.794  7.698   1.00 16.45 ? 102 LEU A O   1 
ATOM   728  C CB  . LEU A 1 102 ? -0.557  -1.825  7.817   1.00 14.88 ? 102 LEU A CB  1 
ATOM   729  C CG  . LEU A 1 102 ? 0.802   -2.081  7.149   1.00 13.34 ? 102 LEU A CG  1 
ATOM   730  C CD1 . LEU A 1 102 ? 1.880   -1.994  8.225   1.00 16.24 ? 102 LEU A CD1 1 
ATOM   731  C CD2 . LEU A 1 102 ? 0.825   -3.430  6.419   1.00 17.05 ? 102 LEU A CD2 1 
ATOM   732  N N   . GLU A 1 103 ? -3.589  -0.563  7.799   1.00 16.46 ? 103 GLU A N   1 
ATOM   733  C CA  . GLU A 1 103 ? -4.983  -0.543  8.278   1.00 18.36 ? 103 GLU A CA  1 
ATOM   734  C C   . GLU A 1 103 ? -5.962  -1.063  7.226   1.00 18.98 ? 103 GLU A C   1 
ATOM   735  O O   . GLU A 1 103 ? -6.810  -1.890  7.541   1.00 19.56 ? 103 GLU A O   1 
ATOM   736  C CB  . GLU A 1 103 ? -5.368  0.863   8.744   1.00 18.83 ? 103 GLU A CB  1 
ATOM   737  C CG  . GLU A 1 103 ? -6.827  0.985   9.267   1.00 22.04 ? 103 GLU A CG  1 
ATOM   738  C CD  . GLU A 1 103 ? -7.114  0.218   10.573  1.00 24.61 ? 103 GLU A CD  1 
ATOM   739  O OE1 . GLU A 1 103 ? -6.264  -0.535  11.107  1.00 22.74 ? 103 GLU A OE1 1 
ATOM   740  O OE2 . GLU A 1 103 ? -8.257  0.374   11.060  1.00 28.30 ? 103 GLU A OE2 1 
ATOM   741  N N   . LYS A 1 104 ? -5.793  -0.632  5.968   1.00 19.32 ? 104 LYS A N   1 
ATOM   742  C CA  . LYS A 1 104 ? -6.597  -1.124  4.844   1.00 19.87 ? 104 LYS A CA  1 
ATOM   743  C C   . LYS A 1 104 ? -6.409  -2.656  4.716   1.00 19.32 ? 104 LYS A C   1 
ATOM   744  O O   . LYS A 1 104 ? -7.396  -3.420  4.540   1.00 18.65 ? 104 LYS A O   1 
ATOM   745  C CB  . LYS A 1 104 ? -6.173  -0.405  3.543   1.00 19.87 ? 104 LYS A CB  1 
ATOM   746  C CG  . LYS A 1 104 ? -7.002  -0.803  2.298   1.00 24.04 ? 104 LYS A CG  1 
ATOM   747  C CD  . LYS A 1 104 ? -8.473  -0.350  2.389   1.00 27.08 ? 104 LYS A CD  1 
ATOM   748  C CE  . LYS A 1 104 ? -8.666  1.061   1.884   1.00 29.79 ? 104 LYS A CE  1 
ATOM   749  N NZ  . LYS A 1 104 ? -10.100 1.474   1.606   1.00 31.75 ? 104 LYS A NZ  1 
ATOM   750  N N   . ALA A 1 105 ? -5.136  -3.093  4.770   1.00 18.66 ? 105 ALA A N   1 
ATOM   751  C CA  . ALA A 1 105 ? -4.787  -4.536  4.776   1.00 18.80 ? 105 ALA A CA  1 
ATOM   752  C C   . ALA A 1 105 ? -5.470  -5.289  5.889   1.00 19.02 ? 105 ALA A C   1 
ATOM   753  O O   . ALA A 1 105 ? -6.013  -6.379  5.679   1.00 19.96 ? 105 ALA A O   1 
ATOM   754  C CB  . ALA A 1 105 ? -3.277  -4.718  4.889   1.00 18.26 ? 105 ALA A CB  1 
ATOM   755  N N   . ARG A 1 106 ? -5.405  -4.730  7.104   1.00 18.59 ? 106 ARG A N   1 
ATOM   756  C CA  . ARG A 1 106 ? -5.919  -5.390  8.288   1.00 19.02 ? 106 ARG A CA  1 
ATOM   757  C C   . ARG A 1 106 ? -7.431  -5.586  8.179   1.00 19.28 ? 106 ARG A C   1 
ATOM   758  O O   . ARG A 1 106 ? -7.940  -6.633  8.545   1.00 20.15 ? 106 ARG A O   1 
ATOM   759  C CB  . ARG A 1 106 ? -5.629  -4.543  9.523   1.00 17.99 ? 106 ARG A CB  1 
ATOM   760  C CG  . ARG A 1 106 ? -6.076  -5.174  10.829  1.00 18.43 ? 106 ARG A CG  1 
ATOM   761  C CD  . ARG A 1 106 ? -6.157  -4.155  11.981  1.00 20.77 ? 106 ARG A CD  1 
ATOM   762  N NE  . ARG A 1 106 ? -7.170  -3.098  11.832  1.00 21.32 ? 106 ARG A NE  1 
ATOM   763  C CZ  . ARG A 1 106 ? -8.464  -3.213  12.170  1.00 24.46 ? 106 ARG A CZ  1 
ATOM   764  N NH1 . ARG A 1 106 ? -8.952  -4.368  12.644  1.00 21.41 ? 106 ARG A NH1 1 
ATOM   765  N NH2 . ARG A 1 106 ? -9.277  -2.178  12.019  1.00 21.98 ? 106 ARG A NH2 1 
ATOM   766  N N   . VAL A 1 107 ? -8.120  -4.565  7.703   1.00 18.98 ? 107 VAL A N   1 
ATOM   767  C CA  . VAL A 1 107 ? -9.595  -4.609  7.581   1.00 20.42 ? 107 VAL A CA  1 
ATOM   768  C C   . VAL A 1 107 ? -9.997  -5.624  6.493   1.00 20.06 ? 107 VAL A C   1 
ATOM   769  O O   . VAL A 1 107 ? -10.942 -6.420  6.652   1.00 20.29 ? 107 VAL A O   1 
ATOM   770  C CB  . VAL A 1 107 ? -10.162 -3.184  7.326   1.00 21.43 ? 107 VAL A CB  1 
ATOM   771  C CG1 . VAL A 1 107 ? -11.629 -3.221  6.849   1.00 22.67 ? 107 VAL A CG1 1 
ATOM   772  C CG2 . VAL A 1 107 ? -10.006 -2.329  8.608   1.00 19.97 ? 107 VAL A CG2 1 
ATOM   773  N N   . ARG A 1 108 ? -9.233  -5.651  5.416   1.00 18.68 ? 108 ARG A N   1 
ATOM   774  C CA  . ARG A 1 108 ? -9.442  -6.663  4.380   1.00 19.40 ? 108 ARG A CA  1 
ATOM   775  C C   . ARG A 1 108 ? -9.270  -8.068  4.866   1.00 19.22 ? 108 ARG A C   1 
ATOM   776  O O   . ARG A 1 108 ? -10.091 -8.928  4.510   1.00 19.32 ? 108 ARG A O   1 
ATOM   777  C CB  . ARG A 1 108 ? -8.576  -6.403  3.163   1.00 19.72 ? 108 ARG A CB  1 
ATOM   778  C CG  . ARG A 1 108 ? -9.138  -5.298  2.376   1.00 21.41 ? 108 ARG A CG  1 
ATOM   779  C CD  . ARG A 1 108 ? -8.498  -5.260  1.047   1.00 23.66 ? 108 ARG A CD  1 
ATOM   780  N NE  . ARG A 1 108 ? -8.912  -4.089  0.297   1.00 25.39 ? 108 ARG A NE  1 
ATOM   781  C CZ  . ARG A 1 108 ? -8.290  -3.685  -0.795  1.00 24.06 ? 108 ARG A CZ  1 
ATOM   782  N NH1 . ARG A 1 108 ? -7.247  -4.385  -1.239  1.00 22.34 ? 108 ARG A NH1 1 
ATOM   783  N NH2 . ARG A 1 108 ? -8.708  -2.595  -1.443  1.00 22.32 ? 108 ARG A NH2 1 
ATOM   784  N N   . ALA A 1 109 ? -8.266  -8.297  5.715   1.00 19.07 ? 109 ALA A N   1 
ATOM   785  C CA  . ALA A 1 109 ? -7.939  -9.633  6.158   1.00 19.35 ? 109 ALA A CA  1 
ATOM   786  C C   . ALA A 1 109 ? -8.832  -10.080 7.318   1.00 20.25 ? 109 ALA A C   1 
ATOM   787  O O   . ALA A 1 109 ? -8.756  -11.209 7.741   1.00 21.09 ? 109 ALA A O   1 
ATOM   788  C CB  . ALA A 1 109 ? -6.483  -9.704  6.528   1.00 19.01 ? 109 ALA A CB  1 
ATOM   789  N N   . GLY A 1 110 ? -9.673  -9.179  7.817   1.00 21.88 ? 110 GLY A N   1 
ATOM   790  C CA  . GLY A 1 110 ? -10.407 -9.413  9.079   1.00 21.35 ? 110 GLY A CA  1 
ATOM   791  C C   . GLY A 1 110 ? -9.564  -9.664  10.332  1.00 22.13 ? 110 GLY A C   1 
ATOM   792  O O   . GLY A 1 110 ? -9.985  -10.395 11.254  1.00 22.71 ? 110 GLY A O   1 
ATOM   793  N N   . LYS A 1 111 ? -8.376  -9.047  10.378  1.00 20.83 ? 111 LYS A N   1 
ATOM   794  C CA  . LYS A 1 111 ? -7.411  -9.180  11.443  1.00 20.87 ? 111 LYS A CA  1 
ATOM   795  C C   . LYS A 1 111 ? -7.709  -8.097  12.481  1.00 20.85 ? 111 LYS A C   1 
ATOM   796  O O   . LYS A 1 111 ? -8.303  -7.055  12.147  1.00 19.85 ? 111 LYS A O   1 
ATOM   797  C CB  . LYS A 1 111 ? -5.990  -8.955  10.873  1.00 20.56 ? 111 LYS A CB  1 
ATOM   798  C CG  . LYS A 1 111 ? -4.828  -9.158  11.864  1.00 20.41 ? 111 LYS A CG  1 
ATOM   799  C CD  . LYS A 1 111 ? -4.550  -10.646 12.096  1.00 17.98 ? 111 LYS A CD  1 
ATOM   800  C CE  . LYS A 1 111 ? -3.327  -10.876 13.023  1.00 19.61 ? 111 LYS A CE  1 
ATOM   801  N NZ  . LYS A 1 111 ? -3.089  -12.331 13.149  1.00 23.77 ? 111 LYS A NZ  1 
ATOM   802  N N   . THR A 1 112 ? -7.326  -8.386  13.721  1.00 21.51 ? 112 THR A N   1 
ATOM   803  C CA  . THR A 1 112 ? -7.470  -7.466  14.847  1.00 23.07 ? 112 THR A CA  1 
ATOM   804  C C   . THR A 1 112 ? -6.224  -7.537  15.747  1.00 22.82 ? 112 THR A C   1 
ATOM   805  O O   . THR A 1 112 ? -5.560  -8.559  15.827  1.00 22.13 ? 112 THR A O   1 
ATOM   806  C CB  . THR A 1 112 ? -8.777  -7.722  15.681  1.00 23.18 ? 112 THR A CB  1 
ATOM   807  O OG1 . THR A 1 112 ? -8.611  -8.890  16.493  1.00 26.14 ? 112 THR A OG1 1 
ATOM   808  C CG2 . THR A 1 112 ? -9.996  -7.864  14.803  1.00 25.20 ? 112 THR A CG2 1 
ATOM   809  N N   . PHE A 1 113 ? -5.901  -6.422  16.414  1.00 23.38 ? 113 PHE A N   1 
ATOM   810  C CA  . PHE A 1 113 ? -4.739  -6.366  17.309  1.00 24.72 ? 113 PHE A CA  1 
ATOM   811  C C   . PHE A 1 113 ? -5.249  -5.726  18.616  1.00 26.33 ? 113 PHE A C   1 
ATOM   812  O O   . PHE A 1 113 ? -6.166  -4.912  18.555  1.00 24.43 ? 113 PHE A O   1 
ATOM   813  C CB  . PHE A 1 113 ? -3.608  -5.502  16.722  1.00 24.50 ? 113 PHE A CB  1 
ATOM   814  C CG  . PHE A 1 113 ? -3.139  -5.949  15.349  1.00 22.46 ? 113 PHE A CG  1 
ATOM   815  C CD1 . PHE A 1 113 ? -2.280  -7.027  15.223  1.00 21.38 ? 113 PHE A CD1 1 
ATOM   816  C CD2 . PHE A 1 113 ? -3.583  -5.294  14.211  1.00 22.21 ? 113 PHE A CD2 1 
ATOM   817  C CE1 . PHE A 1 113 ? -1.845  -7.449  13.963  1.00 18.92 ? 113 PHE A CE1 1 
ATOM   818  C CE2 . PHE A 1 113 ? -3.144  -5.694  12.926  1.00 22.39 ? 113 PHE A CE2 1 
ATOM   819  C CZ  . PHE A 1 113 ? -2.279  -6.782  12.824  1.00 21.30 ? 113 PHE A CZ  1 
ATOM   820  N N   . PRO A 1 114 ? -4.662  -6.108  19.767  1.00 28.96 ? 114 PRO A N   1 
ATOM   821  C CA  . PRO A 1 114 ? -5.077  -5.497  21.039  1.00 30.99 ? 114 PRO A CA  1 
ATOM   822  C C   . PRO A 1 114 ? -4.693  -4.026  21.049  1.00 31.31 ? 114 PRO A C   1 
ATOM   823  O O   . PRO A 1 114 ? -3.694  -3.648  20.439  1.00 32.60 ? 114 PRO A O   1 
ATOM   824  C CB  . PRO A 1 114 ? -4.288  -6.279  22.103  1.00 31.21 ? 114 PRO A CB  1 
ATOM   825  C CG  . PRO A 1 114 ? -3.169  -6.948  21.408  1.00 31.60 ? 114 PRO A CG  1 
ATOM   826  C CD  . PRO A 1 114 ? -3.600  -7.118  19.942  1.00 30.15 ? 114 PRO A CD  1 
ATOM   827  N N   . SER A 1 115 ? -5.496  -3.192  21.688  1.00 32.20 ? 115 SER A N   1 
ATOM   828  C CA  . SER A 1 115 ? -5.124  -1.795  21.835  1.00 32.35 ? 115 SER A CA  1 
ATOM   829  C C   . SER A 1 115 ? -5.476  -1.316  23.235  1.00 32.23 ? 115 SER A C   1 
ATOM   830  O O   . SER A 1 115 ? -6.266  -1.950  23.927  1.00 32.42 ? 115 SER A O   1 
ATOM   831  C CB  . SER A 1 115 ? -5.776  -0.929  20.752  1.00 32.43 ? 115 SER A CB  1 
ATOM   832  O OG  . SER A 1 115 ? -7.124  -0.658  21.031  1.00 33.79 ? 115 SER A OG  1 
ATOM   833  N N   . SER A 1 116 ? -4.878  -0.201  23.636  1.00 32.30 ? 116 SER A N   1 
ATOM   834  C CA  . SER A 1 116 ? -5.174  0.413   24.935  1.00 32.68 ? 116 SER A CA  1 
ATOM   835  C C   . SER A 1 116 ? -5.487  1.874   24.708  1.00 32.15 ? 116 SER A C   1 
ATOM   836  O O   . SER A 1 116 ? -4.945  2.486   23.780  1.00 32.16 ? 116 SER A O   1 
ATOM   837  C CB  . SER A 1 116 ? -3.988  0.261   25.894  1.00 33.01 ? 116 SER A CB  1 
ATOM   838  O OG  . SER A 1 116 ? -4.167  -0.921  26.677  1.00 36.75 ? 116 SER A OG  1 
ATOM   839  N N   . PRO A 1 117 ? -6.379  2.441   25.531  1.00 31.83 ? 117 PRO A N   1 
ATOM   840  C CA  . PRO A 1 117 ? -6.566  3.889   25.433  1.00 31.59 ? 117 PRO A CA  1 
ATOM   841  C C   . PRO A 1 117 ? -5.216  4.566   25.674  1.00 32.39 ? 117 PRO A C   1 
ATOM   842  O O   . PRO A 1 117 ? -4.440  4.118   26.533  1.00 33.33 ? 117 PRO A O   1 
ATOM   843  C CB  . PRO A 1 117 ? -7.545  4.199   26.579  1.00 31.18 ? 117 PRO A CB  1 
ATOM   844  C CG  . PRO A 1 117 ? -8.251  2.893   26.851  1.00 29.99 ? 117 PRO A CG  1 
ATOM   845  C CD  . PRO A 1 117 ? -7.247  1.827   26.558  1.00 31.34 ? 117 PRO A CD  1 
ATOM   846  N N   . GLY A 1 118 ? -4.913  5.605   24.907  1.00 32.42 ? 118 GLY A N   1 
ATOM   847  C CA  . GLY A 1 118 ? -3.606  6.255   25.038  1.00 32.67 ? 118 GLY A CA  1 
ATOM   848  C C   . GLY A 1 118 ? -2.566  5.879   23.997  1.00 32.95 ? 118 GLY A C   1 
ATOM   849  O O   . GLY A 1 118 ? -1.489  6.506   23.930  1.00 33.51 ? 118 GLY A O   1 
ATOM   850  N N   . ASP A 1 119 ? -2.865  4.853   23.189  1.00 32.58 ? 119 ASP A N   1 
ATOM   851  C CA  . ASP A 1 119 ? -1.902  4.365   22.195  1.00 32.22 ? 119 ASP A CA  1 
ATOM   852  C C   . ASP A 1 119 ? -1.587  5.406   21.102  1.00 30.71 ? 119 ASP A C   1 
ATOM   853  O O   . ASP A 1 119 ? -2.482  6.077   20.601  1.00 31.69 ? 119 ASP A O   1 
ATOM   854  C CB  . ASP A 1 119 ? -2.359  3.009   21.598  1.00 32.57 ? 119 ASP A CB  1 
ATOM   855  C CG  . ASP A 1 119 ? -2.103  1.827   22.550  1.00 33.87 ? 119 ASP A CG  1 
ATOM   856  O OD1 . ASP A 1 119 ? -1.386  1.992   23.550  1.00 35.04 ? 119 ASP A OD1 1 
ATOM   857  O OD2 . ASP A 1 119 ? -2.627  0.723   22.317  1.00 36.90 ? 119 ASP A OD2 1 
ATOM   858  N N   . SER A 1 120 ? -0.297  5.533   20.768  1.00 30.26 ? 120 SER A N   1 
ATOM   859  C CA  . SER A 1 120 ? 0.199   6.435   19.710  1.00 28.18 ? 120 SER A CA  1 
ATOM   860  C C   . SER A 1 120 ? 0.197   5.771   18.335  1.00 28.46 ? 120 SER A C   1 
ATOM   861  O O   . SER A 1 120 ? -0.039  4.558   18.218  1.00 27.94 ? 120 SER A O   1 
ATOM   862  C CB  . SER A 1 120 ? 1.649   6.836   20.011  1.00 28.92 ? 120 SER A CB  1 
ATOM   863  O OG  . SER A 1 120 ? 2.510   5.731   19.749  1.00 28.15 ? 120 SER A OG  1 
ATOM   864  N N   . LEU A 1 121 ? 0.478   6.559   17.299  1.00 27.73 ? 121 LEU A N   1 
ATOM   865  C CA  . LEU A 1 121 ? 0.633   6.019   15.945  1.00 27.88 ? 121 LEU A CA  1 
ATOM   866  C C   . LEU A 1 121 ? 1.660   4.874   15.947  1.00 27.31 ? 121 LEU A C   1 
ATOM   867  O O   . LEU A 1 121 ? 1.412   3.822   15.387  1.00 25.98 ? 121 LEU A O   1 
ATOM   868  C CB  . LEU A 1 121 ? 1.076   7.119   14.964  1.00 27.27 ? 121 LEU A CB  1 
ATOM   869  C CG  . LEU A 1 121 ? 1.576   6.677   13.568  1.00 29.02 ? 121 LEU A CG  1 
ATOM   870  C CD1 . LEU A 1 121 ? 0.420   6.268   12.658  1.00 28.68 ? 121 LEU A CD1 1 
ATOM   871  C CD2 . LEU A 1 121 ? 2.415   7.741   12.867  1.00 28.09 ? 121 LEU A CD2 1 
ATOM   872  N N   . GLU A 1 122 ? 2.823   5.084   16.566  1.00 28.35 ? 122 GLU A N   1 
ATOM   873  C CA  . GLU A 1 122 ? 3.841   4.035   16.586  1.00 28.72 ? 122 GLU A CA  1 
ATOM   874  C C   . GLU A 1 122 ? 3.381   2.819   17.408  1.00 28.19 ? 122 GLU A C   1 
ATOM   875  O O   . GLU A 1 122 ? 3.703   1.684   17.090  1.00 28.58 ? 122 GLU A O   1 
ATOM   876  C CB  . GLU A 1 122 ? 5.202   4.579   17.070  1.00 30.01 ? 122 GLU A CB  1 
ATOM   877  C CG  . GLU A 1 122 ? 5.864   5.588   16.081  1.00 32.66 ? 122 GLU A CG  1 
ATOM   878  C CD  . GLU A 1 122 ? 5.157   6.944   16.002  1.00 34.90 ? 122 GLU A CD  1 
ATOM   879  O OE1 . GLU A 1 122 ? 4.623   7.419   17.041  1.00 34.40 ? 122 GLU A OE1 1 
ATOM   880  O OE2 . GLU A 1 122 ? 5.118   7.541   14.889  1.00 33.81 ? 122 GLU A OE2 1 
ATOM   881  N N   . ASP A 1 123 ? 2.628   3.051   18.475  1.00 27.72 ? 123 ASP A N   1 
ATOM   882  C CA  . ASP A 1 123 ? 2.109   1.943   19.265  1.00 27.24 ? 123 ASP A CA  1 
ATOM   883  C C   . ASP A 1 123 ? 1.218   1.062   18.403  1.00 26.02 ? 123 ASP A C   1 
ATOM   884  O O   . ASP A 1 123 ? 1.295   -0.169  18.484  1.00 25.07 ? 123 ASP A O   1 
ATOM   885  C CB  . ASP A 1 123 ? 1.262   2.454   20.429  1.00 26.88 ? 123 ASP A CB  1 
ATOM   886  C CG  . ASP A 1 123 ? 2.088   3.062   21.518  1.00 29.65 ? 123 ASP A CG  1 
ATOM   887  O OD1 . ASP A 1 123 ? 3.229   2.610   21.711  1.00 30.08 ? 123 ASP A OD1 1 
ATOM   888  O OD2 . ASP A 1 123 ? 1.574   3.971   22.190  1.00 33.46 ? 123 ASP A OD2 1 
ATOM   889  N N   . GLN A 1 124 ? 0.343   1.697   17.627  1.00 26.05 ? 124 GLN A N   1 
ATOM   890  C CA  . GLN A 1 124 ? -0.593  0.946   16.756  1.00 26.28 ? 124 GLN A CA  1 
ATOM   891  C C   . GLN A 1 124 ? 0.136   0.203   15.659  1.00 24.94 ? 124 GLN A C   1 
ATOM   892  O O   . GLN A 1 124 ? -0.257  -0.913  15.283  1.00 23.99 ? 124 GLN A O   1 
ATOM   893  C CB  . GLN A 1 124 ? -1.562  1.881   16.059  1.00 27.84 ? 124 GLN A CB  1 
ATOM   894  C CG  . GLN A 1 124 ? -2.506  2.592   16.938  1.00 30.99 ? 124 GLN A CG  1 
ATOM   895  C CD  . GLN A 1 124 ? -3.677  3.086   16.125  1.00 35.89 ? 124 GLN A CD  1 
ATOM   896  O OE1 . GLN A 1 124 ? -4.418  2.284   15.524  1.00 37.64 ? 124 GLN A OE1 1 
ATOM   897  N NE2 . GLN A 1 124 ? -3.814  4.399   16.031  1.00 36.32 ? 124 GLN A NE2 1 
ATOM   898  N N   . LEU A 1 125 ? 1.189   0.830   15.122  1.00 23.58 ? 125 LEU A N   1 
ATOM   899  C CA  . LEU A 1 125 ? 1.946   0.246   14.023  1.00 22.07 ? 125 LEU A CA  1 
ATOM   900  C C   . LEU A 1 125 ? 2.757   -0.955  14.414  1.00 22.28 ? 125 LEU A C   1 
ATOM   901  O O   . LEU A 1 125 ? 3.006   -1.806  13.566  1.00 22.52 ? 125 LEU A O   1 
ATOM   902  C CB  . LEU A 1 125 ? 2.891   1.259   13.349  1.00 22.19 ? 125 LEU A CB  1 
ATOM   903  C CG  . LEU A 1 125 ? 2.281   2.175   12.301  1.00 22.59 ? 125 LEU A CG  1 
ATOM   904  C CD1 . LEU A 1 125 ? 3.139   3.409   12.200  1.00 19.34 ? 125 LEU A CD1 1 
ATOM   905  C CD2 . LEU A 1 125 ? 2.150   1.445   10.959  1.00 22.25 ? 125 LEU A CD2 1 
ATOM   906  N N   . LYS A 1 126 ? 3.212   -1.015  15.666  1.00 21.00 ? 126 LYS A N   1 
ATOM   907  C CA  . LYS A 1 126 ? 4.102   -2.079  16.088  1.00 22.57 ? 126 LYS A CA  1 
ATOM   908  C C   . LYS A 1 126 ? 3.497   -3.473  15.765  1.00 21.21 ? 126 LYS A C   1 
ATOM   909  O O   . LYS A 1 126 ? 4.135   -4.247  15.042  1.00 21.00 ? 126 LYS A O   1 
ATOM   910  C CB  . LYS A 1 126 ? 4.526   -1.937  17.579  1.00 22.50 ? 126 LYS A CB  1 
ATOM   911  C CG  . LYS A 1 126 ? 5.483   -3.100  18.061  1.00 23.52 ? 126 LYS A CG  1 
ATOM   912  C CD  . LYS A 1 126 ? 5.949   -2.958  19.518  1.00 24.28 ? 126 LYS A CD  1 
ATOM   913  C CE  . LYS A 1 126 ? 6.762   -4.192  19.984  1.00 27.34 ? 126 LYS A CE  1 
ATOM   914  N NZ  . LYS A 1 126 ? 7.863   -4.682  19.066  1.00 31.30 ? 126 LYS A NZ  1 
ATOM   915  N N   . PRO A 1 127 ? 2.278   -3.783  16.273  1.00 21.96 ? 127 PRO A N   1 
ATOM   916  C CA  . PRO A 1 127 ? 1.720   -5.118  15.967  1.00 21.62 ? 127 PRO A CA  1 
ATOM   917  C C   . PRO A 1 127 ? 1.370   -5.294  14.487  1.00 21.46 ? 127 PRO A C   1 
ATOM   918  O O   . PRO A 1 127 ? 1.402   -6.417  13.984  1.00 20.58 ? 127 PRO A O   1 
ATOM   919  C CB  . PRO A 1 127 ? 0.451   -5.179  16.831  1.00 22.89 ? 127 PRO A CB  1 
ATOM   920  C CG  . PRO A 1 127 ? 0.050   -3.859  17.026  1.00 22.75 ? 127 PRO A CG  1 
ATOM   921  C CD  . PRO A 1 127 ? 1.361   -3.050  17.163  1.00 21.52 ? 127 PRO A CD  1 
ATOM   922  N N   . MET A 1 128 ? 1.038   -4.194  13.810  1.00 21.13 ? 128 MET A N   1 
ATOM   923  C CA  . MET A 1 128 ? 0.750   -4.233  12.357  1.00 20.97 ? 128 MET A CA  1 
ATOM   924  C C   . MET A 1 128 ? 1.985   -4.577  11.542  1.00 19.82 ? 128 MET A C   1 
ATOM   925  O O   . MET A 1 128 ? 1.901   -5.317  10.563  1.00 18.15 ? 128 MET A O   1 
ATOM   926  C CB  . MET A 1 128 ? 0.164   -2.894  11.869  1.00 20.26 ? 128 MET A CB  1 
ATOM   927  C CG  . MET A 1 128 ? -1.199  -2.537  12.505  1.00 22.52 ? 128 MET A CG  1 
ATOM   928  S SD  . MET A 1 128 ? -1.594  -0.779  12.206  1.00 27.52 ? 128 MET A SD  1 
ATOM   929  C CE  . MET A 1 128 ? -2.596  -0.927  10.774  1.00 28.93 ? 128 MET A CE  1 
ATOM   930  N N   . LEU A 1 129 ? 3.137   -4.036  11.942  1.00 19.85 ? 129 LEU A N   1 
ATOM   931  C CA  . LEU A 1 129 ? 4.407   -4.317  11.231  1.00 20.07 ? 129 LEU A CA  1 
ATOM   932  C C   . LEU A 1 129 ? 4.854   -5.754  11.451  1.00 20.54 ? 129 LEU A C   1 
ATOM   933  O O   . LEU A 1 129 ? 5.325   -6.434  10.531  1.00 20.13 ? 129 LEU A O   1 
ATOM   934  C CB  . LEU A 1 129 ? 5.511   -3.342  11.664  1.00 20.40 ? 129 LEU A CB  1 
ATOM   935  C CG  . LEU A 1 129 ? 5.315   -1.913  11.138  1.00 19.70 ? 129 LEU A CG  1 
ATOM   936  C CD1 . LEU A 1 129 ? 6.376   -1.018  11.806  1.00 20.38 ? 129 LEU A CD1 1 
ATOM   937  C CD2 . LEU A 1 129 ? 5.379   -1.835  9.601   1.00 21.99 ? 129 LEU A CD2 1 
ATOM   938  N N   . GLU A 1 130 ? 4.659   -6.216  12.677  1.00 19.82 ? 130 GLU A N   1 
ATOM   939  C CA  . GLU A 1 130 ? 4.979   -7.592  13.021  1.00 19.88 ? 130 GLU A CA  1 
ATOM   940  C C   . GLU A 1 130 ? 4.118   -8.536  12.173  1.00 18.94 ? 130 GLU A C   1 
ATOM   941  O O   . GLU A 1 130 ? 4.644   -9.505  11.595  1.00 18.09 ? 130 GLU A O   1 
ATOM   942  C CB  . GLU A 1 130 ? 4.710   -7.815  14.508  1.00 21.26 ? 130 GLU A CB  1 
ATOM   943  N N   . TRP A 1 131 ? 2.821   -8.227  12.073  1.00 18.21 ? 131 TRP A N   1 
ATOM   944  C CA  . TRP A 1 131 ? 1.895   -9.024  11.243  1.00 17.37 ? 131 TRP A CA  1 
ATOM   945  C C   . TRP A 1 131 ? 2.380   -9.052  9.798   1.00 17.40 ? 131 TRP A C   1 
ATOM   946  O O   . TRP A 1 131 ? 2.507   -10.126 9.219   1.00 16.56 ? 131 TRP A O   1 
ATOM   947  C CB  . TRP A 1 131 ? 0.495   -8.453  11.338  1.00 16.87 ? 131 TRP A CB  1 
ATOM   948  C CG  . TRP A 1 131 ? -0.588  -9.026  10.485  1.00 17.43 ? 131 TRP A CG  1 
ATOM   949  C CD1 . TRP A 1 131 ? -1.050  -10.346 10.448  1.00 18.05 ? 131 TRP A CD1 1 
ATOM   950  C CD2 . TRP A 1 131 ? -1.395  -8.296  9.578   1.00 16.98 ? 131 TRP A CD2 1 
ATOM   951  N NE1 . TRP A 1 131 ? -2.098  -10.443 9.556   1.00 16.69 ? 131 TRP A NE1 1 
ATOM   952  C CE2 . TRP A 1 131 ? -2.316  -9.205  8.997   1.00 16.32 ? 131 TRP A CE2 1 
ATOM   953  C CE3 . TRP A 1 131 ? -1.407  -6.947  9.148   1.00 15.09 ? 131 TRP A CE3 1 
ATOM   954  C CZ2 . TRP A 1 131 ? -3.244  -8.803  8.033   1.00 17.01 ? 131 TRP A CZ2 1 
ATOM   955  C CZ3 . TRP A 1 131 ? -2.339  -6.558  8.189   1.00 16.71 ? 131 TRP A CZ3 1 
ATOM   956  C CH2 . TRP A 1 131 ? -3.244  -7.482  7.645   1.00 18.08 ? 131 TRP A CH2 1 
ATOM   957  N N   . ALA A 1 132 ? 2.651   -7.873  9.221   1.00 16.56 ? 132 ALA A N   1 
ATOM   958  C CA  . ALA A 1 132 ? 3.112   -7.782  7.840   1.00 18.31 ? 132 ALA A CA  1 
ATOM   959  C C   . ALA A 1 132 ? 4.435   -8.521  7.593   1.00 18.47 ? 132 ALA A C   1 
ATOM   960  O O   . ALA A 1 132 ? 4.565   -9.286  6.621   1.00 19.04 ? 132 ALA A O   1 
ATOM   961  C CB  . ALA A 1 132 ? 3.205   -6.313  7.369   1.00 17.10 ? 132 ALA A CB  1 
ATOM   962  N N   . HIS A 1 133 ? 5.418   -8.277  8.452   1.00 18.62 ? 133 HIS A N   1 
ATOM   963  C CA  . HIS A 1 133 ? 6.725   -8.891  8.296   1.00 20.08 ? 133 HIS A CA  1 
ATOM   964  C C   . HIS A 1 133 ? 6.601   -10.398 8.403   1.00 20.90 ? 133 HIS A C   1 
ATOM   965  O O   . HIS A 1 133 ? 7.362   -11.147 7.758   1.00 22.22 ? 133 HIS A O   1 
ATOM   966  C CB  . HIS A 1 133 ? 7.686   -8.391  9.369   1.00 20.17 ? 133 HIS A CB  1 
ATOM   967  C CG  . HIS A 1 133 ? 8.293   -7.060  9.039   1.00 18.93 ? 133 HIS A CG  1 
ATOM   968  N ND1 . HIS A 1 133 ? 9.011   -6.838  7.883   1.00 22.03 ? 133 HIS A ND1 1 
ATOM   969  C CD2 . HIS A 1 133 ? 8.266   -5.876  9.699   1.00 24.83 ? 133 HIS A CD2 1 
ATOM   970  C CE1 . HIS A 1 133 ? 9.425   -5.583  7.858   1.00 19.75 ? 133 HIS A CE1 1 
ATOM   971  N NE2 . HIS A 1 133 ? 8.984   -4.977  8.946   1.00 21.21 ? 133 HIS A NE2 1 
ATOM   972  N N   . GLY A 1 134 ? 5.620   -10.821 9.195   1.00 21.52 ? 134 GLY A N   1 
ATOM   973  C CA  . GLY A 1 134 ? 5.363   -12.240 9.449   1.00 21.63 ? 134 GLY A CA  1 
ATOM   974  C C   . GLY A 1 134 ? 4.607   -12.967 8.369   1.00 21.79 ? 134 GLY A C   1 
ATOM   975  O O   . GLY A 1 134 ? 4.395   -14.169 8.490   1.00 23.15 ? 134 GLY A O   1 
ATOM   976  N N   . GLY A 1 135 ? 4.226   -12.256 7.303   1.00 20.30 ? 135 GLY A N   1 
ATOM   977  C CA  . GLY A 1 135 ? 3.509   -12.852 6.167   1.00 20.22 ? 135 GLY A CA  1 
ATOM   978  C C   . GLY A 1 135 ? 2.001   -12.751 6.287   1.00 19.41 ? 135 GLY A C   1 
ATOM   979  O O   . GLY A 1 135 ? 1.281   -13.554 5.669   1.00 19.48 ? 135 GLY A O   1 
ATOM   980  N N   . PHE A 1 136 ? 1.530   -11.804 7.114   1.00 16.81 ? 136 PHE A N   1 
ATOM   981  C CA  . PHE A 1 136 ? 0.094   -11.469 7.251   1.00 16.72 ? 136 PHE A CA  1 
ATOM   982  C C   . PHE A 1 136 ? -0.721  -12.702 7.679   1.00 16.72 ? 136 PHE A C   1 
ATOM   983  O O   . PHE A 1 136 ? -1.781  -12.995 7.101   1.00 17.10 ? 136 PHE A O   1 
ATOM   984  C CB  . PHE A 1 136 ? -0.460  -10.900 5.948   1.00 16.65 ? 136 PHE A CB  1 
ATOM   985  C CG  . PHE A 1 136 ? 0.243   -9.670  5.462   1.00 17.61 ? 136 PHE A CG  1 
ATOM   986  C CD1 . PHE A 1 136 ? -0.182  -8.398  5.870   1.00 18.40 ? 136 PHE A CD1 1 
ATOM   987  C CD2 . PHE A 1 136 ? 1.296   -9.775  4.544   1.00 19.03 ? 136 PHE A CD2 1 
ATOM   988  C CE1 . PHE A 1 136 ? 0.460   -7.241  5.400   1.00 17.01 ? 136 PHE A CE1 1 
ATOM   989  C CE2 . PHE A 1 136 ? 1.941   -8.603  4.046   1.00 15.83 ? 136 PHE A CE2 1 
ATOM   990  C CZ  . PHE A 1 136 ? 1.542   -7.356  4.488   1.00 16.58 ? 136 PHE A CZ  1 
ATOM   991  N N   . LYS A 1 137 ? -0.193  -13.429 8.664   1.00 17.33 ? 137 LYS A N   1 
ATOM   992  C CA  . LYS A 1 137 ? -0.894  -14.615 9.186   1.00 18.81 ? 137 LYS A CA  1 
ATOM   993  C C   . LYS A 1 137 ? -2.127  -14.208 9.987   1.00 18.55 ? 137 LYS A C   1 
ATOM   994  O O   . LYS A 1 137 ? -2.106  -13.171 10.687  1.00 19.36 ? 137 LYS A O   1 
ATOM   995  C CB  . LYS A 1 137 ? 0.048   -15.472 10.007  1.00 19.46 ? 137 LYS A CB  1 
ATOM   996  C CG  . LYS A 1 137 ? 1.127   -16.013 9.122   1.00 23.34 ? 137 LYS A CG  1 
ATOM   997  C CD  . LYS A 1 137 ? 2.183   -16.763 9.857   1.00 31.13 ? 137 LYS A CD  1 
ATOM   998  C CE  . LYS A 1 137 ? 2.849   -17.728 8.873   1.00 35.06 ? 137 LYS A CE  1 
ATOM   999  N NZ  . LYS A 1 137 ? 2.368   -17.524 7.467   1.00 40.99 ? 137 LYS A NZ  1 
ATOM   1000 N N   . PRO A 1 138 ? -3.199  -15.040 9.940   1.00 18.52 ? 138 PRO A N   1 
ATOM   1001 C CA  . PRO A 1 138 ? -3.340  -16.313 9.196   1.00 18.05 ? 138 PRO A CA  1 
ATOM   1002 C C   . PRO A 1 138 ? -3.716  -16.276 7.721   1.00 17.88 ? 138 PRO A C   1 
ATOM   1003 O O   . PRO A 1 138 ? -3.579  -17.322 7.031   1.00 17.78 ? 138 PRO A O   1 
ATOM   1004 C CB  . PRO A 1 138 ? -4.477  -17.021 9.959   1.00 17.80 ? 138 PRO A CB  1 
ATOM   1005 C CG  . PRO A 1 138 ? -5.383  -15.880 10.359  1.00 18.62 ? 138 PRO A CG  1 
ATOM   1006 C CD  . PRO A 1 138 ? -4.365  -14.801 10.817  1.00 18.30 ? 138 PRO A CD  1 
ATOM   1007 N N   . THR A 1 139 ? -4.209  -15.137 7.224   1.00 16.84 ? 139 THR A N   1 
ATOM   1008 C CA  . THR A 1 139 ? -4.752  -15.102 5.879   1.00 16.91 ? 139 THR A CA  1 
ATOM   1009 C C   . THR A 1 139 ? -3.659  -15.259 4.811   1.00 17.63 ? 139 THR A C   1 
ATOM   1010 O O   . THR A 1 139 ? -3.925  -15.739 3.722   1.00 18.48 ? 139 THR A O   1 
ATOM   1011 C CB  . THR A 1 139 ? -5.520  -13.818 5.586   1.00 17.78 ? 139 THR A CB  1 
ATOM   1012 O OG1 . THR A 1 139 ? -4.634  -12.681 5.715   1.00 17.24 ? 139 THR A OG1 1 
ATOM   1013 C CG2 . THR A 1 139 ? -6.720  -13.679 6.518   1.00 15.92 ? 139 THR A CG2 1 
ATOM   1014 N N   . GLY A 1 140 ? -2.440  -14.829 5.133   1.00 18.43 ? 140 GLY A N   1 
ATOM   1015 C CA  . GLY A 1 140 ? -1.411  -14.640 4.112   1.00 18.96 ? 140 GLY A CA  1 
ATOM   1016 C C   . GLY A 1 140 ? -1.831  -13.524 3.165   1.00 18.05 ? 140 GLY A C   1 
ATOM   1017 O O   . GLY A 1 140 ? -2.758  -12.776 3.450   1.00 16.82 ? 140 GLY A O   1 
ATOM   1018 N N   . ILE A 1 141 ? -1.137  -13.431 2.035   1.00 18.99 ? 141 ILE A N   1 
ATOM   1019 C CA  . ILE A 1 141 ? -1.377  -12.335 1.065   1.00 20.29 ? 141 ILE A CA  1 
ATOM   1020 C C   . ILE A 1 141 ? -2.778  -12.362 0.451   1.00 21.11 ? 141 ILE A C   1 
ATOM   1021 O O   . ILE A 1 141 ? -3.323  -11.323 0.058   1.00 22.41 ? 141 ILE A O   1 
ATOM   1022 C CB  . ILE A 1 141 ? -0.282  -12.292 -0.017  1.00 21.40 ? 141 ILE A CB  1 
ATOM   1023 C CG1 . ILE A 1 141 ? -0.275  -13.583 -0.850  1.00 21.62 ? 141 ILE A CG1 1 
ATOM   1024 C CG2 . ILE A 1 141 ? 1.054   -12.057 0.672   1.00 20.04 ? 141 ILE A CG2 1 
ATOM   1025 C CD1 . ILE A 1 141 ? 0.377   -13.442 -2.219  1.00 29.01 ? 141 ILE A CD1 1 
ATOM   1026 N N   . GLU A 1 142 ? -3.389  -13.541 0.399   1.00 19.77 ? 142 GLU A N   1 
ATOM   1027 C CA  . GLU A 1 142 ? -4.767  -13.653 -0.085  1.00 20.94 ? 142 GLU A CA  1 
ATOM   1028 C C   . GLU A 1 142 ? -5.774  -12.800 0.711   1.00 19.64 ? 142 GLU A C   1 
ATOM   1029 O O   . GLU A 1 142 ? -6.857  -12.432 0.181   1.00 20.77 ? 142 GLU A O   1 
ATOM   1030 C CB  . GLU A 1 142 ? -5.180  -15.124 -0.037  1.00 20.27 ? 142 GLU A CB  1 
ATOM   1031 C CG  . GLU A 1 142 ? -4.327  -15.986 -0.984  1.00 27.35 ? 142 GLU A CG  1 
ATOM   1032 C CD  . GLU A 1 142 ? -3.088  -16.623 -0.323  1.00 31.71 ? 142 GLU A CD  1 
ATOM   1033 O OE1 . GLU A 1 142 ? -2.629  -16.179 0.775   1.00 27.35 ? 142 GLU A OE1 1 
ATOM   1034 O OE2 . GLU A 1 142 ? -2.580  -17.611 -0.928  1.00 34.17 ? 142 GLU A OE2 1 
ATOM   1035 N N   . GLY A 1 143 ? -5.444  -12.521 1.975   1.00 19.50 ? 143 GLY A N   1 
ATOM   1036 C CA  . GLY A 1 143 ? -6.278  -11.706 2.825   1.00 19.47 ? 143 GLY A CA  1 
ATOM   1037 C C   . GLY A 1 143 ? -6.352  -10.246 2.402   1.00 21.44 ? 143 GLY A C   1 
ATOM   1038 O O   . GLY A 1 143 ? -7.278  -9.520  2.799   1.00 21.60 ? 143 GLY A O   1 
ATOM   1039 N N   . LEU A 1 144 ? -5.375  -9.815  1.606   1.00 20.92 ? 144 LEU A N   1 
ATOM   1040 C CA  . LEU A 1 144 ? -5.243  -8.400  1.241   1.00 21.90 ? 144 LEU A CA  1 
ATOM   1041 C C   . LEU A 1 144 ? -6.003  -8.054  -0.030  1.00 22.50 ? 144 LEU A C   1 
ATOM   1042 O O   . LEU A 1 144 ? -6.082  -6.890  -0.395  1.00 21.67 ? 144 LEU A O   1 
ATOM   1043 C CB  . LEU A 1 144 ? -3.771  -8.049  1.051   1.00 22.61 ? 144 LEU A CB  1 
ATOM   1044 C CG  . LEU A 1 144 ? -2.960  -7.685  2.289   1.00 24.22 ? 144 LEU A CG  1 
ATOM   1045 C CD1 . LEU A 1 144 ? -3.222  -8.569  3.520   1.00 24.53 ? 144 LEU A CD1 1 
ATOM   1046 C CD2 . LEU A 1 144 ? -1.473  -7.697  1.892   1.00 26.22 ? 144 LEU A CD2 1 
ATOM   1047 N N   . LYS A 1 145 ? -6.555  -9.060  -0.700  1.00 21.37 ? 145 LYS A N   1 
ATOM   1048 C CA  . LYS A 1 145 ? -7.241  -8.815  -1.967  1.00 23.87 ? 145 LYS A CA  1 
ATOM   1049 C C   . LYS A 1 145 ? -8.535  -8.012  -1.780  1.00 25.08 ? 145 LYS A C   1 
ATOM   1050 O O   . LYS A 1 145 ? -9.187  -8.112  -0.717  1.00 26.27 ? 145 LYS A O   1 
ATOM   1051 C CB  . LYS A 1 145 ? -7.457  -10.131 -2.736  1.00 23.01 ? 145 LYS A CB  1 
ATOM   1052 N N   . PRO A 1 146 ? -8.887  -7.163  -2.764  1.00 26.81 ? 146 PRO A N   1 
ATOM   1053 C CA  . PRO A 1 146 ? -10.165 -6.453  -2.713  1.00 28.53 ? 146 PRO A CA  1 
ATOM   1054 C C   . PRO A 1 146 ? -11.338 -7.452  -2.821  1.00 30.37 ? 146 PRO A C   1 
ATOM   1055 O O   . PRO A 1 146 ? -12.176 -7.498  -1.901  1.00 32.15 ? 146 PRO A O   1 
ATOM   1056 C CB  . PRO A 1 146 ? -10.134 -5.518  -3.945  1.00 28.77 ? 146 PRO A CB  1 
ATOM   1057 C CG  . PRO A 1 146 ? -8.986  -5.943  -4.779  1.00 28.13 ? 146 PRO A CG  1 
ATOM   1058 C CD  . PRO A 1 146 ? -8.096  -6.846  -3.975  1.00 26.82 ? 146 PRO A CD  1 
HETATM 1059 O O   . HOH B 2 .   ? -1.857  12.820  -11.077 1.00 46.09 ? 152 HOH A O   1 
HETATM 1060 O O   . HOH B 2 .   ? -11.332 3.454   -7.661  1.00 7.74  ? 153 HOH A O   1 
HETATM 1061 O O   . HOH B 2 .   ? 2.322   6.461   0.226   1.00 19.88 ? 154 HOH A O   1 
HETATM 1062 O O   . HOH B 2 .   ? 9.759   1.616   1.483   1.00 18.93 ? 155 HOH A O   1 
HETATM 1063 O O   . HOH B 2 .   ? 16.599  6.033   9.959   1.00 18.71 ? 156 HOH A O   1 
HETATM 1064 O O   . HOH B 2 .   ? -9.991  13.385  -8.291  1.00 27.58 ? 157 HOH A O   1 
HETATM 1065 O O   . HOH B 2 .   ? -6.832  -12.066 9.633   1.00 21.33 ? 158 HOH A O   1 
HETATM 1066 O O   . HOH B 2 .   ? 1.634   10.570  -13.023 1.00 23.00 ? 159 HOH A O   1 
HETATM 1067 O O   . HOH B 2 .   ? -8.355  1.490   22.981  1.00 24.50 ? 160 HOH A O   1 
HETATM 1068 O O   . HOH B 2 .   ? -2.859  14.006  -7.331  1.00 22.64 ? 161 HOH A O   1 
HETATM 1069 O O   . HOH B 2 .   ? -0.976  -7.870  -1.698  1.00 21.44 ? 162 HOH A O   1 
HETATM 1070 O O   . HOH B 2 .   ? 6.720   -4.655  15.049  1.00 26.86 ? 163 HOH A O   1 
HETATM 1071 O O   . HOH B 2 .   ? 7.622   13.509  6.912   1.00 26.30 ? 164 HOH A O   1 
HETATM 1072 O O   . HOH B 2 .   ? -6.657  2.685   5.812   1.00 23.97 ? 165 HOH A O   1 
HETATM 1073 O O   . HOH B 2 .   ? -4.359  -6.110  -2.526  1.00 21.69 ? 166 HOH A O   1 
HETATM 1074 O O   . HOH B 2 .   ? -4.901  6.247   14.417  1.00 53.11 ? 167 HOH A O   1 
HETATM 1075 O O   . HOH B 2 .   ? -12.363 -6.503  8.912   1.00 27.43 ? 168 HOH A O   1 
HETATM 1076 O O   . HOH B 2 .   ? -7.133  -4.121  15.519  1.00 28.52 ? 169 HOH A O   1 
HETATM 1077 O O   . HOH B 2 .   ? 4.291   -8.234  -7.140  1.00 21.15 ? 170 HOH A O   1 
HETATM 1078 O O   . HOH B 2 .   ? 2.026   -12.540 10.309  1.00 18.02 ? 171 HOH A O   1 
HETATM 1079 O O   . HOH B 2 .   ? -9.492  7.206   -24.007 1.00 36.45 ? 172 HOH A O   1 
HETATM 1080 O O   . HOH B 2 .   ? -9.635  -3.199  15.915  1.00 24.79 ? 173 HOH A O   1 
HETATM 1081 O O   . HOH B 2 .   ? -3.056  10.216  10.066  1.00 35.16 ? 174 HOH A O   1 
HETATM 1082 O O   . HOH B 2 .   ? -12.037 -2.676  12.162  0.50 26.46 ? 175 HOH A O   1 
HETATM 1083 O O   . HOH B 2 .   ? 16.800  3.873   11.622  1.00 23.63 ? 176 HOH A O   1 
HETATM 1084 O O   . HOH B 2 .   ? 18.026  5.969   4.197   1.00 37.91 ? 177 HOH A O   1 
HETATM 1085 O O   . HOH B 2 .   ? 0.962   -1.952  -22.986 1.00 29.75 ? 178 HOH A O   1 
HETATM 1086 O O   . HOH B 2 .   ? 13.951  -2.312  6.347   1.00 28.40 ? 179 HOH A O   1 
HETATM 1087 O O   . HOH B 2 .   ? 9.418   7.373   -4.746  1.00 33.71 ? 180 HOH A O   1 
HETATM 1088 O O   . HOH B 2 .   ? 13.529  4.564   1.228   1.00 28.96 ? 181 HOH A O   1 
HETATM 1089 O O   . HOH B 2 .   ? 14.742  1.254   -4.437  1.00 27.70 ? 182 HOH A O   1 
HETATM 1090 O O   . HOH B 2 .   ? -13.920 14.138  -12.771 1.00 35.35 ? 183 HOH A O   1 
HETATM 1091 O O   . HOH B 2 .   ? -5.905  13.417  -3.965  1.00 27.92 ? 184 HOH A O   1 
HETATM 1092 O O   . HOH B 2 .   ? -5.251  -20.632 11.365  1.00 32.75 ? 185 HOH A O   1 
HETATM 1093 O O   . HOH B 2 .   ? 15.888  6.332   4.174   1.00 41.45 ? 186 HOH A O   1 
HETATM 1094 O O   . HOH B 2 .   ? 11.950  -4.698  5.589   1.00 29.43 ? 187 HOH A O   1 
HETATM 1095 O O   . HOH B 2 .   ? 12.193  2.341   0.242   1.00 23.72 ? 188 HOH A O   1 
HETATM 1096 O O   . HOH B 2 .   ? 6.577   -6.081  -10.656 1.00 27.02 ? 189 HOH A O   1 
HETATM 1097 O O   . HOH B 2 .   ? 5.239   -10.697 4.402   1.00 32.12 ? 190 HOH A O   1 
HETATM 1098 O O   . HOH B 2 .   ? 2.191   -1.628  20.648  1.00 29.03 ? 191 HOH A O   1 
HETATM 1099 O O   . HOH B 2 .   ? -9.305  -3.706  -12.557 1.00 25.70 ? 192 HOH A O   1 
HETATM 1100 O O   . HOH B 2 .   ? -7.140  -11.274 14.791  1.00 28.29 ? 193 HOH A O   1 
HETATM 1101 O O   . HOH B 2 .   ? -10.965 -6.887  11.137  1.00 26.81 ? 194 HOH A O   1 
HETATM 1102 O O   . HOH B 2 .   ? 7.568   -9.984  3.577   1.00 29.38 ? 195 HOH A O   1 
HETATM 1103 O O   . HOH B 2 .   ? -3.438  -9.941  16.844  1.00 44.59 ? 196 HOH A O   1 
HETATM 1104 O O   . HOH B 2 .   ? -2.756  9.075   -19.038 1.00 26.25 ? 197 HOH A O   1 
HETATM 1105 O O   . HOH B 2 .   ? 12.688  9.152   0.936   1.00 39.49 ? 198 HOH A O   1 
HETATM 1106 O O   . HOH B 2 .   ? -3.627  -0.754  -24.460 1.00 25.40 ? 199 HOH A O   1 
HETATM 1107 O O   . HOH B 2 .   ? 3.629   8.572   -1.152  1.00 25.27 ? 200 HOH A O   1 
HETATM 1108 O O   . HOH B 2 .   ? 7.126   1.348   -9.051  1.00 23.11 ? 201 HOH A O   1 
HETATM 1109 O O   . HOH B 2 .   ? -11.658 -4.169  13.961  1.00 28.68 ? 202 HOH A O   1 
HETATM 1110 O O   . HOH B 2 .   ? 7.202   -10.669 12.174  1.00 33.95 ? 203 HOH A O   1 
HETATM 1111 O O   . HOH B 2 .   ? 1.068   -8.707  15.516  1.00 24.19 ? 204 HOH A O   1 
HETATM 1112 O O   . HOH B 2 .   ? -8.992  1.175   6.072   1.00 26.51 ? 205 HOH A O   1 
HETATM 1113 O O   . HOH B 2 .   ? -2.765  -2.204  16.023  1.00 31.66 ? 206 HOH A O   1 
HETATM 1114 O O   . HOH B 2 .   ? 13.490  -0.480  -9.410  1.00 27.77 ? 207 HOH A O   1 
HETATM 1115 O O   . HOH B 2 .   ? -5.469  -6.077  -14.594 1.00 41.17 ? 208 HOH A O   1 
HETATM 1116 O O   . HOH B 2 .   ? 6.370   4.200   -13.687 1.00 24.82 ? 209 HOH A O   1 
HETATM 1117 O O   . HOH B 2 .   ? -1.611  -6.502  -4.381  1.00 25.79 ? 210 HOH A O   1 
HETATM 1118 O O   . HOH B 2 .   ? 22.940  6.463   -7.321  1.00 32.78 ? 211 HOH A O   1 
HETATM 1119 O O   . HOH B 2 .   ? -7.487  3.674   -17.069 1.00 19.16 ? 212 HOH A O   1 
HETATM 1120 O O   . HOH B 2 .   ? 13.574  5.688   -9.148  1.00 39.48 ? 213 HOH A O   1 
HETATM 1121 O O   . HOH B 2 .   ? -3.340  -19.827 7.913   1.00 25.41 ? 214 HOH A O   1 
HETATM 1122 O O   . HOH B 2 .   ? -14.474 -4.505  8.802   1.00 28.67 ? 215 HOH A O   1 
HETATM 1123 O O   . HOH B 2 .   ? 9.534   -3.615  -9.788  1.00 41.73 ? 216 HOH A O   1 
HETATM 1124 O O   . HOH B 2 .   ? 10.897  11.431  12.443  1.00 34.49 ? 217 HOH A O   1 
HETATM 1125 O O   . HOH B 2 .   ? -12.019 6.277   -24.687 1.00 37.37 ? 218 HOH A O   1 
HETATM 1126 O O   . HOH B 2 .   ? -9.523  1.480   -5.805  1.00 24.11 ? 219 HOH A O   1 
HETATM 1127 O O   . HOH B 2 .   ? -13.772 11.241  -12.862 1.00 24.53 ? 220 HOH A O   1 
HETATM 1128 O O   . HOH B 2 .   ? -2.529  6.023   17.882  1.00 38.83 ? 221 HOH A O   1 
HETATM 1129 O O   . HOH B 2 .   ? 8.579   -5.647  13.034  1.00 35.13 ? 222 HOH A O   1 
HETATM 1130 O O   . HOH B 2 .   ? 1.059   -15.570 1.880   1.00 25.09 ? 223 HOH A O   1 
HETATM 1131 O O   . HOH B 2 .   ? -7.709  4.287   10.718  1.00 32.86 ? 224 HOH A O   1 
HETATM 1132 O O   . HOH B 2 .   ? 17.805  -0.179  8.202   1.00 46.97 ? 225 HOH A O   1 
HETATM 1133 O O   . HOH B 2 .   ? 3.891   -11.707 2.740   1.00 30.33 ? 226 HOH A O   1 
HETATM 1134 O O   . HOH B 2 .   ? -0.979  -17.773 5.531   1.00 31.07 ? 227 HOH A O   1 
HETATM 1135 O O   . HOH B 2 .   ? -9.666  -9.750  1.395   1.00 29.86 ? 228 HOH A O   1 
HETATM 1136 O O   . HOH B 2 .   ? -7.565  -13.606 11.805  1.00 27.56 ? 229 HOH A O   1 
HETATM 1137 O O   . HOH B 2 .   ? 19.815  5.968   6.727   1.00 34.99 ? 230 HOH A O   1 
HETATM 1138 O O   . HOH B 2 .   ? 7.685   -1.341  -17.194 1.00 26.63 ? 231 HOH A O   1 
HETATM 1139 O O   . HOH B 2 .   ? -5.483  -13.535 13.879  1.00 28.35 ? 232 HOH A O   1 
HETATM 1140 O O   . HOH B 2 .   ? -9.807  2.253   11.079  1.00 39.08 ? 233 HOH A O   1 
HETATM 1141 O O   . HOH B 2 .   ? 9.639   13.198  10.246  1.00 31.80 ? 234 HOH A O   1 
HETATM 1142 O O   . HOH B 2 .   ? 1.498   -12.567 13.015  1.00 40.14 ? 235 HOH A O   1 
HETATM 1143 O O   . HOH B 2 .   ? 5.205   8.366   -3.904  1.00 31.32 ? 236 HOH A O   1 
HETATM 1144 O O   . HOH B 2 .   ? -11.052 0.155   4.667   1.00 28.06 ? 237 HOH A O   1 
HETATM 1145 O O   . HOH B 2 .   ? 16.401  4.298   0.574   1.00 24.92 ? 238 HOH A O   1 
HETATM 1146 O O   . HOH B 2 .   ? 5.009   5.390   20.710  1.00 43.85 ? 239 HOH A O   1 
HETATM 1147 O O   . HOH B 2 .   ? 3.400   -10.668 -5.766  1.00 33.70 ? 240 HOH A O   1 
HETATM 1148 O O   . HOH B 2 .   ? 8.229   3.023   -11.097 1.00 38.54 ? 241 HOH A O   1 
HETATM 1149 O O   . HOH B 2 .   ? -6.798  4.356   7.914   1.00 28.16 ? 242 HOH A O   1 
HETATM 1150 O O   . HOH B 2 .   ? -15.053 -4.055  6.265   1.00 36.39 ? 243 HOH A O   1 
HETATM 1151 O O   . HOH B 2 .   ? 12.675  8.412   -3.182  1.00 28.70 ? 244 HOH A O   1 
HETATM 1152 O O   . HOH B 2 .   ? 18.244  3.362   3.214   1.00 29.73 ? 245 HOH A O   1 
HETATM 1153 O O   . HOH B 2 .   ? 5.489   10.138  14.900  1.00 34.73 ? 246 HOH A O   1 
HETATM 1154 O O   . HOH B 2 .   ? 14.309  -1.382  1.800   1.00 35.09 ? 247 HOH A O   1 
HETATM 1155 O O   . HOH B 2 .   ? 16.525  0.270   6.095   1.00 36.93 ? 248 HOH A O   1 
HETATM 1156 O O   . HOH B 2 .   ? -11.428 -2.754  1.007   1.00 38.03 ? 249 HOH A O   1 
HETATM 1157 O O   . HOH B 2 .   ? -10.640 1.171   8.897   1.00 35.70 ? 250 HOH A O   1 
HETATM 1158 O O   . HOH B 2 .   ? -8.863  2.690   -21.554 1.00 31.67 ? 251 HOH A O   1 
HETATM 1159 O O   . HOH B 2 .   ? -11.068 -0.748  -1.718  1.00 41.99 ? 252 HOH A O   1 
HETATM 1160 O O   . HOH B 2 .   ? 2.115   10.370  4.065   1.00 28.51 ? 253 HOH A O   1 
HETATM 1161 O O   . HOH B 2 .   ? 2.758   -11.063 -2.961  1.00 36.73 ? 254 HOH A O   1 
HETATM 1162 O O   . HOH B 2 .   ? -10.108 6.932   -4.350  1.00 41.48 ? 255 HOH A O   1 
HETATM 1163 O O   . HOH B 2 .   ? -11.281 5.027   -5.436  1.00 40.55 ? 256 HOH A O   1 
HETATM 1164 O O   . HOH B 2 .   ? -16.453 8.375   -18.851 1.00 49.87 ? 257 HOH A O   1 
HETATM 1165 O O   . HOH B 2 .   ? 1.251   12.551  -7.386  1.00 36.52 ? 258 HOH A O   1 
HETATM 1166 O O   . HOH B 2 .   ? -4.256  -12.205 8.512   1.00 18.49 ? 259 HOH A O   1 
HETATM 1167 O O   . HOH B 2 .   ? -3.552  0.693   -18.674 1.00 23.86 ? 260 HOH A O   1 
HETATM 1168 O O   . HOH B 2 .   ? 1.837   -15.871 4.566   1.00 35.34 ? 261 HOH A O   1 
HETATM 1169 O O   . HOH B 2 .   ? 16.010  3.426   -7.653  1.00 29.35 ? 262 HOH A O   1 
HETATM 1170 O O   . HOH B 2 .   ? -10.464 -13.195 8.106   1.00 32.80 ? 263 HOH A O   1 
HETATM 1171 O O   . HOH B 2 .   ? -6.962  4.273   22.105  1.00 40.43 ? 264 HOH A O   1 
HETATM 1172 O O   . HOH B 2 .   ? -8.182  -6.065  -8.381  1.00 31.83 ? 265 HOH A O   1 
HETATM 1173 O O   . HOH B 2 .   ? -8.454  -16.638 11.349  1.00 29.46 ? 266 HOH A O   1 
HETATM 1174 O O   . HOH B 2 .   ? 12.276  -3.982  9.861   1.00 34.68 ? 267 HOH A O   1 
HETATM 1175 O O   . HOH B 2 .   ? 1.217   6.363   25.484  1.00 39.04 ? 268 HOH A O   1 
HETATM 1176 O O   . HOH B 2 .   ? -1.397  10.794  -18.624 1.00 38.28 ? 269 HOH A O   1 
HETATM 1177 O O   . HOH B 2 .   ? -0.054  15.104  -7.242  1.00 40.96 ? 270 HOH A O   1 
HETATM 1178 O O   . HOH B 2 .   ? 16.942  6.927   0.196   1.00 35.01 ? 271 HOH A O   1 
HETATM 1179 O O   . HOH B 2 .   ? -8.983  -4.207  22.614  1.00 46.08 ? 272 HOH A O   1 
HETATM 1180 O O   . HOH B 2 .   ? -9.754  -4.206  18.548  1.00 34.36 ? 273 HOH A O   1 
HETATM 1181 O O   . HOH B 2 .   ? -5.980  17.154  -15.937 1.00 53.39 ? 274 HOH A O   1 
HETATM 1182 O O   . HOH B 2 .   ? -5.194  -2.033  15.228  1.00 37.41 ? 275 HOH A O   1 
HETATM 1183 O O   . HOH B 2 .   ? -0.640  -9.617  -8.126  1.00 46.10 ? 276 HOH A O   1 
# 
loop_
_pdbx_poly_seq_scheme.asym_id 
_pdbx_poly_seq_scheme.entity_id 
_pdbx_poly_seq_scheme.seq_id 
_pdbx_poly_seq_scheme.mon_id 
_pdbx_poly_seq_scheme.ndb_seq_num 
_pdbx_poly_seq_scheme.pdb_seq_num 
_pdbx_poly_seq_scheme.auth_seq_num 
_pdbx_poly_seq_scheme.pdb_mon_id 
_pdbx_poly_seq_scheme.auth_mon_id 
_pdbx_poly_seq_scheme.pdb_strand_id 
_pdbx_poly_seq_scheme.pdb_ins_code 
_pdbx_poly_seq_scheme.hetero 
A 1 1   GLY 1   1   ?   ?   ?   A . n 
A 1 2   GLU 2   2   ?   ?   ?   A . n 
A 1 3   ALA 3   3   ?   ?   ?   A . n 
A 1 4   ASP 4   4   ?   ?   ?   A . n 
A 1 5   SER 5   5   ?   ?   ?   A . n 
A 1 6   GLY 6   6   ?   ?   ?   A . n 
A 1 7   ASP 7   7   ?   ?   ?   A . n 
A 1 8   GLY 8   8   ?   ?   ?   A . n 
A 1 9   ASP 9   9   ?   ?   ?   A . n 
A 1 10  SER 10  10  ?   ?   ?   A . n 
A 1 11  SER 11  11  ?   ?   ?   A . n 
A 1 12  GLU 12  12  12  GLU GLU A . n 
A 1 13  TYR 13  13  13  TYR TYR A . n 
A 1 14  GLN 14  14  14  GLN GLN A . n 
A 1 15  ASP 15  15  15  ASP ASP A . n 
A 1 16  GLY 16  16  16  GLY GLY A . n 
A 1 17  LYS 17  17  17  LYS LYS A . n 
A 1 18  GLU 18  18  18  GLU GLU A . n 
A 1 19  PHE 19  19  19  PHE PHE A . n 
A 1 20  GLY 20  20  20  GLY GLY A . n 
A 1 21  ILE 21  21  21  ILE ILE A . n 
A 1 22  GLY 22  22  22  GLY GLY A . n 
A 1 23  ASP 23  23  23  ASP ASP A . n 
A 1 24  LEU 24  24  24  LEU LEU A . n 
A 1 25  VAL 25  25  25  VAL VAL A . n 
A 1 26  TRP 26  26  26  TRP TRP A . n 
A 1 27  GLY 27  27  27  GLY GLY A . n 
A 1 28  LYS 28  28  28  LYS LYS A . n 
A 1 29  ILE 29  29  29  ILE ILE A . n 
A 1 30  LYS 30  30  30  LYS LYS A . n 
A 1 31  GLY 31  31  31  GLY GLY A . n 
A 1 32  PHE 32  32  32  PHE PHE A . n 
A 1 33  SER 33  33  33  SER SER A . n 
A 1 34  TRP 34  34  34  TRP TRP A . n 
A 1 35  TRP 35  35  35  TRP TRP A . n 
A 1 36  PRO 36  36  36  PRO PRO A . n 
A 1 37  ALA 37  37  37  ALA ALA A . n 
A 1 38  MET 38  38  38  MET MET A . n 
A 1 39  VAL 39  39  39  VAL VAL A . n 
A 1 40  VAL 40  40  40  VAL VAL A . n 
A 1 41  SER 41  41  41  SER SER A . n 
A 1 42  TRP 42  42  42  TRP TRP A . n 
A 1 43  LYS 43  43  43  LYS LYS A . n 
A 1 44  ALA 44  44  44  ALA ALA A . n 
A 1 45  THR 45  45  45  THR THR A . n 
A 1 46  SER 46  46  46  SER SER A . n 
A 1 47  LYS 47  47  47  LYS LYS A . n 
A 1 48  ARG 48  48  48  ARG ARG A . n 
A 1 49  GLN 49  49  49  GLN GLN A . n 
A 1 50  ALA 50  50  50  ALA ALA A . n 
A 1 51  MET 51  51  51  MET MET A . n 
A 1 52  SER 52  52  52  SER SER A . n 
A 1 53  GLY 53  53  53  GLY GLY A . n 
A 1 54  MET 54  54  54  MET MET A . n 
A 1 55  ARG 55  55  55  ARG ARG A . n 
A 1 56  TRP 56  56  56  TRP TRP A . n 
A 1 57  VAL 57  57  57  VAL VAL A . n 
A 1 58  GLN 58  58  58  GLN GLN A . n 
A 1 59  TRP 59  59  59  TRP TRP A . n 
A 1 60  PHE 60  60  60  PHE PHE A . n 
A 1 61  GLY 61  61  61  GLY GLY A . n 
A 1 62  ASP 62  62  62  ASP ASP A . n 
A 1 63  GLY 63  63  63  GLY GLY A . n 
A 1 64  LYS 64  64  64  LYS LYS A . n 
A 1 65  PHE 65  65  65  PHE PHE A . n 
A 1 66  SER 66  66  66  SER SER A . n 
A 1 67  GLU 67  67  67  GLU GLU A . n 
A 1 68  VAL 68  68  68  VAL VAL A . n 
A 1 69  SER 69  69  69  SER SER A . n 
A 1 70  ALA 70  70  70  ALA ALA A . n 
A 1 71  ASP 71  71  71  ASP ASP A . n 
A 1 72  LYS 72  72  72  LYS LYS A . n 
A 1 73  LEU 73  73  73  LEU LEU A . n 
A 1 74  VAL 74  74  74  VAL VAL A . n 
A 1 75  ALA 75  75  75  ALA ALA A . n 
A 1 76  LEU 76  76  76  LEU LEU A . n 
A 1 77  GLY 77  77  77  GLY GLY A . n 
A 1 78  LEU 78  78  78  LEU LEU A . n 
A 1 79  PHE 79  79  79  PHE PHE A . n 
A 1 80  SER 80  80  80  SER SER A . n 
A 1 81  GLN 81  81  81  GLN GLN A . n 
A 1 82  HIS 82  82  82  HIS HIS A . n 
A 1 83  PHE 83  83  83  PHE PHE A . n 
A 1 84  ASN 84  84  84  ASN ASN A . n 
A 1 85  LEU 85  85  85  LEU LEU A . n 
A 1 86  ALA 86  86  86  ALA ALA A . n 
A 1 87  THR 87  87  87  THR THR A . n 
A 1 88  PHE 88  88  88  PHE PHE A . n 
A 1 89  ASN 89  89  89  ASN ASN A . n 
A 1 90  LYS 90  90  90  LYS LYS A . n 
A 1 91  LEU 91  91  91  LEU LEU A . n 
A 1 92  VAL 92  92  92  VAL VAL A . n 
A 1 93  SER 93  93  93  SER SER A . n 
A 1 94  TYR 94  94  94  TYR TYR A . n 
A 1 95  ARG 95  95  95  ARG ARG A . n 
A 1 96  LYS 96  96  96  LYS LYS A . n 
A 1 97  ALA 97  97  97  ALA ALA A . n 
A 1 98  MET 98  98  98  MET MET A . n 
A 1 99  TYR 99  99  99  TYR TYR A . n 
A 1 100 HIS 100 100 100 HIS HIS A . n 
A 1 101 ALA 101 101 101 ALA ALA A . n 
A 1 102 LEU 102 102 102 LEU LEU A . n 
A 1 103 GLU 103 103 103 GLU GLU A . n 
A 1 104 LYS 104 104 104 LYS LYS A . n 
A 1 105 ALA 105 105 105 ALA ALA A . n 
A 1 106 ARG 106 106 106 ARG ARG A . n 
A 1 107 VAL 107 107 107 VAL VAL A . n 
A 1 108 ARG 108 108 108 ARG ARG A . n 
A 1 109 ALA 109 109 109 ALA ALA A . n 
A 1 110 GLY 110 110 110 GLY GLY A . n 
A 1 111 LYS 111 111 111 LYS LYS A . n 
A 1 112 THR 112 112 112 THR THR A . n 
A 1 113 PHE 113 113 113 PHE PHE A . n 
A 1 114 PRO 114 114 114 PRO PRO A . n 
A 1 115 SER 115 115 115 SER SER A . n 
A 1 116 SER 116 116 116 SER SER A . n 
A 1 117 PRO 117 117 117 PRO PRO A . n 
A 1 118 GLY 118 118 118 GLY GLY A . n 
A 1 119 ASP 119 119 119 ASP ASP A . n 
A 1 120 SER 120 120 120 SER SER A . n 
A 1 121 LEU 121 121 121 LEU LEU A . n 
A 1 122 GLU 122 122 122 GLU GLU A . n 
A 1 123 ASP 123 123 123 ASP ASP A . n 
A 1 124 GLN 124 124 124 GLN GLN A . n 
A 1 125 LEU 125 125 125 LEU LEU A . n 
A 1 126 LYS 126 126 126 LYS LYS A . n 
A 1 127 PRO 127 127 127 PRO PRO A . n 
A 1 128 MET 128 128 128 MET MET A . n 
A 1 129 LEU 129 129 129 LEU LEU A . n 
A 1 130 GLU 130 130 130 GLU GLU A . n 
A 1 131 TRP 131 131 131 TRP TRP A . n 
A 1 132 ALA 132 132 132 ALA ALA A . n 
A 1 133 HIS 133 133 133 HIS HIS A . n 
A 1 134 GLY 134 134 134 GLY GLY A . n 
A 1 135 GLY 135 135 135 GLY GLY A . n 
A 1 136 PHE 136 136 136 PHE PHE A . n 
A 1 137 LYS 137 137 137 LYS LYS A . n 
A 1 138 PRO 138 138 138 PRO PRO A . n 
A 1 139 THR 139 139 139 THR THR A . n 
A 1 140 GLY 140 140 140 GLY GLY A . n 
A 1 141 ILE 141 141 141 ILE ILE A . n 
A 1 142 GLU 142 142 142 GLU GLU A . n 
A 1 143 GLY 143 143 143 GLY GLY A . n 
A 1 144 LEU 144 144 144 LEU LEU A . n 
A 1 145 LYS 145 145 145 LYS LYS A . n 
A 1 146 PRO 146 146 146 PRO PRO A . n 
A 1 147 ASN 147 147 ?   ?   ?   A . n 
A 1 148 ASN 148 148 ?   ?   ?   A . n 
A 1 149 THR 149 149 ?   ?   ?   A . n 
A 1 150 GLN 150 150 ?   ?   ?   A . n 
A 1 151 PRO 151 151 ?   ?   ?   A . n 
# 
_pdbx_SG_project.id                    1 
_pdbx_SG_project.project_name          ? 
_pdbx_SG_project.full_name_of_center   'Structural Genomics Consortium' 
_pdbx_SG_project.initial_of_center     SGC 
# 
loop_
_pdbx_nonpoly_scheme.asym_id 
_pdbx_nonpoly_scheme.entity_id 
_pdbx_nonpoly_scheme.mon_id 
_pdbx_nonpoly_scheme.ndb_seq_num 
_pdbx_nonpoly_scheme.pdb_seq_num 
_pdbx_nonpoly_scheme.auth_seq_num 
_pdbx_nonpoly_scheme.pdb_mon_id 
_pdbx_nonpoly_scheme.auth_mon_id 
_pdbx_nonpoly_scheme.pdb_strand_id 
_pdbx_nonpoly_scheme.pdb_ins_code 
B 2 HOH 1   152 152 HOH HOH A . 
B 2 HOH 2   153 1   HOH HOH A . 
B 2 HOH 3   154 2   HOH HOH A . 
B 2 HOH 4   155 3   HOH HOH A . 
B 2 HOH 5   156 4   HOH HOH A . 
B 2 HOH 6   157 5   HOH HOH A . 
B 2 HOH 7   158 6   HOH HOH A . 
B 2 HOH 8   159 7   HOH HOH A . 
B 2 HOH 9   160 8   HOH HOH A . 
B 2 HOH 10  161 9   HOH HOH A . 
B 2 HOH 11  162 10  HOH HOH A . 
B 2 HOH 12  163 11  HOH HOH A . 
B 2 HOH 13  164 12  HOH HOH A . 
B 2 HOH 14  165 13  HOH HOH A . 
B 2 HOH 15  166 14  HOH HOH A . 
B 2 HOH 16  167 167 HOH HOH A . 
B 2 HOH 17  168 15  HOH HOH A . 
B 2 HOH 18  169 16  HOH HOH A . 
B 2 HOH 19  170 17  HOH HOH A . 
B 2 HOH 20  171 18  HOH HOH A . 
B 2 HOH 21  172 19  HOH HOH A . 
B 2 HOH 22  173 20  HOH HOH A . 
B 2 HOH 23  174 21  HOH HOH A . 
B 2 HOH 24  175 175 HOH HOH A . 
B 2 HOH 25  176 22  HOH HOH A . 
B 2 HOH 26  177 177 HOH HOH A . 
B 2 HOH 27  178 23  HOH HOH A . 
B 2 HOH 28  179 24  HOH HOH A . 
B 2 HOH 29  180 25  HOH HOH A . 
B 2 HOH 30  181 26  HOH HOH A . 
B 2 HOH 31  182 27  HOH HOH A . 
B 2 HOH 32  183 28  HOH HOH A . 
B 2 HOH 33  184 29  HOH HOH A . 
B 2 HOH 34  185 30  HOH HOH A . 
B 2 HOH 35  186 31  HOH HOH A . 
B 2 HOH 36  187 32  HOH HOH A . 
B 2 HOH 37  188 33  HOH HOH A . 
B 2 HOH 38  189 34  HOH HOH A . 
B 2 HOH 39  190 35  HOH HOH A . 
B 2 HOH 40  191 36  HOH HOH A . 
B 2 HOH 41  192 37  HOH HOH A . 
B 2 HOH 42  193 38  HOH HOH A . 
B 2 HOH 43  194 41  HOH HOH A . 
B 2 HOH 44  195 42  HOH HOH A . 
B 2 HOH 45  196 43  HOH HOH A . 
B 2 HOH 46  197 44  HOH HOH A . 
B 2 HOH 47  198 45  HOH HOH A . 
B 2 HOH 48  199 46  HOH HOH A . 
B 2 HOH 49  200 47  HOH HOH A . 
B 2 HOH 50  201 48  HOH HOH A . 
B 2 HOH 51  202 49  HOH HOH A . 
B 2 HOH 52  203 50  HOH HOH A . 
B 2 HOH 53  204 52  HOH HOH A . 
B 2 HOH 54  205 53  HOH HOH A . 
B 2 HOH 55  206 54  HOH HOH A . 
B 2 HOH 56  207 55  HOH HOH A . 
B 2 HOH 57  208 56  HOH HOH A . 
B 2 HOH 58  209 57  HOH HOH A . 
B 2 HOH 59  210 58  HOH HOH A . 
B 2 HOH 60  211 59  HOH HOH A . 
B 2 HOH 61  212 60  HOH HOH A . 
B 2 HOH 62  213 61  HOH HOH A . 
B 2 HOH 63  214 62  HOH HOH A . 
B 2 HOH 64  215 63  HOH HOH A . 
B 2 HOH 65  216 64  HOH HOH A . 
B 2 HOH 66  217 66  HOH HOH A . 
B 2 HOH 67  218 67  HOH HOH A . 
B 2 HOH 68  219 68  HOH HOH A . 
B 2 HOH 69  220 69  HOH HOH A . 
B 2 HOH 70  221 70  HOH HOH A . 
B 2 HOH 71  222 71  HOH HOH A . 
B 2 HOH 72  223 72  HOH HOH A . 
B 2 HOH 73  224 73  HOH HOH A . 
B 2 HOH 74  225 74  HOH HOH A . 
B 2 HOH 75  226 75  HOH HOH A . 
B 2 HOH 76  227 77  HOH HOH A . 
B 2 HOH 77  228 78  HOH HOH A . 
B 2 HOH 78  229 79  HOH HOH A . 
B 2 HOH 79  230 80  HOH HOH A . 
B 2 HOH 80  231 82  HOH HOH A . 
B 2 HOH 81  232 83  HOH HOH A . 
B 2 HOH 82  233 84  HOH HOH A . 
B 2 HOH 83  234 85  HOH HOH A . 
B 2 HOH 84  235 86  HOH HOH A . 
B 2 HOH 85  236 88  HOH HOH A . 
B 2 HOH 86  237 89  HOH HOH A . 
B 2 HOH 87  238 90  HOH HOH A . 
B 2 HOH 88  239 91  HOH HOH A . 
B 2 HOH 89  240 92  HOH HOH A . 
B 2 HOH 90  241 93  HOH HOH A . 
B 2 HOH 91  242 94  HOH HOH A . 
B 2 HOH 92  243 95  HOH HOH A . 
B 2 HOH 93  244 96  HOH HOH A . 
B 2 HOH 94  245 97  HOH HOH A . 
B 2 HOH 95  246 98  HOH HOH A . 
B 2 HOH 96  247 99  HOH HOH A . 
B 2 HOH 97  248 100 HOH HOH A . 
B 2 HOH 98  249 101 HOH HOH A . 
B 2 HOH 99  250 102 HOH HOH A . 
B 2 HOH 100 251 103 HOH HOH A . 
B 2 HOH 101 252 105 HOH HOH A . 
B 2 HOH 102 253 107 HOH HOH A . 
B 2 HOH 103 254 109 HOH HOH A . 
B 2 HOH 104 255 115 HOH HOH A . 
B 2 HOH 105 256 119 HOH HOH A . 
B 2 HOH 106 257 120 HOH HOH A . 
B 2 HOH 107 258 121 HOH HOH A . 
B 2 HOH 108 259 125 HOH HOH A . 
B 2 HOH 109 260 126 HOH HOH A . 
B 2 HOH 110 261 128 HOH HOH A . 
B 2 HOH 111 262 129 HOH HOH A . 
B 2 HOH 112 263 130 HOH HOH A . 
B 2 HOH 113 264 131 HOH HOH A . 
B 2 HOH 114 265 132 HOH HOH A . 
B 2 HOH 115 266 133 HOH HOH A . 
B 2 HOH 116 267 134 HOH HOH A . 
B 2 HOH 117 268 135 HOH HOH A . 
B 2 HOH 118 269 136 HOH HOH A . 
B 2 HOH 119 270 137 HOH HOH A . 
B 2 HOH 120 271 138 HOH HOH A . 
B 2 HOH 121 272 140 HOH HOH A . 
B 2 HOH 122 273 141 HOH HOH A . 
B 2 HOH 123 274 143 HOH HOH A . 
B 2 HOH 124 275 147 HOH HOH A . 
B 2 HOH 125 276 148 HOH HOH A . 
# 
_pdbx_struct_assembly.id                   1 
_pdbx_struct_assembly.details              author_and_software_defined_assembly 
_pdbx_struct_assembly.method_details       PISA 
_pdbx_struct_assembly.oligomeric_details   monomeric 
_pdbx_struct_assembly.oligomeric_count     1 
# 
_pdbx_struct_assembly_gen.assembly_id       1 
_pdbx_struct_assembly_gen.oper_expression   1 
_pdbx_struct_assembly_gen.asym_id_list      A,B 
# 
_pdbx_struct_oper_list.id                   1 
_pdbx_struct_oper_list.type                 'identity operation' 
_pdbx_struct_oper_list.name                 1_555 
_pdbx_struct_oper_list.symmetry_operation   x,y,z 
_pdbx_struct_oper_list.matrix[1][1]         1.0000000000 
_pdbx_struct_oper_list.matrix[1][2]         0.0000000000 
_pdbx_struct_oper_list.matrix[1][3]         0.0000000000 
_pdbx_struct_oper_list.vector[1]            0.0000000000 
_pdbx_struct_oper_list.matrix[2][1]         0.0000000000 
_pdbx_struct_oper_list.matrix[2][2]         1.0000000000 
_pdbx_struct_oper_list.matrix[2][3]         0.0000000000 
_pdbx_struct_oper_list.vector[2]            0.0000000000 
_pdbx_struct_oper_list.matrix[3][1]         0.0000000000 
_pdbx_struct_oper_list.matrix[3][2]         0.0000000000 
_pdbx_struct_oper_list.matrix[3][3]         1.0000000000 
_pdbx_struct_oper_list.vector[3]            0.0000000000 
# 
_pdbx_struct_special_symmetry.id              1 
_pdbx_struct_special_symmetry.PDB_model_num   1 
_pdbx_struct_special_symmetry.auth_asym_id    A 
_pdbx_struct_special_symmetry.auth_comp_id    HOH 
_pdbx_struct_special_symmetry.auth_seq_id     175 
_pdbx_struct_special_symmetry.PDB_ins_code    ? 
_pdbx_struct_special_symmetry.label_asym_id   B 
_pdbx_struct_special_symmetry.label_comp_id   HOH 
_pdbx_struct_special_symmetry.label_seq_id    . 
# 
loop_
_pdbx_audit_revision_history.ordinal 
_pdbx_audit_revision_history.data_content_type 
_pdbx_audit_revision_history.major_revision 
_pdbx_audit_revision_history.minor_revision 
_pdbx_audit_revision_history.revision_date 
1 'Structure model' 1 0 2009-03-31 
2 'Structure model' 1 1 2011-07-13 
3 'Structure model' 1 2 2017-11-01 
4 'Structure model' 1 3 2023-09-06 
# 
_pdbx_audit_revision_details.ordinal             1 
_pdbx_audit_revision_details.revision_ordinal    1 
_pdbx_audit_revision_details.data_content_type   'Structure model' 
_pdbx_audit_revision_details.provider            repository 
_pdbx_audit_revision_details.type                'Initial release' 
_pdbx_audit_revision_details.description         ? 
_pdbx_audit_revision_details.details             ? 
# 
loop_
_pdbx_audit_revision_group.ordinal 
_pdbx_audit_revision_group.revision_ordinal 
_pdbx_audit_revision_group.data_content_type 
_pdbx_audit_revision_group.group 
1 2 'Structure model' 'Version format compliance' 
2 3 'Structure model' 'Refinement description'    
3 4 'Structure model' 'Data collection'           
4 4 'Structure model' 'Database references'       
5 4 'Structure model' 'Refinement description'    
# 
loop_
_pdbx_audit_revision_category.ordinal 
_pdbx_audit_revision_category.revision_ordinal 
_pdbx_audit_revision_category.data_content_type 
_pdbx_audit_revision_category.category 
1 3 'Structure model' software                      
2 4 'Structure model' chem_comp_atom                
3 4 'Structure model' chem_comp_bond                
4 4 'Structure model' database_2                    
5 4 'Structure model' pdbx_initial_refinement_model 
6 4 'Structure model' struct_ref_seq_dif            
# 
loop_
_pdbx_audit_revision_item.ordinal 
_pdbx_audit_revision_item.revision_ordinal 
_pdbx_audit_revision_item.data_content_type 
_pdbx_audit_revision_item.item 
1 4 'Structure model' '_database_2.pdbx_DOI'                
2 4 'Structure model' '_database_2.pdbx_database_accession' 
3 4 'Structure model' '_struct_ref_seq_dif.details'         
# 
loop_
_software.name 
_software.version 
_software.date 
_software.type 
_software.contact_author 
_software.contact_author_email 
_software.classification 
_software.location 
_software.language 
_software.citation_id 
_software.pdbx_ordinal 
DENZO       .        ?               package 'Zbyszek Otwinowski' hkl@hkl-xray.com      'data reduction'  http://www.hkl-xray.com/ 
?          ? 1 
SCALEPACK   .        ?               package 'Zbyszek Otwinowski' hkl@hkl-xray.com      'data scaling'    http://www.hkl-xray.com/ 
?          ? 2 
REFMAC      5.2.0019 ?               program 'Garib N. Murshudov' garib@ysbl.york.ac.uk refinement        
http://www.ccp4.ac.uk/dist/html/refmac5.html Fortran_77 ? 3 
PDB_EXTRACT 3.006    'June 11, 2008' package PDB                  help@deposit.rcsb.org 'data extraction' 
http://sw-tools.pdb.org/apps/PDB_EXTRACT/    C++        ? 4 
# 
_pdbx_validate_close_contact.id               1 
_pdbx_validate_close_contact.PDB_model_num    1 
_pdbx_validate_close_contact.auth_atom_id_1   O 
_pdbx_validate_close_contact.auth_asym_id_1   A 
_pdbx_validate_close_contact.auth_comp_id_1   HOH 
_pdbx_validate_close_contact.auth_seq_id_1    177 
_pdbx_validate_close_contact.PDB_ins_code_1   ? 
_pdbx_validate_close_contact.label_alt_id_1   ? 
_pdbx_validate_close_contact.auth_atom_id_2   O 
_pdbx_validate_close_contact.auth_asym_id_2   A 
_pdbx_validate_close_contact.auth_comp_id_2   HOH 
_pdbx_validate_close_contact.auth_seq_id_2    186 
_pdbx_validate_close_contact.PDB_ins_code_2   ? 
_pdbx_validate_close_contact.label_alt_id_2   ? 
_pdbx_validate_close_contact.dist             2.17 
# 
_pdbx_validate_rmsd_angle.id                         1 
_pdbx_validate_rmsd_angle.PDB_model_num              1 
_pdbx_validate_rmsd_angle.auth_atom_id_1             CB 
_pdbx_validate_rmsd_angle.auth_asym_id_1             A 
_pdbx_validate_rmsd_angle.auth_comp_id_1             ASP 
_pdbx_validate_rmsd_angle.auth_seq_id_1              62 
_pdbx_validate_rmsd_angle.PDB_ins_code_1             ? 
_pdbx_validate_rmsd_angle.label_alt_id_1             ? 
_pdbx_validate_rmsd_angle.auth_atom_id_2             CG 
_pdbx_validate_rmsd_angle.auth_asym_id_2             A 
_pdbx_validate_rmsd_angle.auth_comp_id_2             ASP 
_pdbx_validate_rmsd_angle.auth_seq_id_2              62 
_pdbx_validate_rmsd_angle.PDB_ins_code_2             ? 
_pdbx_validate_rmsd_angle.label_alt_id_2             ? 
_pdbx_validate_rmsd_angle.auth_atom_id_3             OD1 
_pdbx_validate_rmsd_angle.auth_asym_id_3             A 
_pdbx_validate_rmsd_angle.auth_comp_id_3             ASP 
_pdbx_validate_rmsd_angle.auth_seq_id_3              62 
_pdbx_validate_rmsd_angle.PDB_ins_code_3             ? 
_pdbx_validate_rmsd_angle.label_alt_id_3             ? 
_pdbx_validate_rmsd_angle.angle_value                123.76 
_pdbx_validate_rmsd_angle.angle_target_value         118.30 
_pdbx_validate_rmsd_angle.angle_deviation            5.46 
_pdbx_validate_rmsd_angle.angle_standard_deviation   0.90 
_pdbx_validate_rmsd_angle.linker_flag                N 
# 
loop_
_pdbx_validate_torsion.id 
_pdbx_validate_torsion.PDB_model_num 
_pdbx_validate_torsion.auth_comp_id 
_pdbx_validate_torsion.auth_asym_id 
_pdbx_validate_torsion.auth_seq_id 
_pdbx_validate_torsion.PDB_ins_code 
_pdbx_validate_torsion.label_alt_id 
_pdbx_validate_torsion.phi 
_pdbx_validate_torsion.psi 
1 1 GLN A 14 ? ? -114.47 56.16   
2 1 PHE A 19 ? ? 78.89   133.74  
3 1 LYS A 47 ? ? -115.57 -100.08 
4 1 LYS A 47 ? ? -87.06  -100.08 
# 
loop_
_pdbx_unobs_or_zero_occ_atoms.id 
_pdbx_unobs_or_zero_occ_atoms.PDB_model_num 
_pdbx_unobs_or_zero_occ_atoms.polymer_flag 
_pdbx_unobs_or_zero_occ_atoms.occupancy_flag 
_pdbx_unobs_or_zero_occ_atoms.auth_asym_id 
_pdbx_unobs_or_zero_occ_atoms.auth_comp_id 
_pdbx_unobs_or_zero_occ_atoms.auth_seq_id 
_pdbx_unobs_or_zero_occ_atoms.PDB_ins_code 
_pdbx_unobs_or_zero_occ_atoms.auth_atom_id 
_pdbx_unobs_or_zero_occ_atoms.label_alt_id 
_pdbx_unobs_or_zero_occ_atoms.label_asym_id 
_pdbx_unobs_or_zero_occ_atoms.label_comp_id 
_pdbx_unobs_or_zero_occ_atoms.label_seq_id 
_pdbx_unobs_or_zero_occ_atoms.label_atom_id 
1  1 Y 1 A GLN 14  ? CG  ? A GLN 14  CG  
2  1 Y 1 A GLN 14  ? CD  ? A GLN 14  CD  
3  1 Y 1 A GLN 14  ? OE1 ? A GLN 14  OE1 
4  1 Y 1 A GLN 14  ? NE2 ? A GLN 14  NE2 
5  1 Y 1 A ASP 15  ? CG  ? A ASP 15  CG  
6  1 Y 1 A ASP 15  ? OD1 ? A ASP 15  OD1 
7  1 Y 1 A ASP 15  ? OD2 ? A ASP 15  OD2 
8  1 Y 1 A LYS 17  ? CG  ? A LYS 17  CG  
9  1 Y 1 A LYS 17  ? CD  ? A LYS 17  CD  
10 1 Y 1 A LYS 17  ? CE  ? A LYS 17  CE  
11 1 Y 1 A LYS 17  ? NZ  ? A LYS 17  NZ  
12 1 Y 1 A ARG 48  ? NE  ? A ARG 48  NE  
13 1 Y 1 A ARG 48  ? CZ  ? A ARG 48  CZ  
14 1 Y 1 A ARG 48  ? NH1 ? A ARG 48  NH1 
15 1 Y 1 A ARG 48  ? NH2 ? A ARG 48  NH2 
16 1 Y 1 A GLU 130 ? CG  ? A GLU 130 CG  
17 1 Y 1 A GLU 130 ? CD  ? A GLU 130 CD  
18 1 Y 1 A GLU 130 ? OE1 ? A GLU 130 OE1 
19 1 Y 1 A GLU 130 ? OE2 ? A GLU 130 OE2 
20 1 Y 1 A LYS 145 ? CG  ? A LYS 145 CG  
21 1 Y 1 A LYS 145 ? CD  ? A LYS 145 CD  
22 1 Y 1 A LYS 145 ? CE  ? A LYS 145 CE  
23 1 Y 1 A LYS 145 ? NZ  ? A LYS 145 NZ  
# 
loop_
_pdbx_unobs_or_zero_occ_residues.id 
_pdbx_unobs_or_zero_occ_residues.PDB_model_num 
_pdbx_unobs_or_zero_occ_residues.polymer_flag 
_pdbx_unobs_or_zero_occ_residues.occupancy_flag 
_pdbx_unobs_or_zero_occ_residues.auth_asym_id 
_pdbx_unobs_or_zero_occ_residues.auth_comp_id 
_pdbx_unobs_or_zero_occ_residues.auth_seq_id 
_pdbx_unobs_or_zero_occ_residues.PDB_ins_code 
_pdbx_unobs_or_zero_occ_residues.label_asym_id 
_pdbx_unobs_or_zero_occ_residues.label_comp_id 
_pdbx_unobs_or_zero_occ_residues.label_seq_id 
1  1 Y 1 A GLY 1   ? A GLY 1   
2  1 Y 1 A GLU 2   ? A GLU 2   
3  1 Y 1 A ALA 3   ? A ALA 3   
4  1 Y 1 A ASP 4   ? A ASP 4   
5  1 Y 1 A SER 5   ? A SER 5   
6  1 Y 1 A GLY 6   ? A GLY 6   
7  1 Y 1 A ASP 7   ? A ASP 7   
8  1 Y 1 A GLY 8   ? A GLY 8   
9  1 Y 1 A ASP 9   ? A ASP 9   
10 1 Y 1 A SER 10  ? A SER 10  
11 1 Y 1 A SER 11  ? A SER 11  
12 1 Y 1 A ASN 147 ? A ASN 147 
13 1 Y 1 A ASN 148 ? A ASN 148 
14 1 Y 1 A THR 149 ? A THR 149 
15 1 Y 1 A GLN 150 ? A GLN 150 
16 1 Y 1 A PRO 151 ? A PRO 151 
# 
loop_
_chem_comp_atom.comp_id 
_chem_comp_atom.atom_id 
_chem_comp_atom.type_symbol 
_chem_comp_atom.pdbx_aromatic_flag 
_chem_comp_atom.pdbx_stereo_config 
_chem_comp_atom.pdbx_ordinal 
ALA N    N N N 1   
ALA CA   C N S 2   
ALA C    C N N 3   
ALA O    O N N 4   
ALA CB   C N N 5   
ALA OXT  O N N 6   
ALA H    H N N 7   
ALA H2   H N N 8   
ALA HA   H N N 9   
ALA HB1  H N N 10  
ALA HB2  H N N 11  
ALA HB3  H N N 12  
ALA HXT  H N N 13  
ARG N    N N N 14  
ARG CA   C N S 15  
ARG C    C N N 16  
ARG O    O N N 17  
ARG CB   C N N 18  
ARG CG   C N N 19  
ARG CD   C N N 20  
ARG NE   N N N 21  
ARG CZ   C N N 22  
ARG NH1  N N N 23  
ARG NH2  N N N 24  
ARG OXT  O N N 25  
ARG H    H N N 26  
ARG H2   H N N 27  
ARG HA   H N N 28  
ARG HB2  H N N 29  
ARG HB3  H N N 30  
ARG HG2  H N N 31  
ARG HG3  H N N 32  
ARG HD2  H N N 33  
ARG HD3  H N N 34  
ARG HE   H N N 35  
ARG HH11 H N N 36  
ARG HH12 H N N 37  
ARG HH21 H N N 38  
ARG HH22 H N N 39  
ARG HXT  H N N 40  
ASN N    N N N 41  
ASN CA   C N S 42  
ASN C    C N N 43  
ASN O    O N N 44  
ASN CB   C N N 45  
ASN CG   C N N 46  
ASN OD1  O N N 47  
ASN ND2  N N N 48  
ASN OXT  O N N 49  
ASN H    H N N 50  
ASN H2   H N N 51  
ASN HA   H N N 52  
ASN HB2  H N N 53  
ASN HB3  H N N 54  
ASN HD21 H N N 55  
ASN HD22 H N N 56  
ASN HXT  H N N 57  
ASP N    N N N 58  
ASP CA   C N S 59  
ASP C    C N N 60  
ASP O    O N N 61  
ASP CB   C N N 62  
ASP CG   C N N 63  
ASP OD1  O N N 64  
ASP OD2  O N N 65  
ASP OXT  O N N 66  
ASP H    H N N 67  
ASP H2   H N N 68  
ASP HA   H N N 69  
ASP HB2  H N N 70  
ASP HB3  H N N 71  
ASP HD2  H N N 72  
ASP HXT  H N N 73  
GLN N    N N N 74  
GLN CA   C N S 75  
GLN C    C N N 76  
GLN O    O N N 77  
GLN CB   C N N 78  
GLN CG   C N N 79  
GLN CD   C N N 80  
GLN OE1  O N N 81  
GLN NE2  N N N 82  
GLN OXT  O N N 83  
GLN H    H N N 84  
GLN H2   H N N 85  
GLN HA   H N N 86  
GLN HB2  H N N 87  
GLN HB3  H N N 88  
GLN HG2  H N N 89  
GLN HG3  H N N 90  
GLN HE21 H N N 91  
GLN HE22 H N N 92  
GLN HXT  H N N 93  
GLU N    N N N 94  
GLU CA   C N S 95  
GLU C    C N N 96  
GLU O    O N N 97  
GLU CB   C N N 98  
GLU CG   C N N 99  
GLU CD   C N N 100 
GLU OE1  O N N 101 
GLU OE2  O N N 102 
GLU OXT  O N N 103 
GLU H    H N N 104 
GLU H2   H N N 105 
GLU HA   H N N 106 
GLU HB2  H N N 107 
GLU HB3  H N N 108 
GLU HG2  H N N 109 
GLU HG3  H N N 110 
GLU HE2  H N N 111 
GLU HXT  H N N 112 
GLY N    N N N 113 
GLY CA   C N N 114 
GLY C    C N N 115 
GLY O    O N N 116 
GLY OXT  O N N 117 
GLY H    H N N 118 
GLY H2   H N N 119 
GLY HA2  H N N 120 
GLY HA3  H N N 121 
GLY HXT  H N N 122 
HIS N    N N N 123 
HIS CA   C N S 124 
HIS C    C N N 125 
HIS O    O N N 126 
HIS CB   C N N 127 
HIS CG   C Y N 128 
HIS ND1  N Y N 129 
HIS CD2  C Y N 130 
HIS CE1  C Y N 131 
HIS NE2  N Y N 132 
HIS OXT  O N N 133 
HIS H    H N N 134 
HIS H2   H N N 135 
HIS HA   H N N 136 
HIS HB2  H N N 137 
HIS HB3  H N N 138 
HIS HD1  H N N 139 
HIS HD2  H N N 140 
HIS HE1  H N N 141 
HIS HE2  H N N 142 
HIS HXT  H N N 143 
HOH O    O N N 144 
HOH H1   H N N 145 
HOH H2   H N N 146 
ILE N    N N N 147 
ILE CA   C N S 148 
ILE C    C N N 149 
ILE O    O N N 150 
ILE CB   C N S 151 
ILE CG1  C N N 152 
ILE CG2  C N N 153 
ILE CD1  C N N 154 
ILE OXT  O N N 155 
ILE H    H N N 156 
ILE H2   H N N 157 
ILE HA   H N N 158 
ILE HB   H N N 159 
ILE HG12 H N N 160 
ILE HG13 H N N 161 
ILE HG21 H N N 162 
ILE HG22 H N N 163 
ILE HG23 H N N 164 
ILE HD11 H N N 165 
ILE HD12 H N N 166 
ILE HD13 H N N 167 
ILE HXT  H N N 168 
LEU N    N N N 169 
LEU CA   C N S 170 
LEU C    C N N 171 
LEU O    O N N 172 
LEU CB   C N N 173 
LEU CG   C N N 174 
LEU CD1  C N N 175 
LEU CD2  C N N 176 
LEU OXT  O N N 177 
LEU H    H N N 178 
LEU H2   H N N 179 
LEU HA   H N N 180 
LEU HB2  H N N 181 
LEU HB3  H N N 182 
LEU HG   H N N 183 
LEU HD11 H N N 184 
LEU HD12 H N N 185 
LEU HD13 H N N 186 
LEU HD21 H N N 187 
LEU HD22 H N N 188 
LEU HD23 H N N 189 
LEU HXT  H N N 190 
LYS N    N N N 191 
LYS CA   C N S 192 
LYS C    C N N 193 
LYS O    O N N 194 
LYS CB   C N N 195 
LYS CG   C N N 196 
LYS CD   C N N 197 
LYS CE   C N N 198 
LYS NZ   N N N 199 
LYS OXT  O N N 200 
LYS H    H N N 201 
LYS H2   H N N 202 
LYS HA   H N N 203 
LYS HB2  H N N 204 
LYS HB3  H N N 205 
LYS HG2  H N N 206 
LYS HG3  H N N 207 
LYS HD2  H N N 208 
LYS HD3  H N N 209 
LYS HE2  H N N 210 
LYS HE3  H N N 211 
LYS HZ1  H N N 212 
LYS HZ2  H N N 213 
LYS HZ3  H N N 214 
LYS HXT  H N N 215 
MET N    N N N 216 
MET CA   C N S 217 
MET C    C N N 218 
MET O    O N N 219 
MET CB   C N N 220 
MET CG   C N N 221 
MET SD   S N N 222 
MET CE   C N N 223 
MET OXT  O N N 224 
MET H    H N N 225 
MET H2   H N N 226 
MET HA   H N N 227 
MET HB2  H N N 228 
MET HB3  H N N 229 
MET HG2  H N N 230 
MET HG3  H N N 231 
MET HE1  H N N 232 
MET HE2  H N N 233 
MET HE3  H N N 234 
MET HXT  H N N 235 
PHE N    N N N 236 
PHE CA   C N S 237 
PHE C    C N N 238 
PHE O    O N N 239 
PHE CB   C N N 240 
PHE CG   C Y N 241 
PHE CD1  C Y N 242 
PHE CD2  C Y N 243 
PHE CE1  C Y N 244 
PHE CE2  C Y N 245 
PHE CZ   C Y N 246 
PHE OXT  O N N 247 
PHE H    H N N 248 
PHE H2   H N N 249 
PHE HA   H N N 250 
PHE HB2  H N N 251 
PHE HB3  H N N 252 
PHE HD1  H N N 253 
PHE HD2  H N N 254 
PHE HE1  H N N 255 
PHE HE2  H N N 256 
PHE HZ   H N N 257 
PHE HXT  H N N 258 
PRO N    N N N 259 
PRO CA   C N S 260 
PRO C    C N N 261 
PRO O    O N N 262 
PRO CB   C N N 263 
PRO CG   C N N 264 
PRO CD   C N N 265 
PRO OXT  O N N 266 
PRO H    H N N 267 
PRO HA   H N N 268 
PRO HB2  H N N 269 
PRO HB3  H N N 270 
PRO HG2  H N N 271 
PRO HG3  H N N 272 
PRO HD2  H N N 273 
PRO HD3  H N N 274 
PRO HXT  H N N 275 
SER N    N N N 276 
SER CA   C N S 277 
SER C    C N N 278 
SER O    O N N 279 
SER CB   C N N 280 
SER OG   O N N 281 
SER OXT  O N N 282 
SER H    H N N 283 
SER H2   H N N 284 
SER HA   H N N 285 
SER HB2  H N N 286 
SER HB3  H N N 287 
SER HG   H N N 288 
SER HXT  H N N 289 
THR N    N N N 290 
THR CA   C N S 291 
THR C    C N N 292 
THR O    O N N 293 
THR CB   C N R 294 
THR OG1  O N N 295 
THR CG2  C N N 296 
THR OXT  O N N 297 
THR H    H N N 298 
THR H2   H N N 299 
THR HA   H N N 300 
THR HB   H N N 301 
THR HG1  H N N 302 
THR HG21 H N N 303 
THR HG22 H N N 304 
THR HG23 H N N 305 
THR HXT  H N N 306 
TRP N    N N N 307 
TRP CA   C N S 308 
TRP C    C N N 309 
TRP O    O N N 310 
TRP CB   C N N 311 
TRP CG   C Y N 312 
TRP CD1  C Y N 313 
TRP CD2  C Y N 314 
TRP NE1  N Y N 315 
TRP CE2  C Y N 316 
TRP CE3  C Y N 317 
TRP CZ2  C Y N 318 
TRP CZ3  C Y N 319 
TRP CH2  C Y N 320 
TRP OXT  O N N 321 
TRP H    H N N 322 
TRP H2   H N N 323 
TRP HA   H N N 324 
TRP HB2  H N N 325 
TRP HB3  H N N 326 
TRP HD1  H N N 327 
TRP HE1  H N N 328 
TRP HE3  H N N 329 
TRP HZ2  H N N 330 
TRP HZ3  H N N 331 
TRP HH2  H N N 332 
TRP HXT  H N N 333 
TYR N    N N N 334 
TYR CA   C N S 335 
TYR C    C N N 336 
TYR O    O N N 337 
TYR CB   C N N 338 
TYR CG   C Y N 339 
TYR CD1  C Y N 340 
TYR CD2  C Y N 341 
TYR CE1  C Y N 342 
TYR CE2  C Y N 343 
TYR CZ   C Y N 344 
TYR OH   O N N 345 
TYR OXT  O N N 346 
TYR H    H N N 347 
TYR H2   H N N 348 
TYR HA   H N N 349 
TYR HB2  H N N 350 
TYR HB3  H N N 351 
TYR HD1  H N N 352 
TYR HD2  H N N 353 
TYR HE1  H N N 354 
TYR HE2  H N N 355 
TYR HH   H N N 356 
TYR HXT  H N N 357 
VAL N    N N N 358 
VAL CA   C N S 359 
VAL C    C N N 360 
VAL O    O N N 361 
VAL CB   C N N 362 
VAL CG1  C N N 363 
VAL CG2  C N N 364 
VAL OXT  O N N 365 
VAL H    H N N 366 
VAL H2   H N N 367 
VAL HA   H N N 368 
VAL HB   H N N 369 
VAL HG11 H N N 370 
VAL HG12 H N N 371 
VAL HG13 H N N 372 
VAL HG21 H N N 373 
VAL HG22 H N N 374 
VAL HG23 H N N 375 
VAL HXT  H N N 376 
# 
loop_
_chem_comp_bond.comp_id 
_chem_comp_bond.atom_id_1 
_chem_comp_bond.atom_id_2 
_chem_comp_bond.value_order 
_chem_comp_bond.pdbx_aromatic_flag 
_chem_comp_bond.pdbx_stereo_config 
_chem_comp_bond.pdbx_ordinal 
ALA N   CA   sing N N 1   
ALA N   H    sing N N 2   
ALA N   H2   sing N N 3   
ALA CA  C    sing N N 4   
ALA CA  CB   sing N N 5   
ALA CA  HA   sing N N 6   
ALA C   O    doub N N 7   
ALA C   OXT  sing N N 8   
ALA CB  HB1  sing N N 9   
ALA CB  HB2  sing N N 10  
ALA CB  HB3  sing N N 11  
ALA OXT HXT  sing N N 12  
ARG N   CA   sing N N 13  
ARG N   H    sing N N 14  
ARG N   H2   sing N N 15  
ARG CA  C    sing N N 16  
ARG CA  CB   sing N N 17  
ARG CA  HA   sing N N 18  
ARG C   O    doub N N 19  
ARG C   OXT  sing N N 20  
ARG CB  CG   sing N N 21  
ARG CB  HB2  sing N N 22  
ARG CB  HB3  sing N N 23  
ARG CG  CD   sing N N 24  
ARG CG  HG2  sing N N 25  
ARG CG  HG3  sing N N 26  
ARG CD  NE   sing N N 27  
ARG CD  HD2  sing N N 28  
ARG CD  HD3  sing N N 29  
ARG NE  CZ   sing N N 30  
ARG NE  HE   sing N N 31  
ARG CZ  NH1  sing N N 32  
ARG CZ  NH2  doub N N 33  
ARG NH1 HH11 sing N N 34  
ARG NH1 HH12 sing N N 35  
ARG NH2 HH21 sing N N 36  
ARG NH2 HH22 sing N N 37  
ARG OXT HXT  sing N N 38  
ASN N   CA   sing N N 39  
ASN N   H    sing N N 40  
ASN N   H2   sing N N 41  
ASN CA  C    sing N N 42  
ASN CA  CB   sing N N 43  
ASN CA  HA   sing N N 44  
ASN C   O    doub N N 45  
ASN C   OXT  sing N N 46  
ASN CB  CG   sing N N 47  
ASN CB  HB2  sing N N 48  
ASN CB  HB3  sing N N 49  
ASN CG  OD1  doub N N 50  
ASN CG  ND2  sing N N 51  
ASN ND2 HD21 sing N N 52  
ASN ND2 HD22 sing N N 53  
ASN OXT HXT  sing N N 54  
ASP N   CA   sing N N 55  
ASP N   H    sing N N 56  
ASP N   H2   sing N N 57  
ASP CA  C    sing N N 58  
ASP CA  CB   sing N N 59  
ASP CA  HA   sing N N 60  
ASP C   O    doub N N 61  
ASP C   OXT  sing N N 62  
ASP CB  CG   sing N N 63  
ASP CB  HB2  sing N N 64  
ASP CB  HB3  sing N N 65  
ASP CG  OD1  doub N N 66  
ASP CG  OD2  sing N N 67  
ASP OD2 HD2  sing N N 68  
ASP OXT HXT  sing N N 69  
GLN N   CA   sing N N 70  
GLN N   H    sing N N 71  
GLN N   H2   sing N N 72  
GLN CA  C    sing N N 73  
GLN CA  CB   sing N N 74  
GLN CA  HA   sing N N 75  
GLN C   O    doub N N 76  
GLN C   OXT  sing N N 77  
GLN CB  CG   sing N N 78  
GLN CB  HB2  sing N N 79  
GLN CB  HB3  sing N N 80  
GLN CG  CD   sing N N 81  
GLN CG  HG2  sing N N 82  
GLN CG  HG3  sing N N 83  
GLN CD  OE1  doub N N 84  
GLN CD  NE2  sing N N 85  
GLN NE2 HE21 sing N N 86  
GLN NE2 HE22 sing N N 87  
GLN OXT HXT  sing N N 88  
GLU N   CA   sing N N 89  
GLU N   H    sing N N 90  
GLU N   H2   sing N N 91  
GLU CA  C    sing N N 92  
GLU CA  CB   sing N N 93  
GLU CA  HA   sing N N 94  
GLU C   O    doub N N 95  
GLU C   OXT  sing N N 96  
GLU CB  CG   sing N N 97  
GLU CB  HB2  sing N N 98  
GLU CB  HB3  sing N N 99  
GLU CG  CD   sing N N 100 
GLU CG  HG2  sing N N 101 
GLU CG  HG3  sing N N 102 
GLU CD  OE1  doub N N 103 
GLU CD  OE2  sing N N 104 
GLU OE2 HE2  sing N N 105 
GLU OXT HXT  sing N N 106 
GLY N   CA   sing N N 107 
GLY N   H    sing N N 108 
GLY N   H2   sing N N 109 
GLY CA  C    sing N N 110 
GLY CA  HA2  sing N N 111 
GLY CA  HA3  sing N N 112 
GLY C   O    doub N N 113 
GLY C   OXT  sing N N 114 
GLY OXT HXT  sing N N 115 
HIS N   CA   sing N N 116 
HIS N   H    sing N N 117 
HIS N   H2   sing N N 118 
HIS CA  C    sing N N 119 
HIS CA  CB   sing N N 120 
HIS CA  HA   sing N N 121 
HIS C   O    doub N N 122 
HIS C   OXT  sing N N 123 
HIS CB  CG   sing N N 124 
HIS CB  HB2  sing N N 125 
HIS CB  HB3  sing N N 126 
HIS CG  ND1  sing Y N 127 
HIS CG  CD2  doub Y N 128 
HIS ND1 CE1  doub Y N 129 
HIS ND1 HD1  sing N N 130 
HIS CD2 NE2  sing Y N 131 
HIS CD2 HD2  sing N N 132 
HIS CE1 NE2  sing Y N 133 
HIS CE1 HE1  sing N N 134 
HIS NE2 HE2  sing N N 135 
HIS OXT HXT  sing N N 136 
HOH O   H1   sing N N 137 
HOH O   H2   sing N N 138 
ILE N   CA   sing N N 139 
ILE N   H    sing N N 140 
ILE N   H2   sing N N 141 
ILE CA  C    sing N N 142 
ILE CA  CB   sing N N 143 
ILE CA  HA   sing N N 144 
ILE C   O    doub N N 145 
ILE C   OXT  sing N N 146 
ILE CB  CG1  sing N N 147 
ILE CB  CG2  sing N N 148 
ILE CB  HB   sing N N 149 
ILE CG1 CD1  sing N N 150 
ILE CG1 HG12 sing N N 151 
ILE CG1 HG13 sing N N 152 
ILE CG2 HG21 sing N N 153 
ILE CG2 HG22 sing N N 154 
ILE CG2 HG23 sing N N 155 
ILE CD1 HD11 sing N N 156 
ILE CD1 HD12 sing N N 157 
ILE CD1 HD13 sing N N 158 
ILE OXT HXT  sing N N 159 
LEU N   CA   sing N N 160 
LEU N   H    sing N N 161 
LEU N   H2   sing N N 162 
LEU CA  C    sing N N 163 
LEU CA  CB   sing N N 164 
LEU CA  HA   sing N N 165 
LEU C   O    doub N N 166 
LEU C   OXT  sing N N 167 
LEU CB  CG   sing N N 168 
LEU CB  HB2  sing N N 169 
LEU CB  HB3  sing N N 170 
LEU CG  CD1  sing N N 171 
LEU CG  CD2  sing N N 172 
LEU CG  HG   sing N N 173 
LEU CD1 HD11 sing N N 174 
LEU CD1 HD12 sing N N 175 
LEU CD1 HD13 sing N N 176 
LEU CD2 HD21 sing N N 177 
LEU CD2 HD22 sing N N 178 
LEU CD2 HD23 sing N N 179 
LEU OXT HXT  sing N N 180 
LYS N   CA   sing N N 181 
LYS N   H    sing N N 182 
LYS N   H2   sing N N 183 
LYS CA  C    sing N N 184 
LYS CA  CB   sing N N 185 
LYS CA  HA   sing N N 186 
LYS C   O    doub N N 187 
LYS C   OXT  sing N N 188 
LYS CB  CG   sing N N 189 
LYS CB  HB2  sing N N 190 
LYS CB  HB3  sing N N 191 
LYS CG  CD   sing N N 192 
LYS CG  HG2  sing N N 193 
LYS CG  HG3  sing N N 194 
LYS CD  CE   sing N N 195 
LYS CD  HD2  sing N N 196 
LYS CD  HD3  sing N N 197 
LYS CE  NZ   sing N N 198 
LYS CE  HE2  sing N N 199 
LYS CE  HE3  sing N N 200 
LYS NZ  HZ1  sing N N 201 
LYS NZ  HZ2  sing N N 202 
LYS NZ  HZ3  sing N N 203 
LYS OXT HXT  sing N N 204 
MET N   CA   sing N N 205 
MET N   H    sing N N 206 
MET N   H2   sing N N 207 
MET CA  C    sing N N 208 
MET CA  CB   sing N N 209 
MET CA  HA   sing N N 210 
MET C   O    doub N N 211 
MET C   OXT  sing N N 212 
MET CB  CG   sing N N 213 
MET CB  HB2  sing N N 214 
MET CB  HB3  sing N N 215 
MET CG  SD   sing N N 216 
MET CG  HG2  sing N N 217 
MET CG  HG3  sing N N 218 
MET SD  CE   sing N N 219 
MET CE  HE1  sing N N 220 
MET CE  HE2  sing N N 221 
MET CE  HE3  sing N N 222 
MET OXT HXT  sing N N 223 
PHE N   CA   sing N N 224 
PHE N   H    sing N N 225 
PHE N   H2   sing N N 226 
PHE CA  C    sing N N 227 
PHE CA  CB   sing N N 228 
PHE CA  HA   sing N N 229 
PHE C   O    doub N N 230 
PHE C   OXT  sing N N 231 
PHE CB  CG   sing N N 232 
PHE CB  HB2  sing N N 233 
PHE CB  HB3  sing N N 234 
PHE CG  CD1  doub Y N 235 
PHE CG  CD2  sing Y N 236 
PHE CD1 CE1  sing Y N 237 
PHE CD1 HD1  sing N N 238 
PHE CD2 CE2  doub Y N 239 
PHE CD2 HD2  sing N N 240 
PHE CE1 CZ   doub Y N 241 
PHE CE1 HE1  sing N N 242 
PHE CE2 CZ   sing Y N 243 
PHE CE2 HE2  sing N N 244 
PHE CZ  HZ   sing N N 245 
PHE OXT HXT  sing N N 246 
PRO N   CA   sing N N 247 
PRO N   CD   sing N N 248 
PRO N   H    sing N N 249 
PRO CA  C    sing N N 250 
PRO CA  CB   sing N N 251 
PRO CA  HA   sing N N 252 
PRO C   O    doub N N 253 
PRO C   OXT  sing N N 254 
PRO CB  CG   sing N N 255 
PRO CB  HB2  sing N N 256 
PRO CB  HB3  sing N N 257 
PRO CG  CD   sing N N 258 
PRO CG  HG2  sing N N 259 
PRO CG  HG3  sing N N 260 
PRO CD  HD2  sing N N 261 
PRO CD  HD3  sing N N 262 
PRO OXT HXT  sing N N 263 
SER N   CA   sing N N 264 
SER N   H    sing N N 265 
SER N   H2   sing N N 266 
SER CA  C    sing N N 267 
SER CA  CB   sing N N 268 
SER CA  HA   sing N N 269 
SER C   O    doub N N 270 
SER C   OXT  sing N N 271 
SER CB  OG   sing N N 272 
SER CB  HB2  sing N N 273 
SER CB  HB3  sing N N 274 
SER OG  HG   sing N N 275 
SER OXT HXT  sing N N 276 
THR N   CA   sing N N 277 
THR N   H    sing N N 278 
THR N   H2   sing N N 279 
THR CA  C    sing N N 280 
THR CA  CB   sing N N 281 
THR CA  HA   sing N N 282 
THR C   O    doub N N 283 
THR C   OXT  sing N N 284 
THR CB  OG1  sing N N 285 
THR CB  CG2  sing N N 286 
THR CB  HB   sing N N 287 
THR OG1 HG1  sing N N 288 
THR CG2 HG21 sing N N 289 
THR CG2 HG22 sing N N 290 
THR CG2 HG23 sing N N 291 
THR OXT HXT  sing N N 292 
TRP N   CA   sing N N 293 
TRP N   H    sing N N 294 
TRP N   H2   sing N N 295 
TRP CA  C    sing N N 296 
TRP CA  CB   sing N N 297 
TRP CA  HA   sing N N 298 
TRP C   O    doub N N 299 
TRP C   OXT  sing N N 300 
TRP CB  CG   sing N N 301 
TRP CB  HB2  sing N N 302 
TRP CB  HB3  sing N N 303 
TRP CG  CD1  doub Y N 304 
TRP CG  CD2  sing Y N 305 
TRP CD1 NE1  sing Y N 306 
TRP CD1 HD1  sing N N 307 
TRP CD2 CE2  doub Y N 308 
TRP CD2 CE3  sing Y N 309 
TRP NE1 CE2  sing Y N 310 
TRP NE1 HE1  sing N N 311 
TRP CE2 CZ2  sing Y N 312 
TRP CE3 CZ3  doub Y N 313 
TRP CE3 HE3  sing N N 314 
TRP CZ2 CH2  doub Y N 315 
TRP CZ2 HZ2  sing N N 316 
TRP CZ3 CH2  sing Y N 317 
TRP CZ3 HZ3  sing N N 318 
TRP CH2 HH2  sing N N 319 
TRP OXT HXT  sing N N 320 
TYR N   CA   sing N N 321 
TYR N   H    sing N N 322 
TYR N   H2   sing N N 323 
TYR CA  C    sing N N 324 
TYR CA  CB   sing N N 325 
TYR CA  HA   sing N N 326 
TYR C   O    doub N N 327 
TYR C   OXT  sing N N 328 
TYR CB  CG   sing N N 329 
TYR CB  HB2  sing N N 330 
TYR CB  HB3  sing N N 331 
TYR CG  CD1  doub Y N 332 
TYR CG  CD2  sing Y N 333 
TYR CD1 CE1  sing Y N 334 
TYR CD1 HD1  sing N N 335 
TYR CD2 CE2  doub Y N 336 
TYR CD2 HD2  sing N N 337 
TYR CE1 CZ   doub Y N 338 
TYR CE1 HE1  sing N N 339 
TYR CE2 CZ   sing Y N 340 
TYR CE2 HE2  sing N N 341 
TYR CZ  OH   sing N N 342 
TYR OH  HH   sing N N 343 
TYR OXT HXT  sing N N 344 
VAL N   CA   sing N N 345 
VAL N   H    sing N N 346 
VAL N   H2   sing N N 347 
VAL CA  C    sing N N 348 
VAL CA  CB   sing N N 349 
VAL CA  HA   sing N N 350 
VAL C   O    doub N N 351 
VAL C   OXT  sing N N 352 
VAL CB  CG1  sing N N 353 
VAL CB  CG2  sing N N 354 
VAL CB  HB   sing N N 355 
VAL CG1 HG11 sing N N 356 
VAL CG1 HG12 sing N N 357 
VAL CG1 HG13 sing N N 358 
VAL CG2 HG21 sing N N 359 
VAL CG2 HG22 sing N N 360 
VAL CG2 HG23 sing N N 361 
VAL OXT HXT  sing N N 362 
# 
_pdbx_entity_nonpoly.entity_id   2 
_pdbx_entity_nonpoly.name        water 
_pdbx_entity_nonpoly.comp_id     HOH 
# 
_pdbx_initial_refinement_model.id               1 
_pdbx_initial_refinement_model.entity_id_list   ? 
_pdbx_initial_refinement_model.type             'experimental model' 
_pdbx_initial_refinement_model.source_name      PDB 
_pdbx_initial_refinement_model.accession_code   1KHC 
_pdbx_initial_refinement_model.details          'PDB entry 1KHC' 
# 
